data_5TJE
#
_entry.id   5TJE
#
_cell.length_a   61.174
_cell.length_b   66.943
_cell.length_c   525.391
_cell.angle_alpha   90.00
_cell.angle_beta   90.00
_cell.angle_gamma   90.00
#
_symmetry.space_group_name_H-M   'P 21 21 21'
#
loop_
_entity.id
_entity.type
_entity.pdbx_description
1 polymer 'H-2 class I histocompatibility antigen, D-B alpha chain'
2 polymer Beta-2-microglobulin
3 polymer 'ALPHA CHAIN OF MURINE T CELL RECEPTOR p14'
4 polymer 'BETA CHAIN OF MURINE T CELL RECEPTOR p14'
5 polymer 'Peptide gp33-41 from LCMV'
6 water water
#
loop_
_entity_poly.entity_id
_entity_poly.type
_entity_poly.pdbx_seq_one_letter_code
_entity_poly.pdbx_strand_id
1 'polypeptide(L)'
;GPHSMRYFETAVSRPGLEEPRYISVGYVDNKEFVRFDSDAENPRYEPRAPWMEQEGPEYWERETQKAKGQEQWFRVSLRN
LLGYYNQSAGGSHTLQQMSGCDLGSDWRLLRGYLQFAYEGRDYIALNEDLKTWTAADMAAQITRRKWEQSGAAEHYKAYL
EGECVEWLHRYLKNGNATLLRTDSPKAHVTHHPRSKGEVTLRCWALGFYPADITLTWQLNGEELTQDMELVETRPAGDGT
FQKWASVVVPLGKEQNYTCRVYHEGLPEPLTLRWEP
;
A,C
2 'polypeptide(L)'
;IQKTPQIQVYSRHPPENGKPNILNCYVTQFHPPHIEIQMLKNGKKIPKVEMSDMSFSKDWSFYILAHTEFTPTETDTYAC
RVKHDSMAEPKTVYWDRDM
;
B,D
3 'polypeptide(L)'
;QQKEKHDQQQVRQSPQSLTVWEGGTTVLTCSYEDSTFNYFPWYQQFPGEGPALLISILSVSDKKEDGRFTTFFNKREKKL
SLHIIDSQPGDSATYFCAALYGNEKITFGAGTKLTIKPNIQNPEPAVYQLKDPRSQDSTLCLFTDFDSQINVPKTMESGT
FITDKCVLDMKAMDSKSNGAIAWSNQTSFTCQDIFKETNATYPSS
;
G,E
4 'polypeptide(L)'
;AVTQSPRSKVAVTGGKVTLSCHQTNNHDYMYWYRQDTGHGLRLIHYSYVADSTEKGDIPDGYKASRPSQENFSLILELAS
LSQTAVYFCASSDAGGRNTLYFGAGTRLSVLEDLRNVTPPKVSLFEPSKAEIANKQKATLVCLARGFFPDHVELSWWVNG
KEVHSGVCTDPQAYKESNYSYSLSSRLRVSATFWHNPRNHFRCQVQFHGLSEEDKWPEGSPKPVTQNISAEAWGRADC
;
H,F
5 'polypeptide(L)' KAVYNFATM I,J
#
# COMPACT_ATOMS: atom_id res chain seq x y z
N PRO A 2 8.58 -0.40 1.01
CA PRO A 2 7.94 0.79 1.58
C PRO A 2 8.76 1.48 2.70
N HIS A 3 9.56 2.48 2.30
CA HIS A 3 10.46 3.28 3.18
C HIS A 3 10.18 4.79 3.14
N SER A 4 10.73 5.51 4.14
CA SER A 4 10.69 6.97 4.17
C SER A 4 11.84 7.57 4.97
N MET A 5 12.09 8.85 4.74
CA MET A 5 12.94 9.72 5.60
C MET A 5 12.15 11.02 5.80
N ARG A 6 12.35 11.70 6.91
CA ARG A 6 11.63 12.94 7.18
C ARG A 6 12.48 13.70 8.04
N TYR A 7 12.36 15.01 7.97
CA TYR A 7 13.01 15.90 8.91
C TYR A 7 11.90 16.81 9.45
N PHE A 8 11.70 16.79 10.76
CA PHE A 8 10.68 17.53 11.44
C PHE A 8 11.47 18.59 12.18
N GLU A 9 11.28 19.87 11.86
CA GLU A 9 12.02 20.95 12.54
C GLU A 9 11.01 21.94 13.12
N THR A 10 11.31 22.45 14.33
CA THR A 10 10.42 23.35 15.04
C THR A 10 11.15 24.57 15.53
N ALA A 11 10.48 25.70 15.45
CA ALA A 11 11.00 26.97 15.91
C ALA A 11 9.99 27.71 16.75
N VAL A 12 10.37 28.09 17.98
CA VAL A 12 9.47 28.80 18.89
C VAL A 12 10.02 30.13 19.36
N SER A 13 9.22 31.17 19.12
CA SER A 13 9.49 32.55 19.53
C SER A 13 9.53 32.63 21.08
N ARG A 14 10.28 33.59 21.61
CA ARG A 14 10.32 33.84 23.05
C ARG A 14 10.31 35.36 23.29
N PRO A 15 9.24 35.89 23.93
CA PRO A 15 9.25 37.31 24.25
C PRO A 15 10.27 37.49 25.37
N GLY A 16 11.04 38.57 25.30
CA GLY A 16 12.23 38.73 26.15
C GLY A 16 13.51 38.71 25.32
N LEU A 17 14.60 38.36 25.97
CA LEU A 17 15.93 38.46 25.40
C LEU A 17 16.38 37.28 24.55
N GLU A 18 16.20 36.06 25.04
CA GLU A 18 16.66 34.89 24.33
C GLU A 18 16.00 34.93 22.98
N GLU A 19 16.50 34.18 22.01
CA GLU A 19 15.91 34.22 20.68
C GLU A 19 15.04 33.02 20.43
N PRO A 20 14.36 33.00 19.20
CA PRO A 20 13.60 31.77 18.95
C PRO A 20 14.28 30.47 19.30
N ARG A 21 13.53 29.39 19.35
CA ARG A 21 14.11 28.10 19.58
C ARG A 21 14.02 27.24 18.37
N TYR A 22 15.14 26.68 17.97
CA TYR A 22 15.16 25.82 16.81
C TYR A 22 15.54 24.42 17.25
N ILE A 23 14.74 23.45 16.83
CA ILE A 23 14.99 22.04 17.16
C ILE A 23 14.72 21.26 15.91
N SER A 24 15.67 20.41 15.55
CA SER A 24 15.54 19.60 14.34
C SER A 24 15.90 18.17 14.67
N VAL A 25 15.03 17.29 14.25
CA VAL A 25 15.07 15.91 14.58
C VAL A 25 14.89 15.23 13.23
N GLY A 26 15.67 14.19 12.96
CA GLY A 26 15.50 13.39 11.74
C GLY A 26 15.02 11.97 12.02
N TYR A 27 14.03 11.51 11.27
CA TYR A 27 13.55 10.15 11.41
C TYR A 27 13.85 9.35 10.12
N VAL A 28 14.29 8.09 10.25
CA VAL A 28 14.35 7.14 9.13
C VAL A 28 13.42 5.97 9.40
N ASP A 29 12.54 5.70 8.44
CA ASP A 29 11.42 4.75 8.63
C ASP A 29 10.74 4.99 9.97
N ASN A 30 10.37 6.24 10.20
CA ASN A 30 9.80 6.69 11.46
C ASN A 30 10.62 6.48 12.73
N LYS A 31 11.91 6.19 12.65
CA LYS A 31 12.70 5.92 13.87
C LYS A 31 13.85 6.93 14.00
N GLU A 32 13.80 7.73 15.05
CA GLU A 32 14.71 8.84 15.20
C GLU A 32 16.16 8.40 15.07
N PHE A 33 16.89 9.10 14.21
CA PHE A 33 18.34 8.84 14.01
C PHE A 33 19.23 10.05 14.27
N VAL A 34 18.76 11.28 13.98
CA VAL A 34 19.52 12.51 14.29
C VAL A 34 18.65 13.59 14.94
N ARG A 35 19.34 14.50 15.66
CA ARG A 35 18.70 15.59 16.38
C ARG A 35 19.71 16.72 16.66
N PHE A 36 19.14 17.94 16.68
CA PHE A 36 19.85 19.20 16.89
C PHE A 36 18.95 20.22 17.60
N ASP A 37 19.44 20.76 18.71
CA ASP A 37 18.71 21.66 19.58
C ASP A 37 19.47 22.95 19.71
N SER A 38 18.83 24.09 19.43
CA SER A 38 19.35 25.45 19.78
C SER A 38 19.72 25.64 21.24
N ASP A 39 18.90 25.11 22.14
CA ASP A 39 19.07 25.33 23.57
C ASP A 39 20.19 24.50 24.19
N ALA A 40 20.80 23.59 23.46
CA ALA A 40 22.01 22.95 23.97
C ALA A 40 23.14 23.97 24.13
N GLU A 41 24.17 23.53 24.86
CA GLU A 41 25.32 24.36 25.28
C GLU A 41 26.33 24.44 24.18
N ASN A 42 26.53 23.29 23.54
CA ASN A 42 27.35 23.21 22.34
C ASN A 42 26.44 22.63 21.24
N PRO A 43 25.46 23.43 20.79
CA PRO A 43 24.46 22.95 19.88
C PRO A 43 25.13 22.40 18.65
N ARG A 44 25.06 21.07 18.48
CA ARG A 44 25.28 20.42 17.18
C ARG A 44 24.30 19.30 16.89
N TYR A 45 24.14 18.95 15.62
CA TYR A 45 23.48 17.69 15.24
C TYR A 45 24.21 16.54 15.97
N GLU A 46 23.40 15.70 16.59
CA GLU A 46 23.87 14.55 17.34
C GLU A 46 23.11 13.33 16.83
N PRO A 47 23.77 12.20 16.69
CA PRO A 47 23.05 10.97 16.40
C PRO A 47 22.23 10.47 17.56
N ARG A 48 21.24 9.63 17.28
CA ARG A 48 20.34 9.05 18.27
C ARG A 48 20.19 7.54 18.24
N ALA A 49 20.46 6.91 17.11
CA ALA A 49 20.65 5.46 17.06
C ALA A 49 22.15 5.14 17.06
N PRO A 50 22.57 4.05 17.74
CA PRO A 50 24.01 3.67 17.73
C PRO A 50 24.64 3.43 16.31
N TRP A 51 23.80 3.15 15.30
CA TRP A 51 24.28 2.97 13.92
C TRP A 51 24.71 4.24 13.19
N MET A 52 24.44 5.40 13.76
CA MET A 52 24.92 6.64 13.15
C MET A 52 26.25 7.02 13.72
N GLU A 53 26.84 6.18 14.57
CA GLU A 53 28.16 6.51 15.13
C GLU A 53 29.24 6.52 14.03
N GLN A 54 28.97 5.79 12.94
CA GLN A 54 29.86 5.71 11.76
C GLN A 54 30.35 7.04 11.18
N GLU A 55 29.44 7.98 10.92
CA GLU A 55 29.71 9.13 10.04
C GLU A 55 30.82 10.03 10.59
N GLY A 56 31.71 10.45 9.70
CA GLY A 56 32.93 11.16 10.07
C GLY A 56 32.73 12.62 10.43
N PRO A 57 33.65 13.22 11.22
CA PRO A 57 33.43 14.51 11.86
C PRO A 57 33.02 15.62 10.92
N GLU A 58 33.38 15.48 9.64
CA GLU A 58 32.88 16.41 8.65
C GLU A 58 31.35 16.36 8.55
N TYR A 59 30.76 15.16 8.53
CA TYR A 59 29.27 15.00 8.51
C TYR A 59 28.62 15.89 9.54
N TRP A 60 29.08 15.75 10.77
CA TRP A 60 28.53 16.53 11.89
C TRP A 60 28.72 18.01 11.65
N GLU A 61 29.98 18.43 11.52
CA GLU A 61 30.32 19.81 11.20
C GLU A 61 29.43 20.42 10.10
N ARG A 62 29.28 19.74 8.95
CA ARG A 62 28.57 20.30 7.78
C ARG A 62 27.06 20.43 7.98
N GLU A 63 26.46 19.44 8.66
CA GLU A 63 25.02 19.47 9.00
C GLU A 63 24.73 20.47 10.13
N THR A 64 25.62 20.51 11.11
CA THR A 64 25.60 21.55 12.13
C THR A 64 25.55 22.98 11.52
N GLN A 65 26.60 23.36 10.82
CA GLN A 65 26.63 24.64 10.16
C GLN A 65 25.44 24.82 9.26
N LYS A 66 24.97 23.74 8.63
CA LYS A 66 23.76 23.80 7.80
C LYS A 66 22.61 24.25 8.66
N ALA A 67 22.48 23.62 9.82
CA ALA A 67 21.33 23.84 10.68
C ALA A 67 21.36 25.21 11.38
N LYS A 68 22.52 25.69 11.77
CA LYS A 68 22.62 27.09 12.15
C LYS A 68 22.08 28.01 11.01
N GLY A 69 22.39 27.64 9.77
CA GLY A 69 21.75 28.23 8.59
C GLY A 69 20.25 28.23 8.74
N GLN A 70 19.68 27.07 9.06
CA GLN A 70 18.23 26.91 9.28
C GLN A 70 17.69 27.68 10.50
N GLU A 71 18.40 27.64 11.62
CA GLU A 71 17.99 28.40 12.77
C GLU A 71 17.61 29.82 12.40
N GLN A 72 18.52 30.47 11.67
CA GLN A 72 18.34 31.87 11.29
C GLN A 72 17.26 31.95 10.29
N TRP A 73 17.23 31.03 9.32
CA TRP A 73 16.18 31.08 8.31
C TRP A 73 14.85 31.13 9.02
N PHE A 74 14.72 30.28 10.05
CA PHE A 74 13.52 30.23 10.91
C PHE A 74 13.29 31.54 11.68
N ARG A 75 14.32 32.05 12.40
CA ARG A 75 14.21 33.34 13.14
C ARG A 75 13.47 34.38 12.28
N VAL A 76 13.99 34.58 11.08
CA VAL A 76 13.56 35.64 10.18
C VAL A 76 12.13 35.38 9.75
N SER A 77 11.88 34.18 9.23
CA SER A 77 10.55 33.72 8.77
C SER A 77 9.39 33.92 9.78
N LEU A 78 9.70 33.88 11.09
CA LEU A 78 8.73 34.12 12.15
C LEU A 78 8.36 35.57 12.16
N ARG A 79 9.37 36.42 12.25
CA ARG A 79 9.18 37.90 12.22
C ARG A 79 8.41 38.42 11.00
N ASN A 80 8.72 37.89 9.83
CA ASN A 80 7.94 38.15 8.62
C ASN A 80 6.45 37.87 8.82
N LEU A 81 6.18 36.71 9.36
CA LEU A 81 4.82 36.33 9.68
C LEU A 81 4.14 37.17 10.81
N LEU A 82 4.90 37.78 11.75
CA LEU A 82 4.27 38.78 12.64
C LEU A 82 3.69 39.95 11.85
N GLY A 83 4.47 40.46 10.89
CA GLY A 83 3.99 41.52 10.01
C GLY A 83 2.77 41.24 9.12
N TYR A 84 2.69 40.00 8.61
CA TYR A 84 1.69 39.61 7.62
C TYR A 84 0.36 39.55 8.30
N TYR A 85 0.35 39.01 9.51
CA TYR A 85 -0.86 38.94 10.32
C TYR A 85 -1.07 40.05 11.33
N ASN A 86 -0.05 40.88 11.55
CA ASN A 86 -0.15 42.10 12.38
C ASN A 86 -0.42 41.72 13.83
N GLN A 87 0.60 41.10 14.38
CA GLN A 87 0.57 40.65 15.74
C GLN A 87 1.46 41.56 16.61
N SER A 88 1.07 41.69 17.88
CA SER A 88 1.79 42.50 18.82
C SER A 88 3.10 41.84 19.32
N ALA A 89 3.84 42.60 20.12
CA ALA A 89 5.25 42.30 20.41
C ALA A 89 5.39 41.23 21.46
N GLY A 90 4.45 41.20 22.40
CA GLY A 90 4.48 40.20 23.46
C GLY A 90 3.82 38.97 22.89
N GLY A 91 4.57 37.89 22.77
CA GLY A 91 4.01 36.71 22.17
C GLY A 91 4.97 35.56 22.12
N SER A 92 4.41 34.40 21.88
CA SER A 92 5.17 33.23 21.60
C SER A 92 4.51 32.64 20.38
N HIS A 93 5.30 32.09 19.46
CA HIS A 93 4.76 31.63 18.17
C HIS A 93 5.55 30.43 17.70
N THR A 94 4.83 29.53 17.06
CA THR A 94 5.37 28.26 16.67
C THR A 94 5.40 28.19 15.15
N LEU A 95 6.63 28.05 14.63
CA LEU A 95 6.85 27.64 13.25
C LEU A 95 7.43 26.23 13.21
N GLN A 96 6.81 25.39 12.35
CA GLN A 96 7.23 24.01 12.14
C GLN A 96 7.15 23.60 10.69
N GLN A 97 8.01 22.61 10.38
CA GLN A 97 8.24 22.12 9.04
C GLN A 97 8.56 20.65 9.05
N MET A 98 7.79 19.88 8.27
CA MET A 98 8.10 18.48 7.95
C MET A 98 8.55 18.43 6.51
N SER A 99 9.58 17.63 6.23
CA SER A 99 10.06 17.45 4.83
C SER A 99 10.79 16.15 4.59
N GLY A 100 10.47 15.50 3.46
CA GLY A 100 10.96 14.17 3.18
C GLY A 100 10.56 13.52 1.88
N CYS A 101 10.88 12.21 1.84
CA CYS A 101 10.89 11.37 0.64
C CYS A 101 10.54 9.97 1.06
N ASP A 102 9.42 9.46 0.58
CA ASP A 102 9.12 8.02 0.64
C ASP A 102 9.66 7.29 -0.59
N LEU A 103 10.18 6.08 -0.38
CA LEU A 103 10.79 5.26 -1.44
C LEU A 103 10.00 4.01 -1.80
N GLY A 104 9.88 3.69 -3.09
CA GLY A 104 9.41 2.36 -3.51
C GLY A 104 10.48 1.34 -3.21
N SER A 105 10.22 0.06 -3.49
CA SER A 105 11.27 -0.94 -3.24
C SER A 105 12.38 -0.91 -4.32
N ASP A 106 11.95 -0.82 -5.58
CA ASP A 106 12.80 -0.25 -6.62
C ASP A 106 13.24 1.06 -6.01
N TRP A 107 14.53 1.32 -5.92
CA TRP A 107 14.97 2.38 -5.03
C TRP A 107 14.63 3.82 -5.53
N ARG A 108 13.33 4.12 -5.59
CA ARG A 108 12.78 5.05 -6.55
C ARG A 108 11.79 6.00 -5.87
N LEU A 109 11.88 7.30 -6.13
CA LEU A 109 11.08 8.26 -5.38
C LEU A 109 9.58 8.14 -5.66
N LEU A 110 8.84 7.80 -4.62
CA LEU A 110 7.42 7.51 -4.74
C LEU A 110 6.52 8.76 -4.37
N ARG A 111 6.95 9.49 -3.36
CA ARG A 111 6.39 10.81 -3.13
C ARG A 111 7.36 11.62 -2.28
N GLY A 112 7.33 12.95 -2.47
CA GLY A 112 8.14 13.89 -1.68
C GLY A 112 7.23 14.78 -0.86
N TYR A 113 7.77 15.21 0.28
CA TYR A 113 7.01 16.00 1.23
C TYR A 113 7.86 17.15 1.60
N LEU A 114 7.24 18.32 1.60
CA LEU A 114 7.80 19.52 2.16
C LEU A 114 6.66 20.51 2.47
N GLN A 115 6.51 20.83 3.75
CA GLN A 115 5.41 21.70 4.17
C GLN A 115 5.70 22.39 5.48
N PHE A 116 4.92 23.41 5.76
CA PHE A 116 5.13 24.24 6.95
C PHE A 116 3.81 24.55 7.61
N ALA A 117 3.89 24.97 8.86
CA ALA A 117 2.70 25.34 9.59
C ALA A 117 3.03 26.29 10.70
N TYR A 118 2.06 27.15 10.99
CA TYR A 118 2.28 28.33 11.82
C TYR A 118 1.15 28.44 12.78
N GLU A 119 1.50 28.28 14.06
CA GLU A 119 0.52 28.10 15.11
C GLU A 119 -0.26 26.82 14.83
N GLY A 120 0.45 25.74 14.50
CA GLY A 120 -0.20 24.48 14.20
C GLY A 120 -1.39 24.69 13.28
N ARG A 121 -1.20 25.43 12.19
CA ARG A 121 -2.17 25.46 11.12
C ARG A 121 -1.37 25.35 9.85
N ASP A 122 -1.94 24.61 8.89
CA ASP A 122 -1.37 24.45 7.54
C ASP A 122 -1.17 25.84 6.91
N TYR A 123 0.07 26.22 6.71
CA TYR A 123 0.35 27.50 6.09
C TYR A 123 0.44 27.32 4.56
N ILE A 124 1.48 26.58 4.19
CA ILE A 124 1.90 26.41 2.81
C ILE A 124 2.48 25.01 2.66
N ALA A 125 2.32 24.45 1.48
CA ALA A 125 2.89 23.14 1.20
C ALA A 125 3.05 22.90 -0.28
N LEU A 126 4.19 22.30 -0.65
CA LEU A 126 4.53 21.96 -2.01
C LEU A 126 3.65 20.84 -2.46
N ASN A 127 2.91 21.04 -3.53
CA ASN A 127 2.06 19.98 -4.01
C ASN A 127 2.89 18.83 -4.51
N GLU A 128 2.18 17.76 -4.85
CA GLU A 128 2.77 16.47 -5.18
C GLU A 128 3.70 16.58 -6.37
N ASP A 129 3.29 17.41 -7.33
CA ASP A 129 4.10 17.66 -8.53
C ASP A 129 5.52 18.18 -8.25
N LEU A 130 5.67 18.96 -7.20
CA LEU A 130 6.95 19.64 -6.87
C LEU A 130 7.28 20.82 -7.78
N LYS A 131 6.27 21.28 -8.51
CA LYS A 131 6.34 22.49 -9.29
C LYS A 131 5.28 23.47 -8.82
N THR A 132 4.36 23.04 -7.95
CA THR A 132 3.26 23.91 -7.55
C THR A 132 3.00 23.85 -6.04
N TRP A 133 2.80 25.02 -5.41
CA TRP A 133 2.48 25.12 -3.97
C TRP A 133 0.97 25.18 -3.77
N THR A 134 0.56 24.88 -2.53
CA THR A 134 -0.78 25.20 -1.98
C THR A 134 -0.54 26.07 -0.76
N ALA A 135 -1.40 27.09 -0.60
CA ALA A 135 -1.26 28.18 0.39
C ALA A 135 -2.60 28.39 1.04
N ALA A 136 -2.63 28.34 2.38
CA ALA A 136 -3.89 28.42 3.15
C ALA A 136 -4.69 29.73 3.34
N ASP A 137 -4.14 30.67 4.09
CA ASP A 137 -4.80 31.96 4.29
C ASP A 137 -4.10 33.02 3.45
N MET A 138 -4.67 34.21 3.39
CA MET A 138 -4.10 35.31 2.56
C MET A 138 -2.57 35.54 2.75
N ALA A 139 -2.06 35.25 3.94
CA ALA A 139 -0.66 35.52 4.22
C ALA A 139 0.22 34.57 3.47
N ALA A 140 -0.20 33.31 3.42
CA ALA A 140 0.50 32.29 2.63
C ALA A 140 0.54 32.67 1.17
N GLN A 141 -0.51 33.35 0.70
CA GLN A 141 -0.56 33.75 -0.69
C GLN A 141 0.47 34.82 -1.02
N ILE A 142 1.01 35.51 -0.01
CA ILE A 142 2.16 36.38 -0.22
C ILE A 142 3.43 35.55 -0.32
N THR A 143 3.58 34.57 0.53
CA THR A 143 4.81 33.76 0.54
C THR A 143 4.96 32.86 -0.69
N ARG A 144 3.83 32.43 -1.23
CA ARG A 144 3.79 31.74 -2.51
C ARG A 144 4.33 32.72 -3.54
N ARG A 145 3.77 33.93 -3.52
CA ARG A 145 4.23 35.02 -4.36
C ARG A 145 5.75 35.12 -4.34
N LYS A 146 6.30 35.32 -3.16
CA LYS A 146 7.73 35.51 -3.00
C LYS A 146 8.48 34.32 -3.50
N TRP A 147 8.00 33.11 -3.22
CA TRP A 147 8.73 31.87 -3.60
C TRP A 147 8.51 31.44 -5.04
N GLU A 148 7.39 31.81 -5.63
CA GLU A 148 7.20 31.64 -7.06
C GLU A 148 8.11 32.61 -7.83
N GLN A 149 8.40 33.78 -7.26
CA GLN A 149 9.34 34.73 -7.85
C GLN A 149 10.77 34.26 -7.77
N SER A 150 11.14 33.60 -6.67
CA SER A 150 12.54 33.21 -6.47
C SER A 150 12.82 31.78 -6.89
N GLY A 151 11.85 31.15 -7.57
CA GLY A 151 12.02 29.79 -8.07
C GLY A 151 12.50 28.84 -7.00
N ALA A 152 11.73 28.77 -5.90
CA ALA A 152 12.07 27.95 -4.71
C ALA A 152 11.82 26.49 -4.97
N ALA A 153 10.68 26.22 -5.64
CA ALA A 153 10.24 24.86 -6.04
C ALA A 153 11.38 24.04 -6.58
N GLU A 154 12.06 24.59 -7.59
CA GLU A 154 13.21 23.92 -8.23
C GLU A 154 14.28 23.41 -7.25
N HIS A 155 14.61 24.25 -6.29
CA HIS A 155 15.69 23.92 -5.37
C HIS A 155 15.32 22.86 -4.30
N TYR A 156 14.07 22.89 -3.81
CA TYR A 156 13.59 21.83 -2.90
C TYR A 156 13.61 20.53 -3.69
N LYS A 157 12.83 20.52 -4.77
CA LYS A 157 12.81 19.43 -5.76
C LYS A 157 14.18 18.76 -5.93
N ALA A 158 15.23 19.56 -6.05
CA ALA A 158 16.59 19.03 -6.29
C ALA A 158 17.17 18.36 -5.08
N TYR A 159 16.65 18.71 -3.91
CA TYR A 159 17.01 18.00 -2.69
C TYR A 159 16.23 16.72 -2.50
N LEU A 160 14.90 16.78 -2.70
CA LEU A 160 13.97 15.65 -2.49
C LEU A 160 14.27 14.50 -3.40
N GLU A 161 14.38 14.79 -4.69
CA GLU A 161 14.69 13.75 -5.68
C GLU A 161 16.17 13.47 -5.55
N GLY A 162 16.96 14.54 -5.59
CA GLY A 162 18.40 14.40 -5.65
C GLY A 162 18.93 13.84 -4.38
N GLU A 163 19.12 14.73 -3.41
CA GLU A 163 19.98 14.40 -2.28
C GLU A 163 19.27 13.53 -1.26
N CYS A 164 18.00 13.75 -1.04
CA CYS A 164 17.39 13.01 0.04
C CYS A 164 17.47 11.51 -0.21
N VAL A 165 16.94 11.10 -1.37
CA VAL A 165 16.90 9.69 -1.80
C VAL A 165 18.25 9.00 -1.71
N GLU A 166 19.29 9.68 -2.19
CA GLU A 166 20.67 9.18 -2.10
C GLU A 166 21.09 8.77 -0.69
N TRP A 167 20.74 9.64 0.27
CA TRP A 167 21.15 9.49 1.66
C TRP A 167 20.32 8.50 2.41
N LEU A 168 19.03 8.41 2.08
CA LEU A 168 18.22 7.33 2.61
C LEU A 168 18.86 5.94 2.31
N HIS A 169 19.34 5.69 1.09
CA HIS A 169 20.06 4.42 0.79
C HIS A 169 21.21 4.24 1.68
N ARG A 170 22.06 5.25 1.72
CA ARG A 170 23.31 5.23 2.50
C ARG A 170 23.11 4.88 3.98
N TYR A 171 22.07 5.47 4.55
CA TYR A 171 21.69 5.20 5.94
C TYR A 171 21.24 3.75 6.14
N LEU A 172 20.30 3.31 5.30
CA LEU A 172 19.74 1.96 5.37
C LEU A 172 20.87 0.89 5.43
N LYS A 173 21.80 0.97 4.48
CA LYS A 173 22.85 -0.08 4.38
C LYS A 173 23.77 0.02 5.58
N ASN A 174 24.08 1.27 5.94
CA ASN A 174 24.93 1.60 7.10
C ASN A 174 24.38 1.06 8.42
N GLY A 175 23.07 1.18 8.61
CA GLY A 175 22.39 0.71 9.82
C GLY A 175 21.42 -0.40 9.54
N ASN A 176 21.98 -1.62 9.42
CA ASN A 176 21.19 -2.80 9.03
C ASN A 176 20.78 -3.73 10.20
N ALA A 177 21.69 -4.00 11.13
CA ALA A 177 21.38 -4.87 12.28
C ALA A 177 20.42 -4.25 13.34
N THR A 178 20.07 -2.96 13.18
CA THR A 178 19.01 -2.26 13.96
C THR A 178 17.67 -2.17 13.23
N LEU A 179 17.71 -2.20 11.90
CA LEU A 179 16.48 -2.21 11.07
C LEU A 179 15.82 -3.61 11.05
N LEU A 180 16.59 -4.67 11.29
CA LEU A 180 16.03 -6.02 11.52
C LEU A 180 15.13 -6.09 12.76
N ARG A 181 15.54 -5.41 13.82
CA ARG A 181 15.01 -5.67 15.15
C ARG A 181 13.51 -5.49 15.23
N THR A 182 12.86 -6.49 15.80
CA THR A 182 11.50 -6.35 16.31
C THR A 182 11.41 -7.23 17.57
N ASP A 183 10.47 -6.87 18.46
CA ASP A 183 10.12 -7.65 19.67
C ASP A 183 8.66 -8.12 19.63
N SER A 184 8.48 -9.42 19.69
CA SER A 184 7.16 -9.99 19.69
C SER A 184 6.50 -9.49 20.97
N PRO A 185 5.20 -9.21 20.95
CA PRO A 185 4.46 -8.90 22.15
C PRO A 185 4.15 -10.13 22.96
N LYS A 186 4.14 -9.99 24.28
CA LYS A 186 3.51 -10.98 25.18
C LYS A 186 2.23 -10.39 25.68
N ALA A 187 1.29 -11.27 26.06
CA ALA A 187 -0.10 -10.84 26.30
C ALA A 187 -0.97 -11.70 27.26
N HIS A 188 -1.68 -11.07 28.20
CA HIS A 188 -2.55 -11.80 29.14
C HIS A 188 -3.88 -11.12 29.33
N VAL A 189 -4.79 -11.84 29.93
CA VAL A 189 -6.15 -11.36 30.07
C VAL A 189 -6.43 -11.22 31.56
N THR A 190 -7.22 -10.19 31.89
CA THR A 190 -7.51 -9.85 33.28
C THR A 190 -9.03 -9.65 33.46
N HIS A 191 -9.49 -9.88 34.70
CA HIS A 191 -10.91 -10.07 35.05
C HIS A 191 -11.35 -9.15 36.19
N HIS A 192 -12.00 -8.04 35.85
CA HIS A 192 -12.22 -6.94 36.80
C HIS A 192 -13.71 -6.66 36.98
N PRO A 193 -14.35 -7.22 38.05
CA PRO A 193 -15.84 -7.24 38.14
C PRO A 193 -16.53 -5.88 38.20
N ARG A 194 -16.74 -5.28 37.03
CA ARG A 194 -17.13 -3.87 36.89
C ARG A 194 -18.48 -3.49 37.51
N SER A 195 -19.51 -4.29 37.25
CA SER A 195 -20.87 -3.99 37.71
C SER A 195 -21.47 -5.14 38.54
N LYS A 196 -22.64 -4.90 39.14
CA LYS A 196 -23.48 -6.01 39.63
C LYS A 196 -24.18 -6.64 38.42
N GLY A 197 -23.74 -7.84 38.02
CA GLY A 197 -24.26 -8.55 36.82
C GLY A 197 -23.23 -8.83 35.72
N GLU A 198 -22.32 -7.87 35.49
CA GLU A 198 -21.33 -7.86 34.38
C GLU A 198 -19.87 -7.71 34.85
N VAL A 199 -18.91 -8.24 34.08
CA VAL A 199 -17.46 -8.08 34.39
C VAL A 199 -16.74 -7.35 33.25
N THR A 200 -15.43 -7.17 33.40
CA THR A 200 -14.61 -6.53 32.38
C THR A 200 -13.33 -7.31 32.17
N LEU A 201 -13.25 -7.93 31.01
CA LEU A 201 -12.06 -8.63 30.59
C LEU A 201 -11.22 -7.64 29.76
N ARG A 202 -9.90 -7.85 29.75
CA ARG A 202 -8.95 -6.89 29.19
C ARG A 202 -7.71 -7.54 28.57
N CYS A 203 -7.48 -7.25 27.31
CA CYS A 203 -6.43 -7.93 26.57
C CYS A 203 -5.21 -7.04 26.58
N TRP A 204 -4.19 -7.45 27.31
CA TRP A 204 -2.99 -6.65 27.57
C TRP A 204 -1.88 -7.07 26.65
N ALA A 205 -1.31 -6.15 25.88
CA ALA A 205 -0.22 -6.49 24.98
C ALA A 205 0.97 -5.70 25.45
N LEU A 206 2.09 -6.40 25.63
CA LEU A 206 3.23 -5.81 26.29
C LEU A 206 4.55 -6.21 25.71
N GLY A 207 5.42 -5.22 25.64
CA GLY A 207 6.84 -5.43 25.40
C GLY A 207 7.17 -5.61 23.95
N PHE A 208 6.43 -4.94 23.05
CA PHE A 208 6.57 -5.15 21.58
C PHE A 208 7.07 -3.97 20.77
N TYR A 209 7.87 -4.23 19.76
CA TYR A 209 8.34 -3.21 18.83
C TYR A 209 8.35 -3.86 17.47
N PRO A 210 7.87 -3.23 16.38
CA PRO A 210 7.50 -1.83 16.28
C PRO A 210 6.11 -1.48 16.80
N ALA A 211 5.72 -0.23 16.60
CA ALA A 211 4.56 0.36 17.27
C ALA A 211 3.17 -0.23 16.94
N ASP A 212 2.98 -0.57 15.66
CA ASP A 212 1.64 -0.85 15.14
C ASP A 212 1.23 -2.19 15.64
N ILE A 213 -0.07 -2.34 15.90
CA ILE A 213 -0.61 -3.59 16.46
C ILE A 213 -2.13 -3.59 16.35
N THR A 214 -2.73 -4.77 16.37
CA THR A 214 -4.20 -4.90 16.39
C THR A 214 -4.72 -5.82 17.52
N LEU A 215 -5.74 -5.34 18.24
CA LEU A 215 -6.41 -6.12 19.26
C LEU A 215 -7.89 -6.30 18.90
N THR A 216 -8.39 -7.54 18.91
CA THR A 216 -9.77 -7.82 18.53
C THR A 216 -10.48 -8.80 19.46
N TRP A 217 -11.47 -8.31 20.17
CA TRP A 217 -12.31 -9.16 20.99
C TRP A 217 -13.43 -9.65 20.12
N GLN A 218 -13.53 -10.97 20.06
CA GLN A 218 -14.59 -11.68 19.30
C GLN A 218 -15.43 -12.56 20.23
N LEU A 219 -16.70 -12.69 19.87
CA LEU A 219 -17.68 -13.51 20.57
C LEU A 219 -18.26 -14.53 19.58
N ASN A 220 -17.73 -15.75 19.65
CA ASN A 220 -18.16 -16.84 18.78
C ASN A 220 -17.99 -16.44 17.33
N GLY A 221 -16.72 -16.25 16.94
CA GLY A 221 -16.34 -15.89 15.58
C GLY A 221 -16.79 -14.52 15.11
N GLU A 222 -17.13 -13.62 16.03
CA GLU A 222 -17.74 -12.29 15.69
C GLU A 222 -17.06 -11.15 16.46
N GLU A 223 -16.70 -10.08 15.76
CA GLU A 223 -15.99 -8.95 16.36
C GLU A 223 -17.01 -8.05 17.02
N LEU A 224 -16.60 -7.30 18.04
CA LEU A 224 -17.50 -6.39 18.75
C LEU A 224 -17.01 -4.94 18.74
N THR A 225 -16.28 -4.56 17.71
CA THR A 225 -15.54 -3.29 17.68
C THR A 225 -16.33 -2.08 18.22
N GLN A 226 -17.63 -2.03 17.93
CA GLN A 226 -18.50 -0.94 18.36
C GLN A 226 -18.72 -0.85 19.86
N ASP A 227 -18.58 -1.98 20.56
CA ASP A 227 -18.81 -2.07 22.01
C ASP A 227 -17.58 -1.96 22.88
N MET A 228 -16.43 -2.45 22.39
CA MET A 228 -15.21 -2.48 23.23
C MET A 228 -14.54 -1.11 23.51
N GLU A 229 -13.74 -1.10 24.57
CA GLU A 229 -12.93 0.04 24.91
C GLU A 229 -11.51 -0.30 24.59
N LEU A 230 -10.79 0.71 24.09
CA LEU A 230 -9.48 0.55 23.47
C LEU A 230 -8.63 1.79 23.75
N VAL A 231 -7.35 1.60 24.10
CA VAL A 231 -6.48 2.73 24.47
C VAL A 231 -5.33 2.86 23.45
N GLU A 232 -5.12 4.07 22.92
CA GLU A 232 -4.09 4.28 21.88
C GLU A 232 -2.75 3.85 22.42
N THR A 233 -1.96 3.20 21.58
CA THR A 233 -0.75 2.52 22.03
C THR A 233 0.12 3.52 22.79
N ARG A 234 0.98 3.03 23.65
CA ARG A 234 1.78 3.93 24.42
C ARG A 234 3.13 3.32 24.48
N PRO A 235 4.17 4.09 24.89
CA PRO A 235 5.51 3.58 25.13
C PRO A 235 5.80 3.26 26.60
N ALA A 236 6.34 2.08 26.84
CA ALA A 236 6.82 1.69 28.16
C ALA A 236 8.04 2.48 28.64
N GLY A 237 9.01 2.66 27.76
CA GLY A 237 10.20 3.47 28.09
C GLY A 237 11.47 2.77 27.75
N ASP A 238 11.50 1.44 27.92
CA ASP A 238 12.62 0.57 27.44
C ASP A 238 12.86 0.60 25.92
N GLY A 239 11.93 1.17 25.17
CA GLY A 239 11.92 1.17 23.71
C GLY A 239 10.78 0.30 23.21
N THR A 240 10.21 -0.49 24.11
CA THR A 240 9.07 -1.33 23.77
C THR A 240 7.84 -0.45 23.85
N PHE A 241 6.68 -1.03 23.56
CA PHE A 241 5.41 -0.33 23.62
C PHE A 241 4.47 -1.16 24.47
N GLN A 242 3.19 -0.74 24.54
CA GLN A 242 2.11 -1.52 25.16
C GLN A 242 0.74 -0.93 24.84
N LYS A 243 -0.28 -1.79 24.91
CA LYS A 243 -1.67 -1.45 24.55
C LYS A 243 -2.61 -2.59 24.92
N TRP A 244 -3.83 -2.24 25.39
CA TRP A 244 -4.88 -3.20 25.71
C TRP A 244 -6.22 -2.81 25.17
N ALA A 245 -7.13 -3.79 25.16
CA ALA A 245 -8.56 -3.56 24.82
C ALA A 245 -9.45 -4.31 25.77
N SER A 246 -10.71 -3.86 25.91
CA SER A 246 -11.65 -4.43 26.89
C SER A 246 -13.14 -4.40 26.52
N VAL A 247 -13.85 -5.43 26.97
CA VAL A 247 -15.29 -5.62 26.71
C VAL A 247 -16.08 -5.95 28.00
N VAL A 248 -17.35 -5.56 27.98
CA VAL A 248 -18.33 -5.84 29.05
C VAL A 248 -19.04 -7.17 28.74
N VAL A 249 -18.97 -8.14 29.66
CA VAL A 249 -19.63 -9.44 29.48
C VAL A 249 -20.49 -9.72 30.73
N PRO A 250 -21.52 -10.63 30.63
CA PRO A 250 -22.33 -10.98 31.79
C PRO A 250 -21.58 -11.99 32.65
N LEU A 251 -21.86 -11.98 33.94
CA LEU A 251 -21.13 -12.86 34.85
C LEU A 251 -21.45 -14.32 34.54
N GLY A 252 -20.42 -15.16 34.52
CA GLY A 252 -20.56 -16.58 34.26
C GLY A 252 -20.18 -17.01 32.85
N LYS A 253 -20.37 -16.13 31.86
CA LYS A 253 -20.34 -16.51 30.44
C LYS A 253 -19.13 -15.84 29.74
N GLU A 254 -17.97 -15.96 30.39
CA GLU A 254 -16.71 -15.31 30.01
C GLU A 254 -15.80 -16.19 29.16
N GLN A 255 -16.25 -17.44 28.96
CA GLN A 255 -15.52 -18.44 28.18
C GLN A 255 -15.91 -18.49 26.70
N ASN A 256 -16.98 -17.77 26.36
CA ASN A 256 -17.32 -17.47 24.93
C ASN A 256 -16.28 -16.54 24.25
N TYR A 257 -15.74 -15.61 25.07
CA TYR A 257 -15.01 -14.44 24.62
C TYR A 257 -13.56 -14.75 24.42
N THR A 258 -13.14 -14.52 23.19
CA THR A 258 -11.78 -14.68 22.80
C THR A 258 -11.25 -13.31 22.33
N CYS A 259 -9.98 -13.06 22.64
CA CYS A 259 -9.27 -11.89 22.17
C CYS A 259 -8.11 -12.35 21.32
N ARG A 260 -7.82 -11.60 20.27
CA ARG A 260 -6.71 -11.91 19.37
C ARG A 260 -5.76 -10.73 19.22
N VAL A 261 -4.47 -11.02 19.00
CA VAL A 261 -3.40 -10.01 18.87
C VAL A 261 -2.52 -10.32 17.66
N TYR A 262 -2.45 -9.36 16.74
CA TYR A 262 -1.72 -9.48 15.46
C TYR A 262 -0.50 -8.59 15.52
N HIS A 263 0.65 -9.11 15.12
CA HIS A 263 1.86 -8.28 15.11
C HIS A 263 2.94 -8.82 14.14
N GLU A 264 3.69 -7.88 13.53
CA GLU A 264 4.77 -8.18 12.58
C GLU A 264 5.70 -9.20 13.22
N GLY A 265 6.20 -8.84 14.40
CA GLY A 265 7.01 -9.72 15.23
C GLY A 265 6.42 -11.08 15.59
N LEU A 266 5.09 -11.26 15.57
CA LEU A 266 4.48 -12.59 15.80
C LEU A 266 4.65 -13.45 14.56
N PRO A 267 5.30 -14.64 14.69
CA PRO A 267 5.30 -15.50 13.52
C PRO A 267 3.85 -15.91 13.23
N GLU A 268 3.18 -16.52 14.21
CA GLU A 268 1.76 -16.84 14.08
C GLU A 268 0.98 -15.96 15.06
N PRO A 269 -0.16 -15.36 14.60
CA PRO A 269 -1.11 -14.62 15.44
C PRO A 269 -1.59 -15.31 16.72
N LEU A 270 -1.81 -14.50 17.75
CA LEU A 270 -2.01 -14.94 19.13
C LEU A 270 -3.46 -14.81 19.57
N THR A 271 -3.99 -15.83 20.22
CA THR A 271 -5.42 -15.94 20.52
C THR A 271 -5.60 -16.28 22.02
N LEU A 272 -6.50 -15.58 22.72
CA LEU A 272 -6.50 -15.57 24.21
C LEU A 272 -7.85 -15.76 24.90
N ARG A 273 -7.80 -16.33 26.11
CA ARG A 273 -8.96 -16.79 26.86
C ARG A 273 -8.75 -16.55 28.37
N TRP A 274 -9.82 -16.19 29.10
CA TRP A 274 -9.73 -16.09 30.56
C TRP A 274 -9.61 -17.48 31.23
N GLU A 275 -8.83 -17.54 32.31
CA GLU A 275 -8.74 -18.73 33.17
C GLU A 275 -8.68 -18.29 34.63
N PRO A 276 -9.42 -18.96 35.54
CA PRO A 276 -9.18 -18.82 36.98
C PRO A 276 -8.28 -19.94 37.50
N GLN B 2 -4.98 24.95 18.14
CA GLN B 2 -5.03 24.39 19.56
C GLN B 2 -5.69 22.99 19.70
N LYS B 3 -5.09 22.15 20.56
CA LYS B 3 -5.51 20.76 20.77
C LYS B 3 -5.24 20.35 22.23
N THR B 4 -6.22 19.70 22.86
CA THR B 4 -6.19 19.37 24.28
C THR B 4 -5.32 18.16 24.45
N PRO B 5 -4.53 18.11 25.52
CA PRO B 5 -3.69 16.91 25.80
C PRO B 5 -4.43 15.57 26.13
N GLN B 6 -3.92 14.49 25.57
CA GLN B 6 -4.35 13.15 25.92
C GLN B 6 -3.34 12.59 26.92
N ILE B 7 -3.81 12.49 28.16
CA ILE B 7 -2.99 11.97 29.23
C ILE B 7 -3.34 10.48 29.40
N GLN B 8 -2.32 9.71 29.82
CA GLN B 8 -2.43 8.29 30.22
C GLN B 8 -1.37 8.04 31.24
N VAL B 9 -1.74 7.49 32.40
CA VAL B 9 -0.76 7.20 33.45
C VAL B 9 -0.69 5.72 33.79
N TYR B 10 0.53 5.21 33.90
CA TYR B 10 0.81 3.77 33.83
C TYR B 10 2.24 3.40 34.19
N SER B 11 2.48 2.12 34.37
CA SER B 11 3.81 1.63 34.71
C SER B 11 4.51 0.89 33.56
N ARG B 12 5.85 1.01 33.47
CA ARG B 12 6.67 0.26 32.46
C ARG B 12 6.47 -1.23 32.61
N HIS B 13 6.53 -1.70 33.86
CA HIS B 13 6.45 -3.12 34.22
C HIS B 13 5.13 -3.48 34.97
N PRO B 14 4.62 -4.71 34.76
CA PRO B 14 3.37 -5.15 35.42
C PRO B 14 3.46 -5.09 36.94
N PRO B 15 2.66 -4.21 37.58
CA PRO B 15 3.03 -3.73 38.92
C PRO B 15 2.63 -4.61 40.07
N GLU B 16 3.60 -5.16 40.81
CA GLU B 16 3.32 -5.88 42.06
C GLU B 16 3.76 -5.04 43.26
N ASN B 17 2.77 -4.58 44.05
CA ASN B 17 3.00 -3.52 45.02
C ASN B 17 3.93 -3.94 46.15
N GLY B 18 4.76 -3.01 46.62
CA GLY B 18 5.93 -3.33 47.42
C GLY B 18 7.03 -3.94 46.58
N LYS B 19 7.18 -3.46 45.33
CA LYS B 19 8.29 -3.83 44.45
C LYS B 19 8.59 -2.69 43.48
N PRO B 20 9.90 -2.28 43.34
CA PRO B 20 10.30 -1.08 42.56
C PRO B 20 9.92 -1.17 41.09
N ASN B 21 9.53 -0.04 40.51
CA ASN B 21 8.99 0.01 39.17
C ASN B 21 9.20 1.43 38.60
N ILE B 22 8.71 1.70 37.40
CA ILE B 22 8.70 3.05 36.84
C ILE B 22 7.27 3.42 36.50
N LEU B 23 6.92 4.66 36.85
CA LEU B 23 5.63 5.19 36.56
C LEU B 23 5.81 6.17 35.38
N ASN B 24 4.95 6.03 34.38
CA ASN B 24 4.97 6.79 33.16
C ASN B 24 3.73 7.68 33.06
N CYS B 25 3.95 8.96 32.76
CA CYS B 25 2.92 9.85 32.26
C CYS B 25 3.21 10.23 30.81
N TYR B 26 2.20 10.09 29.99
CA TYR B 26 2.34 10.15 28.57
C TYR B 26 1.30 11.17 28.05
N VAL B 27 1.81 12.36 27.74
CA VAL B 27 0.98 13.43 27.26
C VAL B 27 1.18 13.59 25.77
N THR B 28 0.10 13.88 25.07
CA THR B 28 0.13 13.95 23.61
C THR B 28 -0.88 14.94 23.14
N GLN B 29 -0.82 15.28 21.86
CA GLN B 29 -1.90 15.92 21.16
C GLN B 29 -2.06 17.35 21.49
N PHE B 30 -1.00 18.01 21.93
CA PHE B 30 -1.14 19.45 22.24
C PHE B 30 -0.60 20.38 21.15
N HIS B 31 -1.33 21.47 20.92
CA HIS B 31 -0.72 22.65 20.34
C HIS B 31 -1.22 23.94 21.09
N PRO B 32 -0.35 24.83 21.59
CA PRO B 32 1.12 24.92 21.36
C PRO B 32 1.98 23.91 22.15
N PRO B 33 3.32 24.07 22.12
CA PRO B 33 4.22 23.04 22.56
C PRO B 33 4.66 23.10 24.01
N HIS B 34 4.57 24.28 24.64
CA HIS B 34 4.96 24.43 26.05
C HIS B 34 3.92 23.77 26.92
N ILE B 35 4.37 23.03 27.91
CA ILE B 35 3.42 22.41 28.81
C ILE B 35 4.06 22.29 30.18
N GLU B 36 3.26 22.51 31.23
CA GLU B 36 3.64 22.19 32.61
C GLU B 36 3.07 20.82 32.99
N ILE B 37 3.92 19.89 33.36
CA ILE B 37 3.53 18.50 33.74
C ILE B 37 4.09 18.13 35.14
N GLN B 38 3.18 17.76 36.04
CA GLN B 38 3.58 17.40 37.36
C GLN B 38 3.16 15.96 37.69
N MET B 39 4.08 15.21 38.31
CA MET B 39 3.80 13.86 38.86
C MET B 39 3.76 13.86 40.39
N LEU B 40 2.59 13.51 40.92
CA LEU B 40 2.27 13.63 42.34
C LEU B 40 2.22 12.21 42.95
N LYS B 41 2.83 12.06 44.13
CA LYS B 41 2.54 10.94 45.06
C LYS B 41 1.69 11.47 46.22
N ASN B 42 0.50 10.88 46.42
CA ASN B 42 -0.34 11.21 47.58
C ASN B 42 -0.64 12.71 47.68
N GLY B 43 -1.09 13.23 46.54
CA GLY B 43 -1.25 14.67 46.37
C GLY B 43 0.02 15.51 46.21
N LYS B 44 1.18 15.04 46.67
CA LYS B 44 2.34 15.91 46.77
C LYS B 44 3.35 15.73 45.66
N LYS B 45 3.74 16.82 45.00
CA LYS B 45 4.81 16.80 43.96
C LYS B 45 5.99 15.83 44.21
N ILE B 46 6.38 15.10 43.16
CA ILE B 46 7.62 14.29 43.19
C ILE B 46 8.73 15.18 42.64
N PRO B 47 9.90 15.22 43.32
CA PRO B 47 10.91 16.20 42.90
C PRO B 47 11.56 15.83 41.57
N LYS B 48 12.17 14.65 41.50
CA LYS B 48 13.02 14.26 40.36
C LYS B 48 12.32 13.37 39.30
N VAL B 49 11.64 14.07 38.37
CA VAL B 49 10.94 13.47 37.24
C VAL B 49 11.79 13.59 36.00
N GLU B 50 12.37 12.49 35.57
CA GLU B 50 13.03 12.39 34.27
C GLU B 50 11.98 12.63 33.17
N MET B 51 12.30 13.46 32.17
CA MET B 51 11.38 13.69 31.04
C MET B 51 11.99 13.31 29.72
N SER B 52 11.12 13.27 28.73
CA SER B 52 11.49 12.92 27.40
C SER B 52 11.97 14.15 26.72
N ASP B 53 12.51 13.97 25.52
CA ASP B 53 12.72 15.10 24.60
C ASP B 53 11.41 15.48 23.93
N MET B 54 11.32 16.63 23.28
CA MET B 54 10.06 16.98 22.64
C MET B 54 10.08 16.56 21.17
N SER B 55 8.90 16.23 20.66
CA SER B 55 8.74 15.79 19.30
C SER B 55 7.32 16.04 18.94
N PHE B 56 6.99 15.80 17.67
CA PHE B 56 5.62 15.94 17.16
C PHE B 56 5.36 15.03 15.95
N SER B 57 4.10 14.91 15.56
CA SER B 57 3.67 13.93 14.59
C SER B 57 2.85 14.64 13.50
N LYS B 58 2.46 13.88 12.47
CA LYS B 58 1.97 14.40 11.19
C LYS B 58 0.82 15.41 11.22
N ASP B 59 0.05 15.45 12.30
CA ASP B 59 -1.01 16.44 12.52
C ASP B 59 -0.41 17.70 13.16
N TRP B 60 0.93 17.73 13.15
CA TRP B 60 1.75 18.80 13.71
C TRP B 60 1.83 18.81 15.22
N SER B 61 1.00 18.03 15.93
CA SER B 61 0.82 18.19 17.38
C SER B 61 1.86 17.44 18.19
N PHE B 62 2.02 17.89 19.43
CA PHE B 62 3.21 17.55 20.25
C PHE B 62 2.95 16.42 21.21
N TYR B 63 4.03 15.85 21.70
CA TYR B 63 3.91 14.68 22.51
C TYR B 63 5.25 14.47 23.26
N ILE B 64 5.11 14.07 24.52
CA ILE B 64 6.22 13.93 25.43
C ILE B 64 5.90 12.85 26.48
N LEU B 65 6.95 12.11 26.88
CA LEU B 65 6.94 11.17 28.02
C LEU B 65 7.79 11.49 29.25
N ALA B 66 7.09 11.89 30.30
CA ALA B 66 7.63 12.09 31.64
C ALA B 66 7.50 10.78 32.40
N HIS B 67 8.47 10.51 33.29
CA HIS B 67 8.38 9.36 34.16
C HIS B 67 9.29 9.47 35.37
N THR B 68 8.86 8.93 36.51
CA THR B 68 9.81 8.68 37.62
C THR B 68 9.70 7.24 38.12
N GLU B 69 10.74 6.83 38.86
CA GLU B 69 10.71 5.57 39.61
C GLU B 69 9.77 5.71 40.79
N PHE B 70 9.25 4.58 41.22
CA PHE B 70 8.36 4.53 42.36
C PHE B 70 8.39 3.15 42.97
N THR B 71 7.61 2.92 44.01
CA THR B 71 7.42 1.57 44.56
C THR B 71 5.95 1.55 44.95
N PRO B 72 5.09 0.87 44.17
CA PRO B 72 3.65 0.90 44.43
C PRO B 72 3.31 0.22 45.75
N THR B 73 2.19 0.61 46.35
CA THR B 73 1.73 0.05 47.61
C THR B 73 0.21 0.07 47.57
N GLU B 74 -0.46 -0.74 48.38
CA GLU B 74 -1.96 -0.75 48.40
C GLU B 74 -2.59 0.55 48.90
N THR B 75 -1.80 1.42 49.49
CA THR B 75 -2.29 2.61 50.12
C THR B 75 -2.05 3.89 49.25
N ASP B 76 -0.86 4.05 48.66
CA ASP B 76 -0.43 5.35 48.15
C ASP B 76 -1.07 5.65 46.82
N THR B 77 -1.73 6.80 46.68
CA THR B 77 -2.21 7.29 45.37
C THR B 77 -1.12 7.97 44.55
N TYR B 78 -1.32 7.95 43.23
CA TYR B 78 -0.41 8.54 42.28
C TYR B 78 -1.17 9.19 41.18
N ALA B 79 -0.62 10.28 40.65
CA ALA B 79 -1.31 11.03 39.59
C ALA B 79 -0.34 11.86 38.72
N CYS B 80 -0.94 12.44 37.68
CA CYS B 80 -0.28 13.32 36.72
C CYS B 80 -1.14 14.54 36.62
N ARG B 81 -0.56 15.70 36.81
CA ARG B 81 -1.31 16.92 36.68
C ARG B 81 -0.60 17.77 35.63
N VAL B 82 -1.44 18.30 34.71
CA VAL B 82 -1.02 18.98 33.49
C VAL B 82 -1.76 20.30 33.29
N LYS B 83 -0.97 21.31 32.97
CA LYS B 83 -1.50 22.63 32.67
C LYS B 83 -1.04 22.95 31.26
N HIS B 84 -1.96 23.55 30.52
CA HIS B 84 -1.77 23.91 29.14
C HIS B 84 -2.75 25.01 28.78
N ASP B 85 -2.40 25.84 27.80
CA ASP B 85 -3.24 26.96 27.41
C ASP B 85 -4.59 26.44 26.97
N SER B 86 -4.56 25.40 26.15
CA SER B 86 -5.78 24.81 25.65
C SER B 86 -6.73 24.29 26.73
N MET B 87 -6.30 24.23 27.99
CA MET B 87 -7.17 23.85 29.07
C MET B 87 -7.46 25.06 29.90
N ALA B 88 -8.75 25.38 29.99
CA ALA B 88 -9.33 26.34 30.94
C ALA B 88 -8.68 26.37 32.32
N GLU B 89 -8.51 25.20 32.95
CA GLU B 89 -7.71 25.03 34.18
C GLU B 89 -7.17 23.59 34.35
N PRO B 90 -6.10 23.36 35.17
CA PRO B 90 -5.30 22.10 35.17
C PRO B 90 -6.11 20.81 35.19
N LYS B 91 -5.59 19.76 34.57
CA LYS B 91 -6.22 18.45 34.60
C LYS B 91 -5.32 17.45 35.33
N THR B 92 -5.90 16.76 36.31
CA THR B 92 -5.23 15.69 37.08
C THR B 92 -5.73 14.33 36.61
N VAL B 93 -4.90 13.32 36.75
CA VAL B 93 -5.23 11.98 36.27
C VAL B 93 -4.53 10.99 37.20
N TYR B 94 -5.33 10.13 37.82
CA TYR B 94 -4.83 9.28 38.87
C TYR B 94 -4.59 7.93 38.27
N TRP B 95 -3.57 7.25 38.80
CA TRP B 95 -3.17 5.94 38.36
C TRP B 95 -4.20 4.98 38.71
N ASP B 96 -4.30 3.92 37.89
CA ASP B 96 -5.17 2.76 38.12
C ASP B 96 -4.40 1.54 37.70
N ARG B 97 -4.08 0.65 38.63
CA ARG B 97 -3.10 -0.42 38.34
C ARG B 97 -3.68 -1.54 37.46
N ASP B 98 -4.99 -1.43 37.19
CA ASP B 98 -5.67 -2.25 36.23
C ASP B 98 -5.74 -1.59 34.87
N MET B 99 -5.09 -0.43 34.68
CA MET B 99 -5.03 0.29 33.37
C MET B 99 -3.62 0.91 33.05
N HIS C 3 1.58 -9.27 0.99
CA HIS C 3 1.42 -10.63 0.40
C HIS C 3 0.02 -10.91 -0.14
N SER C 4 -0.08 -11.94 -0.97
CA SER C 4 -1.36 -12.44 -1.45
C SER C 4 -1.32 -13.91 -1.82
N MET C 5 -2.52 -14.49 -1.97
CA MET C 5 -2.74 -15.79 -2.61
C MET C 5 -3.96 -15.61 -3.50
N ARG C 6 -4.01 -16.33 -4.61
CA ARG C 6 -5.16 -16.28 -5.52
C ARG C 6 -5.26 -17.62 -6.12
N TYR C 7 -6.47 -17.91 -6.56
CA TYR C 7 -6.76 -19.11 -7.31
C TYR C 7 -7.53 -18.65 -8.57
N PHE C 8 -6.94 -18.89 -9.73
CA PHE C 8 -7.51 -18.46 -11.00
C PHE C 8 -7.98 -19.72 -11.67
N GLU C 9 -9.28 -19.89 -11.83
CA GLU C 9 -9.82 -21.13 -12.39
C GLU C 9 -10.69 -20.78 -13.58
N THR C 10 -10.63 -21.59 -14.63
CA THR C 10 -11.32 -21.34 -15.91
C THR C 10 -12.07 -22.57 -16.35
N ALA C 11 -13.22 -22.36 -16.99
CA ALA C 11 -14.01 -23.45 -17.57
C ALA C 11 -14.49 -23.11 -18.95
N VAL C 12 -14.15 -23.93 -19.94
CA VAL C 12 -14.59 -23.66 -21.34
C VAL C 12 -15.49 -24.75 -21.96
N SER C 13 -16.66 -24.30 -22.40
CA SER C 13 -17.64 -25.14 -23.05
C SER C 13 -17.08 -25.70 -24.36
N ARG C 14 -17.54 -26.88 -24.78
CA ARG C 14 -17.13 -27.45 -26.06
C ARG C 14 -18.38 -27.99 -26.74
N PRO C 15 -18.73 -27.46 -27.96
CA PRO C 15 -19.83 -28.07 -28.72
C PRO C 15 -19.30 -29.37 -29.29
N GLY C 16 -20.10 -30.41 -29.22
CA GLY C 16 -19.60 -31.77 -29.44
C GLY C 16 -19.67 -32.61 -28.17
N LEU C 17 -18.95 -33.72 -28.21
CA LEU C 17 -19.12 -34.79 -27.22
C LEU C 17 -18.45 -34.47 -25.87
N GLU C 18 -17.20 -34.04 -25.92
CA GLU C 18 -16.42 -33.79 -24.73
C GLU C 18 -17.04 -32.69 -23.92
N GLU C 19 -16.80 -32.70 -22.63
CA GLU C 19 -17.44 -31.74 -21.76
C GLU C 19 -16.50 -30.61 -21.45
N PRO C 20 -17.06 -29.54 -20.73
CA PRO C 20 -16.15 -28.41 -20.52
C PRO C 20 -14.75 -28.69 -20.06
N ARG C 21 -13.88 -27.71 -20.18
CA ARG C 21 -12.53 -27.87 -19.69
C ARG C 21 -12.36 -27.00 -18.51
N TYR C 22 -11.96 -27.60 -17.41
CA TYR C 22 -11.75 -26.86 -16.21
C TYR C 22 -10.27 -26.85 -15.99
N ILE C 23 -9.72 -25.69 -15.75
CA ILE C 23 -8.30 -25.54 -15.43
C ILE C 23 -8.15 -24.67 -14.22
N SER C 24 -7.41 -25.11 -13.22
CA SER C 24 -7.25 -24.35 -11.96
C SER C 24 -5.81 -24.26 -11.54
N VAL C 25 -5.38 -23.02 -11.32
CA VAL C 25 -4.00 -22.65 -11.18
C VAL C 25 -3.94 -21.77 -9.97
N GLY C 26 -2.99 -22.02 -9.09
CA GLY C 26 -2.91 -21.26 -7.87
C GLY C 26 -1.67 -20.46 -7.85
N TYR C 27 -1.78 -19.19 -7.45
CA TYR C 27 -0.59 -18.32 -7.35
C TYR C 27 -0.37 -17.89 -5.89
N VAL C 28 0.89 -17.88 -5.45
CA VAL C 28 1.29 -17.26 -4.17
C VAL C 28 2.21 -16.09 -4.46
N ASP C 29 1.88 -14.92 -3.92
CA ASP C 29 2.60 -13.67 -4.23
C ASP C 29 2.82 -13.54 -5.74
N ASN C 30 1.74 -13.76 -6.50
CA ASN C 30 1.74 -13.83 -7.99
C ASN C 30 2.56 -14.94 -8.68
N LYS C 31 3.19 -15.86 -7.94
CA LYS C 31 4.10 -16.82 -8.53
C LYS C 31 3.49 -18.19 -8.45
N GLU C 32 3.20 -18.80 -9.59
CA GLU C 32 2.42 -20.05 -9.63
C GLU C 32 3.00 -21.11 -8.70
N PHE C 33 2.13 -21.78 -7.92
CA PHE C 33 2.53 -22.93 -7.08
C PHE C 33 1.78 -24.26 -7.31
N VAL C 34 0.51 -24.21 -7.71
CA VAL C 34 -0.27 -25.43 -8.02
C VAL C 34 -1.13 -25.27 -9.26
N ARG C 35 -1.43 -26.39 -9.91
CA ARG C 35 -2.22 -26.36 -11.09
C ARG C 35 -2.88 -27.68 -11.34
N PHE C 36 -4.07 -27.63 -11.97
CA PHE C 36 -4.91 -28.78 -12.21
C PHE C 36 -5.66 -28.61 -13.50
N ASP C 37 -5.55 -29.59 -14.40
CA ASP C 37 -6.14 -29.54 -15.74
C ASP C 37 -7.12 -30.70 -15.98
N SER C 38 -8.38 -30.40 -16.30
CA SER C 38 -9.34 -31.43 -16.79
C SER C 38 -8.79 -32.29 -17.93
N ASP C 39 -8.12 -31.65 -18.88
CA ASP C 39 -7.68 -32.35 -20.07
C ASP C 39 -6.48 -33.25 -19.88
N ALA C 40 -5.84 -33.23 -18.72
CA ALA C 40 -4.79 -34.23 -18.44
C ALA C 40 -5.35 -35.67 -18.47
N GLU C 41 -4.44 -36.62 -18.50
CA GLU C 41 -4.80 -38.03 -18.59
C GLU C 41 -5.19 -38.58 -17.23
N ASN C 42 -4.40 -38.20 -16.24
CA ASN C 42 -4.68 -38.53 -14.87
C ASN C 42 -4.81 -37.17 -14.19
N PRO C 43 -5.92 -36.46 -14.49
CA PRO C 43 -6.10 -35.12 -13.96
C PRO C 43 -5.97 -35.12 -12.44
N ARG C 44 -4.88 -34.54 -11.92
CA ARG C 44 -4.84 -34.14 -10.51
C ARG C 44 -4.18 -32.78 -10.32
N TYR C 45 -4.43 -32.17 -9.15
CA TYR C 45 -3.64 -31.04 -8.77
C TYR C 45 -2.21 -31.51 -8.75
N GLU C 46 -1.35 -30.69 -9.34
CA GLU C 46 0.10 -30.89 -9.37
C GLU C 46 0.86 -29.63 -8.89
N PRO C 47 2.03 -29.82 -8.24
CA PRO C 47 2.81 -28.65 -7.84
C PRO C 47 3.59 -28.09 -9.01
N ARG C 48 4.01 -26.83 -8.89
CA ARG C 48 4.74 -26.14 -9.94
C ARG C 48 6.03 -25.52 -9.47
N ALA C 49 6.11 -25.10 -8.21
CA ALA C 49 7.38 -24.72 -7.65
C ALA C 49 7.94 -25.93 -6.95
N PRO C 50 9.28 -26.08 -6.90
CA PRO C 50 9.90 -27.21 -6.15
C PRO C 50 9.72 -27.21 -4.59
N TRP C 51 9.35 -26.08 -4.01
CA TRP C 51 9.01 -26.03 -2.59
C TRP C 51 7.64 -26.62 -2.19
N MET C 52 6.79 -26.97 -3.15
CA MET C 52 5.53 -27.64 -2.84
C MET C 52 5.68 -29.16 -2.84
N GLU C 53 6.89 -29.68 -3.05
CA GLU C 53 7.11 -31.14 -3.07
C GLU C 53 6.91 -31.73 -1.68
N GLN C 54 7.00 -30.90 -0.65
CA GLN C 54 6.72 -31.26 0.75
C GLN C 54 5.39 -32.00 1.03
N GLU C 55 4.28 -31.46 0.51
CA GLU C 55 2.93 -31.81 1.01
C GLU C 55 2.61 -33.29 0.76
N GLY C 56 2.03 -33.95 1.77
CA GLY C 56 1.80 -35.41 1.73
C GLY C 56 0.68 -35.81 0.77
N PRO C 57 0.66 -37.07 0.33
CA PRO C 57 -0.30 -37.53 -0.69
C PRO C 57 -1.78 -37.26 -0.39
N GLU C 58 -2.17 -37.17 0.87
CA GLU C 58 -3.51 -36.77 1.20
C GLU C 58 -3.81 -35.40 0.61
N TYR C 59 -2.90 -34.42 0.83
CA TYR C 59 -3.04 -33.01 0.29
C TYR C 59 -3.50 -33.03 -1.15
N TRP C 60 -2.75 -33.78 -1.94
CA TRP C 60 -3.05 -33.92 -3.35
C TRP C 60 -4.44 -34.49 -3.46
N GLU C 61 -4.62 -35.69 -2.91
CA GLU C 61 -5.93 -36.40 -2.97
C GLU C 61 -7.14 -35.52 -2.61
N ARG C 62 -7.00 -34.73 -1.53
CA ARG C 62 -8.12 -33.94 -1.04
C ARG C 62 -8.40 -32.72 -1.91
N GLU C 63 -7.35 -32.11 -2.44
CA GLU C 63 -7.50 -30.95 -3.35
C GLU C 63 -7.91 -31.38 -4.73
N THR C 64 -7.42 -32.52 -5.18
CA THR C 64 -7.90 -33.15 -6.42
C THR C 64 -9.41 -33.43 -6.39
N GLN C 65 -9.84 -34.28 -5.46
CA GLN C 65 -11.25 -34.51 -5.22
C GLN C 65 -12.02 -33.19 -5.13
N LYS C 66 -11.47 -32.21 -4.41
CA LYS C 66 -12.13 -30.91 -4.29
C LYS C 66 -12.38 -30.28 -5.63
N ALA C 67 -11.37 -30.33 -6.47
CA ALA C 67 -11.41 -29.67 -7.79
C ALA C 67 -12.26 -30.34 -8.84
N LYS C 68 -12.38 -31.68 -8.76
CA LYS C 68 -13.41 -32.45 -9.50
C LYS C 68 -14.79 -31.96 -9.10
N GLY C 69 -14.93 -31.63 -7.82
CA GLY C 69 -16.10 -30.95 -7.26
C GLY C 69 -16.35 -29.64 -7.98
N GLN C 70 -15.27 -28.87 -8.13
CA GLN C 70 -15.31 -27.60 -8.89
C GLN C 70 -15.58 -27.77 -10.37
N GLU C 71 -14.90 -28.71 -10.99
CA GLU C 71 -15.15 -29.01 -12.38
C GLU C 71 -16.66 -29.06 -12.59
N GLN C 72 -17.37 -29.85 -11.79
CA GLN C 72 -18.77 -30.06 -12.03
C GLN C 72 -19.54 -28.85 -11.68
N TRP C 73 -19.16 -28.20 -10.59
CA TRP C 73 -19.83 -26.96 -10.19
C TRP C 73 -19.86 -26.05 -11.41
N PHE C 74 -18.69 -25.94 -12.04
CA PHE C 74 -18.53 -25.17 -13.28
C PHE C 74 -19.40 -25.68 -14.43
N ARG C 75 -19.31 -26.98 -14.78
CA ARG C 75 -20.11 -27.53 -15.89
C ARG C 75 -21.55 -27.04 -15.80
N VAL C 76 -22.10 -27.12 -14.59
CA VAL C 76 -23.52 -26.84 -14.35
C VAL C 76 -23.78 -25.37 -14.56
N SER C 77 -22.98 -24.57 -13.86
CA SER C 77 -23.05 -23.12 -13.88
C SER C 77 -23.06 -22.49 -15.29
N LEU C 78 -22.36 -23.11 -16.24
CA LEU C 78 -22.34 -22.64 -17.62
C LEU C 78 -23.72 -22.79 -18.19
N ARG C 79 -24.21 -24.03 -18.16
CA ARG C 79 -25.53 -24.38 -18.71
C ARG C 79 -26.68 -23.51 -18.21
N ASN C 80 -26.61 -23.18 -16.92
CA ASN C 80 -27.55 -22.29 -16.24
C ASN C 80 -27.54 -20.95 -16.95
N LEU C 81 -26.33 -20.45 -17.20
CA LEU C 81 -26.13 -19.19 -17.90
C LEU C 81 -26.59 -19.22 -19.36
N LEU C 82 -26.49 -20.36 -20.05
CA LEU C 82 -27.07 -20.47 -21.40
C LEU C 82 -28.55 -20.13 -21.34
N GLY C 83 -29.27 -20.75 -20.40
CA GLY C 83 -30.69 -20.49 -20.19
C GLY C 83 -31.02 -19.03 -19.93
N TYR C 84 -30.21 -18.39 -19.07
CA TYR C 84 -30.48 -17.02 -18.57
C TYR C 84 -30.43 -16.05 -19.72
N TYR C 85 -29.40 -16.17 -20.54
CA TYR C 85 -29.24 -15.34 -21.71
C TYR C 85 -29.91 -15.85 -22.98
N ASN C 86 -30.36 -17.10 -22.99
CA ASN C 86 -31.08 -17.69 -24.13
C ASN C 86 -30.17 -17.76 -25.36
N GLN C 87 -29.17 -18.62 -25.22
CA GLN C 87 -28.16 -18.86 -26.23
C GLN C 87 -28.37 -20.25 -26.87
N SER C 88 -28.02 -20.38 -28.15
CA SER C 88 -28.21 -21.61 -28.93
C SER C 88 -27.22 -22.74 -28.54
N ALA C 89 -27.40 -23.90 -29.14
CA ALA C 89 -26.72 -25.11 -28.71
C ALA C 89 -25.30 -25.19 -29.26
N GLY C 90 -25.06 -24.62 -30.43
CA GLY C 90 -23.71 -24.58 -30.97
C GLY C 90 -23.03 -23.40 -30.31
N GLY C 91 -21.92 -23.65 -29.64
CA GLY C 91 -21.19 -22.57 -29.00
C GLY C 91 -19.94 -23.02 -28.26
N SER C 92 -19.17 -22.02 -27.87
CA SER C 92 -18.13 -22.17 -26.90
C SER C 92 -18.27 -20.98 -25.94
N HIS C 93 -18.06 -21.21 -24.65
CA HIS C 93 -18.36 -20.21 -23.63
C HIS C 93 -17.41 -20.38 -22.47
N THR C 94 -16.97 -19.25 -21.96
CA THR C 94 -15.89 -19.19 -21.02
C THR C 94 -16.48 -18.71 -19.74
N LEU C 95 -16.35 -19.53 -18.70
CA LEU C 95 -16.55 -19.09 -17.29
C LEU C 95 -15.26 -19.07 -16.44
N GLN C 96 -14.98 -17.95 -15.78
CA GLN C 96 -13.74 -17.79 -15.05
C GLN C 96 -13.99 -17.14 -13.69
N GLN C 97 -13.03 -17.37 -12.80
CA GLN C 97 -13.12 -17.00 -11.40
C GLN C 97 -11.74 -16.78 -10.80
N MET C 98 -11.55 -15.60 -10.24
CA MET C 98 -10.39 -15.35 -9.39
C MET C 98 -10.90 -15.25 -7.98
N SER C 99 -10.12 -15.77 -7.04
CA SER C 99 -10.48 -15.65 -5.62
C SER C 99 -9.25 -15.74 -4.74
N GLY C 100 -9.21 -14.93 -3.69
CA GLY C 100 -8.05 -14.81 -2.83
C GLY C 100 -8.08 -13.79 -1.68
N CYS C 101 -6.90 -13.62 -1.09
CA CYS C 101 -6.75 -13.01 0.22
C CYS C 101 -5.41 -12.35 0.23
N ASP C 102 -5.41 -11.01 0.32
CA ASP C 102 -4.19 -10.25 0.58
C ASP C 102 -3.98 -10.00 2.06
N LEU C 103 -2.74 -10.20 2.49
CA LEU C 103 -2.34 -10.14 3.89
C LEU C 103 -1.55 -8.86 4.19
N GLY C 104 -1.80 -8.28 5.37
CA GLY C 104 -0.87 -7.31 5.98
C GLY C 104 0.34 -8.05 6.54
N SER C 105 1.30 -7.29 7.08
CA SER C 105 2.50 -7.92 7.60
C SER C 105 2.22 -8.54 8.97
N ASP C 106 1.49 -7.80 9.82
CA ASP C 106 0.71 -8.40 10.90
C ASP C 106 -0.13 -9.44 10.14
N TRP C 107 -0.06 -10.71 10.53
CA TRP C 107 -0.49 -11.79 9.59
C TRP C 107 -2.01 -11.81 9.46
N ARG C 108 -2.55 -10.75 8.87
CA ARG C 108 -3.90 -10.24 9.13
C ARG C 108 -4.58 -9.94 7.81
N LEU C 109 -5.83 -10.38 7.63
CA LEU C 109 -6.48 -10.27 6.32
C LEU C 109 -6.77 -8.82 6.02
N LEU C 110 -6.23 -8.34 4.92
CA LEU C 110 -6.32 -6.94 4.55
C LEU C 110 -7.41 -6.68 3.52
N ARG C 111 -7.56 -7.62 2.58
CA ARG C 111 -8.75 -7.71 1.69
C ARG C 111 -8.90 -9.11 1.06
N GLY C 112 -10.14 -9.50 0.84
CA GLY C 112 -10.45 -10.77 0.22
C GLY C 112 -10.99 -10.51 -1.15
N TYR C 113 -10.83 -11.48 -2.02
CA TYR C 113 -11.34 -11.36 -3.37
C TYR C 113 -12.06 -12.62 -3.73
N LEU C 114 -13.23 -12.45 -4.35
CA LEU C 114 -13.94 -13.56 -4.97
C LEU C 114 -14.86 -13.01 -6.02
N GLN C 115 -14.61 -13.39 -7.28
CA GLN C 115 -15.39 -12.88 -8.40
C GLN C 115 -15.37 -13.76 -9.58
N PHE C 116 -16.37 -13.55 -10.45
CA PHE C 116 -16.57 -14.39 -11.62
C PHE C 116 -16.80 -13.52 -12.85
N ALA C 117 -16.59 -14.16 -13.99
CA ALA C 117 -16.83 -13.53 -15.25
C ALA C 117 -17.11 -14.51 -16.39
N TYR C 118 -17.99 -14.04 -17.27
CA TYR C 118 -18.62 -14.85 -18.31
C TYR C 118 -18.51 -14.17 -19.66
N GLU C 119 -17.78 -14.83 -20.56
CA GLU C 119 -17.36 -14.22 -21.80
C GLU C 119 -16.44 -13.03 -21.54
N GLY C 120 -15.53 -13.16 -20.57
CA GLY C 120 -14.69 -12.05 -20.14
C GLY C 120 -15.48 -10.78 -19.92
N ARG C 121 -16.52 -10.86 -19.09
CA ARG C 121 -17.23 -9.69 -18.66
C ARG C 121 -17.51 -9.91 -17.20
N ASP C 122 -17.37 -8.87 -16.39
CA ASP C 122 -17.73 -8.95 -14.98
C ASP C 122 -19.16 -9.37 -14.74
N TYR C 123 -19.34 -10.59 -14.25
CA TYR C 123 -20.69 -11.10 -13.99
C TYR C 123 -21.18 -10.69 -12.60
N ILE C 124 -20.48 -11.24 -11.61
CA ILE C 124 -20.83 -11.06 -10.23
C ILE C 124 -19.53 -11.09 -9.44
N ALA C 125 -19.57 -10.39 -8.30
CA ALA C 125 -18.44 -10.35 -7.40
C ALA C 125 -18.84 -9.91 -5.99
N LEU C 126 -18.19 -10.54 -5.03
CA LEU C 126 -18.45 -10.30 -3.61
C LEU C 126 -17.84 -8.99 -3.25
N ASN C 127 -18.63 -8.07 -2.71
CA ASN C 127 -18.08 -6.77 -2.34
C ASN C 127 -17.10 -6.92 -1.20
N GLU C 128 -16.45 -5.81 -0.89
CA GLU C 128 -15.37 -5.76 0.10
C GLU C 128 -15.79 -6.24 1.47
N ASP C 129 -17.01 -5.87 1.88
CA ASP C 129 -17.58 -6.29 3.16
C ASP C 129 -17.66 -7.80 3.37
N LEU C 130 -17.80 -8.57 2.29
CA LEU C 130 -18.04 -10.05 2.33
C LEU C 130 -19.43 -10.48 2.89
N LYS C 131 -20.35 -9.52 2.92
CA LYS C 131 -21.72 -9.75 3.21
C LYS C 131 -22.59 -9.35 2.06
N THR C 132 -22.03 -8.63 1.07
CA THR C 132 -22.85 -8.12 -0.01
C THR C 132 -22.19 -8.40 -1.39
N TRP C 133 -23.02 -8.74 -2.40
CA TRP C 133 -22.60 -8.93 -3.81
C TRP C 133 -22.86 -7.72 -4.70
N THR C 134 -22.09 -7.62 -5.79
CA THR C 134 -22.40 -6.73 -6.94
C THR C 134 -22.57 -7.62 -8.17
N ALA C 135 -23.56 -7.28 -9.00
CA ALA C 135 -24.01 -8.12 -10.10
C ALA C 135 -24.18 -7.21 -11.28
N ALA C 136 -23.54 -7.54 -12.40
CA ALA C 136 -23.57 -6.70 -13.62
C ALA C 136 -24.82 -6.54 -14.53
N ASP C 137 -25.21 -7.59 -15.23
CA ASP C 137 -26.39 -7.53 -16.09
C ASP C 137 -27.56 -8.27 -15.42
N MET C 138 -28.77 -8.14 -15.97
CA MET C 138 -29.99 -8.74 -15.38
C MET C 138 -29.84 -10.22 -14.99
N ALA C 139 -28.97 -10.96 -15.67
CA ALA C 139 -28.78 -12.37 -15.38
C ALA C 139 -28.07 -12.59 -14.03
N ALA C 140 -27.04 -11.79 -13.75
CA ALA C 140 -26.36 -11.82 -12.45
C ALA C 140 -27.30 -11.45 -11.30
N GLN C 141 -28.33 -10.66 -11.61
CA GLN C 141 -29.33 -10.32 -10.63
C GLN C 141 -30.29 -11.47 -10.31
N ILE C 142 -30.31 -12.52 -11.13
CA ILE C 142 -30.96 -13.78 -10.72
C ILE C 142 -30.04 -14.64 -9.88
N THR C 143 -28.74 -14.68 -10.20
CA THR C 143 -27.78 -15.47 -9.41
C THR C 143 -27.53 -14.91 -7.98
N ARG C 144 -27.58 -13.58 -7.84
CA ARG C 144 -27.50 -12.91 -6.53
C ARG C 144 -28.73 -13.31 -5.72
N ARG C 145 -29.87 -13.27 -6.38
CA ARG C 145 -31.09 -13.85 -5.84
C ARG C 145 -30.94 -15.26 -5.27
N LYS C 146 -30.47 -16.18 -6.09
CA LYS C 146 -30.23 -17.53 -5.66
C LYS C 146 -29.23 -17.58 -4.48
N TRP C 147 -28.13 -16.82 -4.55
CA TRP C 147 -27.07 -16.92 -3.53
C TRP C 147 -27.32 -16.06 -2.29
N GLU C 148 -28.18 -15.06 -2.40
CA GLU C 148 -28.68 -14.41 -1.21
C GLU C 148 -29.72 -15.29 -0.44
N GLN C 149 -30.46 -16.14 -1.15
CA GLN C 149 -31.36 -17.14 -0.56
C GLN C 149 -30.62 -18.27 0.13
N SER C 150 -29.54 -18.75 -0.47
CA SER C 150 -28.84 -19.89 0.08
C SER C 150 -27.73 -19.49 1.05
N GLY C 151 -27.60 -18.20 1.36
CA GLY C 151 -26.57 -17.72 2.28
C GLY C 151 -25.16 -18.11 1.86
N ALA C 152 -24.81 -17.80 0.62
CA ALA C 152 -23.50 -18.16 0.05
C ALA C 152 -22.37 -17.32 0.66
N ALA C 153 -22.61 -16.02 0.76
CA ALA C 153 -21.63 -15.06 1.32
C ALA C 153 -20.93 -15.64 2.53
N GLU C 154 -21.72 -16.06 3.52
CA GLU C 154 -21.20 -16.60 4.79
C GLU C 154 -20.10 -17.61 4.58
N HIS C 155 -20.38 -18.55 3.67
CA HIS C 155 -19.49 -19.68 3.40
C HIS C 155 -18.15 -19.31 2.69
N TYR C 156 -18.19 -18.37 1.72
CA TYR C 156 -16.95 -17.85 1.05
C TYR C 156 -16.10 -17.13 2.10
N LYS C 157 -16.76 -16.16 2.73
CA LYS C 157 -16.25 -15.47 3.92
C LYS C 157 -15.46 -16.39 4.86
N ALA C 158 -16.03 -17.54 5.21
CA ALA C 158 -15.42 -18.47 6.15
C ALA C 158 -14.15 -19.05 5.63
N TYR C 159 -14.05 -19.16 4.30
CA TYR C 159 -12.84 -19.63 3.60
C TYR C 159 -11.77 -18.54 3.47
N LEU C 160 -12.21 -17.34 3.07
CA LEU C 160 -11.29 -16.20 2.88
C LEU C 160 -10.58 -15.76 4.16
N GLU C 161 -11.37 -15.52 5.20
CA GLU C 161 -10.80 -15.16 6.49
C GLU C 161 -10.22 -16.46 7.06
N GLY C 162 -11.06 -17.48 7.20
CA GLY C 162 -10.65 -18.68 7.91
C GLY C 162 -9.52 -19.48 7.30
N GLU C 163 -9.82 -20.26 6.27
CA GLU C 163 -8.87 -21.26 5.75
C GLU C 163 -7.79 -20.65 4.82
N CYS C 164 -8.13 -19.64 4.00
CA CYS C 164 -7.12 -19.17 3.06
C CYS C 164 -5.89 -18.62 3.79
N VAL C 165 -6.15 -17.62 4.63
CA VAL C 165 -5.13 -16.94 5.40
C VAL C 165 -4.21 -17.94 6.08
N GLU C 166 -4.82 -18.92 6.77
CA GLU C 166 -4.08 -19.99 7.48
C GLU C 166 -3.08 -20.73 6.60
N TRP C 167 -3.48 -20.98 5.34
CA TRP C 167 -2.69 -21.71 4.39
C TRP C 167 -1.63 -20.87 3.72
N LEU C 168 -1.96 -19.60 3.47
CA LEU C 168 -0.92 -18.67 3.01
C LEU C 168 0.32 -18.66 3.96
N HIS C 169 0.09 -18.57 5.28
CA HIS C 169 1.19 -18.62 6.28
C HIS C 169 1.96 -19.90 6.08
N ARG C 170 1.25 -21.03 6.04
CA ARG C 170 1.85 -22.39 5.94
C ARG C 170 2.72 -22.56 4.70
N TYR C 171 2.28 -21.98 3.58
CA TYR C 171 3.03 -22.03 2.32
C TYR C 171 4.30 -21.19 2.37
N LEU C 172 4.16 -19.95 2.84
CA LEU C 172 5.29 -19.03 2.94
C LEU C 172 6.49 -19.65 3.71
N LYS C 173 6.23 -20.22 4.90
CA LYS C 173 7.29 -20.74 5.79
C LYS C 173 7.90 -21.99 5.16
N ASN C 174 7.01 -22.81 4.58
CA ASN C 174 7.38 -24.06 3.89
C ASN C 174 8.31 -23.80 2.71
N GLY C 175 8.02 -22.75 1.95
CA GLY C 175 8.83 -22.34 0.79
C GLY C 175 9.48 -21.00 1.03
N ASN C 176 10.64 -21.04 1.67
CA ASN C 176 11.36 -19.82 2.03
C ASN C 176 12.59 -19.50 1.19
N ALA C 177 13.40 -20.52 0.88
CA ALA C 177 14.60 -20.32 0.04
C ALA C 177 14.34 -20.00 -1.46
N THR C 178 13.06 -20.06 -1.90
CA THR C 178 12.55 -19.60 -3.23
C THR C 178 11.91 -18.20 -3.24
N LEU C 179 11.36 -17.79 -2.09
CA LEU C 179 10.77 -16.46 -1.91
C LEU C 179 11.85 -15.38 -1.73
N LEU C 180 13.03 -15.77 -1.24
CA LEU C 180 14.22 -14.89 -1.24
C LEU C 180 14.61 -14.47 -2.64
N ARG C 181 14.56 -15.42 -3.58
CA ARG C 181 15.24 -15.28 -4.85
C ARG C 181 14.77 -14.03 -5.58
N THR C 182 15.77 -13.28 -6.07
CA THR C 182 15.65 -12.28 -7.13
C THR C 182 16.97 -12.20 -7.93
N ASP C 183 16.86 -11.90 -9.23
CA ASP C 183 18.01 -11.74 -10.12
C ASP C 183 18.11 -10.27 -10.51
N SER C 184 19.25 -9.65 -10.23
CA SER C 184 19.52 -8.29 -10.68
C SER C 184 19.49 -8.28 -12.21
N PRO C 185 18.99 -7.19 -12.83
CA PRO C 185 19.05 -7.05 -14.28
C PRO C 185 20.43 -6.61 -14.75
N LYS C 186 20.83 -7.06 -15.93
CA LYS C 186 21.97 -6.48 -16.64
C LYS C 186 21.42 -5.74 -17.83
N ALA C 187 22.14 -4.70 -18.24
CA ALA C 187 21.60 -3.71 -19.17
C ALA C 187 22.62 -3.01 -20.03
N HIS C 188 22.30 -2.82 -21.33
CA HIS C 188 23.19 -2.08 -22.27
C HIS C 188 22.39 -1.15 -23.16
N VAL C 189 23.12 -0.32 -23.89
CA VAL C 189 22.51 0.65 -24.75
C VAL C 189 22.97 0.38 -26.16
N THR C 190 22.06 0.61 -27.12
CA THR C 190 22.31 0.32 -28.53
C THR C 190 21.88 1.50 -29.43
N HIS C 191 22.54 1.61 -30.58
CA HIS C 191 22.58 2.82 -31.37
C HIS C 191 22.16 2.46 -32.77
N HIS C 192 20.93 2.83 -33.16
CA HIS C 192 20.32 2.35 -34.43
C HIS C 192 19.86 3.51 -35.35
N PRO C 193 20.71 3.96 -36.31
CA PRO C 193 20.48 5.24 -37.02
C PRO C 193 19.19 5.33 -37.80
N ARG C 194 18.12 5.71 -37.10
CA ARG C 194 16.73 5.61 -37.59
C ARG C 194 16.37 6.48 -38.80
N SER C 195 16.78 7.74 -38.78
CA SER C 195 16.43 8.69 -39.83
C SER C 195 17.68 9.35 -40.42
N LYS C 196 17.49 10.12 -41.50
CA LYS C 196 18.51 11.08 -41.90
C LYS C 196 18.40 12.33 -40.99
N GLY C 197 19.40 12.49 -40.11
CA GLY C 197 19.45 13.55 -39.09
C GLY C 197 19.48 13.03 -37.65
N GLU C 198 18.68 11.99 -37.39
CA GLU C 198 18.38 11.48 -36.02
C GLU C 198 18.76 10.01 -35.86
N VAL C 199 19.06 9.61 -34.61
CA VAL C 199 19.30 8.17 -34.30
C VAL C 199 18.28 7.60 -33.28
N THR C 200 18.46 6.33 -32.90
CA THR C 200 17.65 5.73 -31.84
C THR C 200 18.54 4.96 -30.85
N LEU C 201 18.58 5.46 -29.61
CA LEU C 201 19.25 4.78 -28.50
C LEU C 201 18.22 4.03 -27.68
N ARG C 202 18.63 2.90 -27.12
CA ARG C 202 17.70 1.91 -26.60
C ARG C 202 18.29 1.32 -25.35
N CYS C 203 17.51 1.30 -24.29
CA CYS C 203 17.98 0.82 -23.00
C CYS C 203 17.43 -0.57 -22.72
N TRP C 204 18.34 -1.54 -22.77
CA TRP C 204 18.00 -2.97 -22.73
C TRP C 204 18.17 -3.47 -21.30
N ALA C 205 17.12 -4.05 -20.73
CA ALA C 205 17.20 -4.65 -19.39
C ALA C 205 16.89 -6.12 -19.45
N LEU C 206 17.85 -6.94 -19.02
CA LEU C 206 17.85 -8.35 -19.30
C LEU C 206 18.21 -9.18 -18.10
N GLY C 207 17.49 -10.29 -17.98
CA GLY C 207 17.87 -11.38 -17.13
C GLY C 207 17.43 -11.19 -15.71
N PHE C 208 16.32 -10.46 -15.51
CA PHE C 208 15.87 -10.06 -14.15
C PHE C 208 14.57 -10.68 -13.64
N TYR C 209 14.55 -10.96 -12.34
CA TYR C 209 13.37 -11.43 -11.63
C TYR C 209 13.37 -10.76 -10.25
N PRO C 210 12.24 -10.28 -9.72
CA PRO C 210 10.88 -10.38 -10.25
C PRO C 210 10.52 -9.40 -11.39
N ALA C 211 9.26 -9.39 -11.77
CA ALA C 211 8.80 -8.80 -13.04
C ALA C 211 8.88 -7.28 -13.19
N ASP C 212 8.63 -6.58 -12.09
CA ASP C 212 8.39 -5.15 -12.14
C ASP C 212 9.72 -4.47 -12.30
N ILE C 213 9.71 -3.36 -13.03
CA ILE C 213 10.94 -2.62 -13.31
C ILE C 213 10.59 -1.26 -13.85
N THR C 214 11.52 -0.29 -13.77
CA THR C 214 11.31 1.04 -14.39
C THR C 214 12.50 1.52 -15.22
N LEU C 215 12.21 2.05 -16.42
CA LEU C 215 13.22 2.52 -17.34
C LEU C 215 12.99 3.96 -17.60
N THR C 216 13.99 4.81 -17.43
CA THR C 216 13.79 6.26 -17.63
C THR C 216 14.94 6.88 -18.42
N TRP C 217 14.61 7.38 -19.60
CA TRP C 217 15.51 8.20 -20.38
C TRP C 217 15.35 9.62 -19.93
N GLN C 218 16.48 10.19 -19.51
CA GLN C 218 16.56 11.59 -19.13
C GLN C 218 17.55 12.33 -20.03
N LEU C 219 17.26 13.61 -20.23
CA LEU C 219 18.09 14.57 -20.96
C LEU C 219 18.49 15.77 -20.06
N ASN C 220 19.69 15.72 -19.47
CA ASN C 220 20.21 16.77 -18.57
C ASN C 220 19.33 16.99 -17.37
N GLY C 221 19.21 15.93 -16.54
CA GLY C 221 18.33 15.92 -15.36
C GLY C 221 16.82 16.02 -15.60
N GLU C 222 16.34 15.67 -16.80
CA GLU C 222 14.93 15.82 -17.16
C GLU C 222 14.43 14.54 -17.84
N GLU C 223 13.23 14.07 -17.48
CA GLU C 223 12.65 12.84 -18.07
C GLU C 223 11.89 13.20 -19.33
N LEU C 224 11.81 12.26 -20.27
CA LEU C 224 11.12 12.49 -21.55
C LEU C 224 9.96 11.54 -21.80
N THR C 225 9.32 11.08 -20.73
CA THR C 225 8.32 10.02 -20.80
C THR C 225 7.31 10.14 -21.98
N GLN C 226 6.90 11.37 -22.30
CA GLN C 226 5.94 11.61 -23.41
C GLN C 226 6.46 11.27 -24.80
N ASP C 227 7.78 11.35 -24.98
CA ASP C 227 8.42 11.14 -26.29
C ASP C 227 8.91 9.72 -26.53
N MET C 228 9.39 9.05 -25.50
CA MET C 228 10.04 7.75 -25.69
C MET C 228 9.09 6.65 -26.14
N GLU C 229 9.67 5.57 -26.63
CA GLU C 229 8.93 4.35 -26.89
C GLU C 229 9.37 3.28 -25.88
N LEU C 230 8.40 2.45 -25.50
CA LEU C 230 8.54 1.52 -24.38
C LEU C 230 7.76 0.27 -24.68
N VAL C 231 8.33 -0.89 -24.35
CA VAL C 231 7.66 -2.18 -24.63
C VAL C 231 7.34 -2.96 -23.37
N GLU C 232 6.07 -3.37 -23.19
CA GLU C 232 5.62 -4.00 -21.92
C GLU C 232 6.49 -5.21 -21.70
N THR C 233 6.80 -5.47 -20.43
CA THR C 233 7.83 -6.44 -20.04
C THR C 233 7.40 -7.78 -20.66
N ARG C 234 8.38 -8.64 -20.87
CA ARG C 234 8.13 -9.93 -21.48
C ARG C 234 9.01 -10.95 -20.78
N PRO C 235 8.67 -12.24 -20.89
CA PRO C 235 9.49 -13.30 -20.34
C PRO C 235 10.43 -13.93 -21.34
N ALA C 236 11.69 -14.04 -20.95
CA ALA C 236 12.73 -14.73 -21.73
C ALA C 236 12.48 -16.23 -21.88
N GLY C 237 12.14 -16.89 -20.76
CA GLY C 237 11.80 -18.32 -20.77
C GLY C 237 12.57 -19.15 -19.78
N ASP C 238 13.79 -18.72 -19.44
CA ASP C 238 14.57 -19.25 -18.28
C ASP C 238 13.92 -18.99 -16.91
N GLY C 239 12.87 -18.16 -16.86
CA GLY C 239 12.27 -17.70 -15.63
C GLY C 239 12.58 -16.24 -15.39
N THR C 240 13.57 -15.70 -16.11
CA THR C 240 13.94 -14.30 -16.04
C THR C 240 12.96 -13.57 -16.92
N PHE C 241 13.10 -12.23 -16.97
CA PHE C 241 12.26 -11.33 -17.80
C PHE C 241 13.14 -10.41 -18.65
N GLN C 242 12.52 -9.53 -19.45
CA GLN C 242 13.28 -8.50 -20.18
C GLN C 242 12.35 -7.35 -20.67
N LYS C 243 12.95 -6.19 -20.89
CA LYS C 243 12.24 -4.99 -21.33
C LYS C 243 13.27 -3.90 -21.74
N TRP C 244 12.91 -3.08 -22.72
CA TRP C 244 13.71 -1.94 -23.09
C TRP C 244 12.84 -0.73 -23.28
N ALA C 245 13.51 0.43 -23.39
CA ALA C 245 12.91 1.70 -23.77
C ALA C 245 13.85 2.47 -24.72
N SER C 246 13.28 3.37 -25.56
CA SER C 246 14.06 4.10 -26.59
C SER C 246 13.58 5.51 -26.92
N VAL C 247 14.54 6.36 -27.30
CA VAL C 247 14.28 7.79 -27.63
C VAL C 247 14.95 8.18 -28.95
N VAL C 248 14.35 9.19 -29.60
CA VAL C 248 14.89 9.81 -30.83
C VAL C 248 15.77 11.01 -30.43
N VAL C 249 17.02 11.01 -30.88
CA VAL C 249 17.98 12.11 -30.61
C VAL C 249 18.62 12.56 -31.94
N PRO C 250 19.15 13.82 -32.01
CA PRO C 250 19.81 14.28 -33.23
C PRO C 250 21.22 13.68 -33.31
N LEU C 251 21.70 13.50 -34.54
CA LEU C 251 22.98 12.84 -34.74
C LEU C 251 24.09 13.73 -34.18
N GLY C 252 25.02 13.12 -33.44
CA GLY C 252 26.13 13.84 -32.83
C GLY C 252 25.99 14.11 -31.34
N LYS C 253 24.75 14.30 -30.85
CA LYS C 253 24.48 14.86 -29.52
C LYS C 253 23.85 13.82 -28.59
N GLU C 254 24.43 12.62 -28.61
CA GLU C 254 23.92 11.41 -27.94
C GLU C 254 24.47 11.20 -26.53
N GLN C 255 25.44 12.04 -26.16
CA GLN C 255 26.15 11.97 -24.87
C GLN C 255 25.44 12.77 -23.77
N ASN C 256 24.47 13.58 -24.17
CA ASN C 256 23.53 14.26 -23.24
C ASN C 256 22.59 13.23 -22.56
N TYR C 257 22.27 12.18 -23.30
CA TYR C 257 21.21 11.29 -22.94
C TYR C 257 21.71 10.19 -22.04
N THR C 258 21.04 10.12 -20.89
CA THR C 258 21.27 9.08 -19.92
C THR C 258 19.96 8.33 -19.68
N CYS C 259 20.09 7.03 -19.51
CA CYS C 259 18.99 6.14 -19.20
C CYS C 259 19.24 5.53 -17.83
N ARG C 260 18.17 5.32 -17.06
CA ARG C 260 18.31 4.73 -15.74
C ARG C 260 17.39 3.54 -15.53
N VAL C 261 17.83 2.59 -14.70
CA VAL C 261 17.08 1.34 -14.50
C VAL C 261 16.97 1.08 -13.00
N TYR C 262 15.73 0.91 -12.51
CA TYR C 262 15.41 0.72 -11.09
C TYR C 262 14.80 -0.63 -10.81
N HIS C 263 15.37 -1.38 -9.88
CA HIS C 263 14.88 -2.73 -9.61
C HIS C 263 15.22 -3.20 -8.21
N GLU C 264 14.30 -3.97 -7.64
CA GLU C 264 14.39 -4.54 -6.29
C GLU C 264 15.72 -5.24 -6.09
N GLY C 265 16.02 -6.15 -6.99
CA GLY C 265 17.32 -6.80 -7.04
C GLY C 265 18.54 -5.88 -7.13
N LEU C 266 18.42 -4.65 -7.65
CA LEU C 266 19.58 -3.75 -7.72
C LEU C 266 19.87 -3.18 -6.37
N PRO C 267 21.07 -3.45 -5.79
CA PRO C 267 21.35 -2.77 -4.52
C PRO C 267 21.32 -1.27 -4.78
N GLU C 268 22.14 -0.77 -5.71
CA GLU C 268 22.11 0.66 -6.09
C GLU C 268 21.60 0.77 -7.56
N PRO C 269 20.67 1.70 -7.85
CA PRO C 269 20.16 1.99 -9.19
C PRO C 269 21.23 2.24 -10.25
N LEU C 270 20.90 1.83 -11.47
CA LEU C 270 21.85 1.69 -12.55
C LEU C 270 21.59 2.80 -13.51
N THR C 271 22.69 3.42 -13.97
CA THR C 271 22.69 4.61 -14.86
C THR C 271 23.56 4.33 -16.15
N LEU C 272 23.10 4.73 -17.33
CA LEU C 272 23.73 4.27 -18.59
C LEU C 272 23.95 5.32 -19.67
N ARG C 273 24.97 5.08 -20.50
CA ARG C 273 25.45 6.03 -21.50
C ARG C 273 25.90 5.28 -22.75
N TRP C 274 25.72 5.87 -23.92
CA TRP C 274 26.29 5.33 -25.18
C TRP C 274 27.83 5.51 -25.28
N GLU C 275 28.48 4.51 -25.85
CA GLU C 275 29.91 4.57 -26.16
C GLU C 275 30.17 3.87 -27.51
N PRO C 276 31.00 4.49 -28.38
CA PRO C 276 31.56 3.78 -29.54
C PRO C 276 32.95 3.22 -29.26
N GLN D 2 -14.30 -9.31 -25.87
CA GLN D 2 -13.20 -9.48 -26.90
C GLN D 2 -12.04 -8.45 -26.83
N LYS D 3 -10.81 -8.93 -27.04
CA LYS D 3 -9.58 -8.13 -26.95
C LYS D 3 -8.53 -8.69 -27.92
N THR D 4 -7.87 -7.79 -28.67
CA THR D 4 -6.92 -8.16 -29.75
C THR D 4 -5.55 -8.52 -29.20
N PRO D 5 -4.93 -9.57 -29.76
CA PRO D 5 -3.64 -10.00 -29.19
C PRO D 5 -2.47 -8.99 -29.30
N GLN D 6 -1.66 -8.91 -28.25
CA GLN D 6 -0.42 -8.16 -28.31
C GLN D 6 0.69 -9.15 -28.53
N ILE D 7 1.27 -9.11 -29.72
CA ILE D 7 2.35 -10.02 -30.10
C ILE D 7 3.67 -9.30 -29.97
N GLN D 8 4.72 -10.04 -29.60
CA GLN D 8 6.07 -9.51 -29.54
C GLN D 8 6.93 -10.70 -29.87
N VAL D 9 7.88 -10.57 -30.80
CA VAL D 9 8.78 -11.69 -31.15
C VAL D 9 10.19 -11.29 -30.84
N TYR D 10 10.94 -12.26 -30.29
CA TYR D 10 12.24 -11.99 -29.67
C TYR D 10 12.98 -13.23 -29.24
N SER D 11 14.25 -13.05 -28.89
CA SER D 11 15.11 -14.16 -28.42
C SER D 11 15.41 -14.16 -26.91
N ARG D 12 15.45 -15.33 -26.29
CA ARG D 12 15.86 -15.47 -24.87
C ARG D 12 17.22 -14.82 -24.58
N HIS D 13 18.20 -15.13 -25.43
CA HIS D 13 19.58 -14.66 -25.28
C HIS D 13 19.96 -13.61 -26.35
N PRO D 14 20.89 -12.67 -26.03
CA PRO D 14 21.36 -11.64 -27.01
C PRO D 14 21.98 -12.24 -28.26
N PRO D 15 21.36 -12.00 -29.44
CA PRO D 15 21.56 -12.94 -30.56
C PRO D 15 22.79 -12.65 -31.41
N GLU D 16 23.75 -13.57 -31.44
CA GLU D 16 24.87 -13.49 -32.40
C GLU D 16 24.76 -14.57 -33.48
N ASN D 17 24.47 -14.12 -34.69
CA ASN D 17 24.02 -15.00 -35.77
C ASN D 17 25.10 -16.03 -36.15
N GLY D 18 24.66 -17.22 -36.51
CA GLY D 18 25.52 -18.39 -36.55
C GLY D 18 25.88 -18.90 -35.17
N LYS D 19 24.95 -18.77 -34.21
CA LYS D 19 25.07 -19.36 -32.87
C LYS D 19 23.67 -19.73 -32.36
N PRO D 20 23.50 -20.96 -31.79
CA PRO D 20 22.18 -21.49 -31.38
C PRO D 20 21.53 -20.65 -30.29
N ASN D 21 20.20 -20.51 -30.33
CA ASN D 21 19.46 -19.60 -29.46
C ASN D 21 18.00 -20.06 -29.39
N ILE D 22 17.15 -19.35 -28.64
CA ILE D 22 15.71 -19.66 -28.58
C ILE D 22 14.87 -18.47 -28.96
N LEU D 23 13.90 -18.71 -29.83
CA LEU D 23 13.08 -17.63 -30.33
C LEU D 23 11.77 -17.73 -29.57
N ASN D 24 11.28 -16.60 -29.04
CA ASN D 24 10.08 -16.55 -28.22
C ASN D 24 9.05 -15.69 -28.92
N CYS D 25 7.85 -16.24 -29.08
CA CYS D 25 6.66 -15.48 -29.43
C CYS D 25 5.75 -15.42 -28.21
N TYR D 26 5.30 -14.22 -27.88
CA TYR D 26 4.66 -13.92 -26.63
C TYR D 26 3.37 -13.18 -26.94
N VAL D 27 2.28 -13.93 -26.91
CA VAL D 27 0.96 -13.39 -27.24
C VAL D 27 0.20 -13.18 -25.99
N THR D 28 -0.58 -12.11 -25.93
CA THR D 28 -1.29 -11.69 -24.72
C THR D 28 -2.57 -10.98 -25.09
N GLN D 29 -3.40 -10.78 -24.09
CA GLN D 29 -4.47 -9.80 -24.17
C GLN D 29 -5.62 -10.23 -25.00
N PHE D 30 -5.84 -11.54 -25.10
CA PHE D 30 -6.96 -12.06 -25.89
C PHE D 30 -8.08 -12.65 -25.04
N HIS D 31 -9.28 -12.38 -25.50
CA HIS D 31 -10.45 -13.14 -25.10
C HIS D 31 -11.35 -13.29 -26.35
N PRO D 32 -11.81 -14.50 -26.72
CA PRO D 32 -11.71 -15.75 -25.95
C PRO D 32 -10.31 -16.40 -25.91
N PRO D 33 -10.20 -17.60 -25.32
CA PRO D 33 -8.92 -18.18 -24.94
C PRO D 33 -8.25 -19.02 -25.99
N HIS D 34 -9.04 -19.54 -26.95
CA HIS D 34 -8.50 -20.35 -28.05
C HIS D 34 -7.73 -19.46 -29.02
N ILE D 35 -6.55 -19.92 -29.42
CA ILE D 35 -5.79 -19.20 -30.38
C ILE D 35 -4.95 -20.16 -31.24
N GLU D 36 -4.89 -19.91 -32.55
CA GLU D 36 -3.91 -20.59 -33.40
C GLU D 36 -2.68 -19.69 -33.47
N ILE D 37 -1.51 -20.26 -33.17
CA ILE D 37 -0.21 -19.54 -33.20
C ILE D 37 0.81 -20.38 -34.02
N GLN D 38 1.43 -19.75 -35.01
CA GLN D 38 2.41 -20.41 -35.86
C GLN D 38 3.73 -19.64 -35.90
N MET D 39 4.84 -20.35 -35.77
CA MET D 39 6.18 -19.77 -35.92
C MET D 39 6.79 -20.24 -37.22
N LEU D 40 7.19 -19.28 -38.04
CA LEU D 40 7.61 -19.50 -39.42
C LEU D 40 9.09 -19.16 -39.51
N LYS D 41 9.84 -19.99 -40.23
CA LYS D 41 11.20 -19.63 -40.74
C LYS D 41 11.13 -19.43 -42.28
N ASN D 42 11.55 -18.25 -42.76
CA ASN D 42 11.60 -17.96 -44.20
C ASN D 42 10.24 -18.29 -44.85
N GLY D 43 9.19 -17.74 -44.26
CA GLY D 43 7.84 -18.03 -44.67
C GLY D 43 7.25 -19.37 -44.27
N LYS D 44 8.07 -20.37 -43.95
CA LYS D 44 7.57 -21.75 -43.82
C LYS D 44 7.44 -22.18 -42.37
N LYS D 45 6.27 -22.72 -42.00
CA LYS D 45 6.02 -23.33 -40.66
C LYS D 45 7.19 -24.13 -40.07
N ILE D 46 7.47 -23.89 -38.79
CA ILE D 46 8.41 -24.71 -38.02
C ILE D 46 7.57 -25.83 -37.41
N PRO D 47 8.03 -27.08 -37.51
CA PRO D 47 7.19 -28.18 -37.00
C PRO D 47 7.07 -28.19 -35.46
N LYS D 48 8.20 -28.30 -34.75
CA LYS D 48 8.22 -28.50 -33.29
C LYS D 48 8.45 -27.22 -32.47
N VAL D 49 7.31 -26.59 -32.14
CA VAL D 49 7.20 -25.40 -31.29
C VAL D 49 6.73 -25.84 -29.93
N GLU D 50 7.63 -25.77 -28.96
CA GLU D 50 7.25 -25.89 -27.54
C GLU D 50 6.35 -24.70 -27.18
N MET D 51 5.25 -24.96 -26.47
CA MET D 51 4.37 -23.89 -25.96
C MET D 51 4.26 -23.90 -24.45
N SER D 52 3.72 -22.80 -23.98
CA SER D 52 3.46 -22.58 -22.60
C SER D 52 2.11 -23.23 -22.24
N ASP D 53 1.84 -23.27 -20.95
CA ASP D 53 0.51 -23.55 -20.43
C ASP D 53 -0.30 -22.29 -20.50
N MET D 54 -1.62 -22.39 -20.44
CA MET D 54 -2.44 -21.19 -20.55
C MET D 54 -2.68 -20.57 -19.17
N SER D 55 -2.78 -19.25 -19.17
CA SER D 55 -3.03 -18.51 -17.97
C SER D 55 -3.69 -17.21 -18.34
N PHE D 56 -4.12 -16.45 -17.33
CA PHE D 56 -4.75 -15.17 -17.55
C PHE D 56 -4.40 -14.24 -16.41
N SER D 57 -4.82 -12.98 -16.55
CA SER D 57 -4.50 -11.89 -15.62
C SER D 57 -5.75 -11.05 -15.25
N LYS D 58 -5.58 -10.09 -14.34
CA LYS D 58 -6.71 -9.43 -13.64
C LYS D 58 -7.87 -8.74 -14.47
N ASP D 59 -7.58 -8.47 -15.74
CA ASP D 59 -8.55 -7.98 -16.73
C ASP D 59 -9.21 -9.18 -17.39
N TRP D 60 -9.07 -10.34 -16.75
CA TRP D 60 -9.56 -11.63 -17.24
C TRP D 60 -8.89 -12.15 -18.56
N SER D 61 -8.01 -11.40 -19.19
CA SER D 61 -7.61 -11.74 -20.55
C SER D 61 -6.42 -12.65 -20.52
N PHE D 62 -6.22 -13.36 -21.63
CA PHE D 62 -5.36 -14.53 -21.68
C PHE D 62 -3.95 -14.20 -22.20
N TYR D 63 -3.00 -15.12 -21.97
CA TYR D 63 -1.62 -14.91 -22.34
C TYR D 63 -0.81 -16.20 -22.31
N ILE D 64 0.06 -16.37 -23.29
CA ILE D 64 0.74 -17.65 -23.57
C ILE D 64 2.06 -17.45 -24.33
N LEU D 65 3.10 -18.15 -23.90
CA LEU D 65 4.40 -18.11 -24.56
C LEU D 65 4.79 -19.34 -25.37
N ALA D 66 4.77 -19.17 -26.70
CA ALA D 66 5.30 -20.16 -27.62
C ALA D 66 6.78 -19.88 -27.83
N HIS D 67 7.56 -20.92 -28.11
CA HIS D 67 8.96 -20.75 -28.51
C HIS D 67 9.55 -22.00 -29.15
N THR D 68 10.47 -21.79 -30.08
CA THR D 68 11.41 -22.84 -30.53
C THR D 68 12.86 -22.38 -30.52
N GLU D 69 13.73 -23.39 -30.57
CA GLU D 69 15.13 -23.16 -30.80
C GLU D 69 15.30 -22.77 -32.26
N PHE D 70 16.40 -22.07 -32.52
CA PHE D 70 16.76 -21.63 -33.87
C PHE D 70 18.23 -21.31 -33.88
N THR D 71 18.76 -20.96 -35.03
CA THR D 71 20.14 -20.48 -35.15
C THR D 71 20.05 -19.29 -36.09
N PRO D 72 20.19 -18.08 -35.53
CA PRO D 72 20.04 -16.90 -36.39
C PRO D 72 21.15 -16.78 -37.46
N THR D 73 20.82 -16.13 -38.57
CA THR D 73 21.76 -15.95 -39.69
C THR D 73 21.40 -14.61 -40.33
N GLU D 74 22.35 -13.98 -41.04
CA GLU D 74 22.08 -12.66 -41.67
C GLU D 74 20.98 -12.71 -42.75
N THR D 75 20.68 -13.91 -43.22
CA THR D 75 19.83 -14.11 -44.37
C THR D 75 18.38 -14.50 -43.98
N ASP D 76 18.20 -15.44 -43.04
CA ASP D 76 16.88 -16.06 -42.80
C ASP D 76 15.90 -15.18 -42.03
N THR D 77 14.72 -14.96 -42.59
CA THR D 77 13.64 -14.31 -41.84
C THR D 77 12.90 -15.24 -40.89
N TYR D 78 12.28 -14.64 -39.88
CA TYR D 78 11.53 -15.36 -38.90
C TYR D 78 10.31 -14.54 -38.55
N ALA D 79 9.24 -15.25 -38.19
CA ALA D 79 7.98 -14.59 -37.83
C ALA D 79 7.09 -15.43 -36.92
N CYS D 80 6.03 -14.77 -36.47
CA CYS D 80 4.99 -15.38 -35.69
C CYS D 80 3.70 -14.99 -36.38
N ARG D 81 2.87 -15.98 -36.66
CA ARG D 81 1.57 -15.70 -37.23
C ARG D 81 0.46 -16.22 -36.26
N VAL D 82 -0.52 -15.36 -36.05
CA VAL D 82 -1.55 -15.60 -35.08
C VAL D 82 -2.90 -15.36 -35.69
N LYS D 83 -3.79 -16.32 -35.46
CA LYS D 83 -5.16 -16.20 -35.86
C LYS D 83 -6.00 -16.29 -34.56
N HIS D 84 -7.06 -15.47 -34.51
CA HIS D 84 -7.97 -15.33 -33.40
C HIS D 84 -9.28 -14.69 -33.83
N ASP D 85 -10.37 -15.01 -33.16
CA ASP D 85 -11.68 -14.50 -33.56
C ASP D 85 -11.75 -13.00 -33.59
N SER D 86 -11.15 -12.38 -32.59
CA SER D 86 -11.06 -10.93 -32.50
C SER D 86 -10.25 -10.27 -33.65
N MET D 87 -9.56 -11.05 -34.49
CA MET D 87 -8.90 -10.51 -35.66
C MET D 87 -9.59 -10.88 -36.93
N ALA D 88 -10.16 -9.88 -37.60
CA ALA D 88 -10.75 -10.00 -38.95
C ALA D 88 -10.04 -11.01 -39.87
N GLU D 89 -8.71 -10.98 -39.91
CA GLU D 89 -7.90 -12.04 -40.56
C GLU D 89 -6.46 -12.05 -40.01
N PRO D 90 -5.70 -13.17 -40.18
CA PRO D 90 -4.46 -13.41 -39.43
C PRO D 90 -3.44 -12.28 -39.41
N LYS D 91 -2.67 -12.19 -38.31
CA LYS D 91 -1.61 -11.21 -38.17
C LYS D 91 -0.28 -11.94 -38.07
N THR D 92 0.68 -11.48 -38.87
CA THR D 92 2.07 -11.95 -38.87
C THR D 92 3.02 -10.88 -38.35
N VAL D 93 4.10 -11.30 -37.70
CA VAL D 93 4.97 -10.35 -37.07
C VAL D 93 6.35 -10.90 -37.18
N TYR D 94 7.25 -10.12 -37.78
CA TYR D 94 8.55 -10.62 -38.19
C TYR D 94 9.50 -10.20 -37.15
N TRP D 95 10.50 -11.03 -36.89
CA TRP D 95 11.57 -10.71 -35.91
C TRP D 95 12.36 -9.46 -36.29
N ASP D 96 12.98 -8.84 -35.29
CA ASP D 96 13.93 -7.77 -35.53
C ASP D 96 14.97 -7.89 -34.45
N ARG D 97 16.22 -8.16 -34.81
CA ARG D 97 17.21 -8.53 -33.80
C ARG D 97 17.77 -7.34 -33.01
N ASP D 98 17.23 -6.17 -33.30
CA ASP D 98 17.44 -4.98 -32.49
C ASP D 98 16.25 -4.73 -31.63
N MET D 99 15.25 -5.64 -31.62
CA MET D 99 14.03 -5.54 -30.73
C MET D 99 13.54 -6.87 -30.07
N GLN E 9 43.64 26.68 -2.97
CA GLN E 9 42.31 27.22 -3.33
C GLN E 9 41.30 26.14 -3.73
N GLN E 10 40.04 26.60 -3.80
CA GLN E 10 38.82 25.76 -3.78
C GLN E 10 38.00 25.85 -5.07
N VAL E 11 37.96 27.06 -5.64
CA VAL E 11 37.40 27.31 -6.96
C VAL E 11 38.47 27.94 -7.83
N ARG E 12 38.85 27.26 -8.91
CA ARG E 12 39.89 27.75 -9.85
C ARG E 12 39.35 28.23 -11.20
N GLN E 13 39.76 29.43 -11.56
CA GLN E 13 39.26 30.12 -12.71
C GLN E 13 40.39 30.48 -13.63
N SER E 14 40.20 30.21 -14.93
CA SER E 14 41.25 30.39 -15.92
C SER E 14 40.59 30.64 -17.27
N PRO E 15 41.09 31.60 -18.06
CA PRO E 15 42.30 32.39 -17.78
C PRO E 15 42.11 33.46 -16.73
N GLN E 16 43.17 34.18 -16.42
CA GLN E 16 43.11 35.33 -15.51
C GLN E 16 42.58 36.53 -16.29
N SER E 17 43.07 36.63 -17.51
CA SER E 17 42.88 37.82 -18.29
C SER E 17 42.58 37.37 -19.72
N LEU E 18 41.62 38.01 -20.40
CA LEU E 18 41.25 37.62 -21.76
C LEU E 18 40.75 38.76 -22.65
N THR E 19 41.31 38.82 -23.84
CA THR E 19 40.87 39.71 -24.88
C THR E 19 40.36 38.85 -26.04
N VAL E 20 39.20 39.21 -26.59
CA VAL E 20 38.63 38.55 -27.75
C VAL E 20 37.99 39.57 -28.65
N TRP E 21 37.81 39.20 -29.91
CA TRP E 21 37.26 40.13 -30.86
C TRP E 21 35.74 40.21 -30.72
N GLU E 22 35.18 41.39 -31.00
CA GLU E 22 33.74 41.52 -31.23
C GLU E 22 33.26 40.42 -32.15
N GLY E 23 32.02 39.98 -31.98
CA GLY E 23 31.44 38.88 -32.78
C GLY E 23 31.83 37.45 -32.36
N GLY E 24 32.91 37.31 -31.57
CA GLY E 24 33.47 36.00 -31.27
C GLY E 24 32.64 35.18 -30.31
N THR E 25 33.04 33.94 -30.06
CA THR E 25 32.53 33.21 -28.92
C THR E 25 33.61 33.30 -27.84
N THR E 26 33.17 33.31 -26.58
CA THR E 26 34.07 33.42 -25.44
C THR E 26 33.83 32.26 -24.49
N VAL E 27 34.91 31.71 -23.93
CA VAL E 27 34.81 30.55 -23.06
C VAL E 27 35.58 30.79 -21.79
N LEU E 28 34.85 30.89 -20.68
CA LEU E 28 35.46 30.92 -19.35
C LEU E 28 35.31 29.58 -18.71
N THR E 29 36.36 29.16 -18.01
CA THR E 29 36.40 27.85 -17.42
C THR E 29 36.55 28.03 -15.95
N CYS E 30 36.27 26.94 -15.26
CA CYS E 30 36.24 26.89 -13.84
C CYS E 30 36.33 25.42 -13.42
N SER E 31 37.15 25.16 -12.40
CA SER E 31 37.25 23.83 -11.77
C SER E 31 37.22 23.92 -10.23
N TYR E 32 36.49 23.00 -9.60
CA TYR E 32 36.28 23.01 -8.15
C TYR E 32 36.72 21.68 -7.51
N GLU E 33 37.08 21.73 -6.22
CA GLU E 33 37.61 20.57 -5.48
C GLU E 33 36.67 19.97 -4.41
N ASP E 34 35.59 20.67 -4.03
CA ASP E 34 34.55 20.09 -3.18
C ASP E 34 33.47 19.42 -4.05
N SER E 35 33.69 18.13 -4.35
CA SER E 35 32.75 17.24 -5.07
C SER E 35 31.30 17.35 -4.65
N THR E 36 31.10 17.73 -3.38
CA THR E 36 29.77 17.80 -2.78
C THR E 36 29.02 19.04 -3.19
N PHE E 37 29.71 20.07 -3.70
CA PHE E 37 29.07 21.32 -4.10
C PHE E 37 27.88 21.09 -5.02
N ASN E 38 26.89 21.97 -4.94
CA ASN E 38 25.58 21.76 -5.54
C ASN E 38 25.25 22.75 -6.59
N TYR E 39 25.39 24.05 -6.22
CA TYR E 39 24.85 25.20 -6.98
C TYR E 39 25.93 26.21 -7.28
N PHE E 40 25.89 26.66 -8.54
CA PHE E 40 26.92 27.47 -9.14
C PHE E 40 26.31 28.67 -9.88
N PRO E 41 26.40 29.85 -9.27
CA PRO E 41 26.07 31.08 -9.96
C PRO E 41 27.31 31.79 -10.51
N TRP E 42 27.06 32.75 -11.38
CA TRP E 42 28.09 33.47 -12.06
C TRP E 42 27.74 34.89 -11.83
N TYR E 43 28.69 35.64 -11.29
CA TYR E 43 28.53 37.08 -11.20
C TYR E 43 29.33 37.83 -12.32
N GLN E 44 28.86 39.05 -12.58
CA GLN E 44 29.35 39.92 -13.61
C GLN E 44 29.75 41.24 -12.97
N GLN E 45 31.01 41.60 -13.08
CA GLN E 45 31.44 42.90 -12.61
C GLN E 45 31.87 43.87 -13.75
N PHE E 46 31.00 44.82 -14.05
CA PHE E 46 31.37 45.97 -14.90
C PHE E 46 32.13 46.96 -14.06
N PRO E 47 33.22 47.57 -14.58
CA PRO E 47 34.10 48.49 -13.83
C PRO E 47 33.28 49.68 -13.44
N GLY E 48 33.68 50.31 -12.32
CA GLY E 48 32.84 51.31 -11.58
C GLY E 48 31.69 50.75 -10.69
N GLU E 49 31.49 49.43 -10.71
CA GLU E 49 30.33 48.79 -10.12
C GLU E 49 30.72 47.47 -9.49
N GLY E 50 29.93 47.06 -8.49
CA GLY E 50 30.16 45.87 -7.72
C GLY E 50 29.54 44.73 -8.46
N PRO E 51 29.91 43.52 -8.14
CA PRO E 51 29.33 42.39 -8.84
C PRO E 51 27.80 42.26 -8.83
N ALA E 52 27.29 41.52 -9.82
CA ALA E 52 25.86 41.27 -10.03
C ALA E 52 25.60 39.94 -10.73
N LEU E 53 24.59 39.22 -10.25
CA LEU E 53 24.34 37.86 -10.67
C LEU E 53 23.91 37.84 -12.11
N LEU E 54 24.56 36.97 -12.88
CA LEU E 54 24.42 36.89 -14.32
C LEU E 54 23.54 35.73 -14.69
N ILE E 55 23.92 34.55 -14.22
CA ILE E 55 23.31 33.26 -14.56
C ILE E 55 23.74 32.23 -13.49
N SER E 56 22.89 31.23 -13.19
CA SER E 56 23.21 30.19 -12.17
C SER E 56 22.69 28.76 -12.49
N ILE E 57 23.32 27.75 -11.88
CA ILE E 57 23.10 26.36 -12.28
C ILE E 57 23.37 25.32 -11.18
N LEU E 58 22.38 24.43 -11.00
CA LEU E 58 22.41 23.33 -10.05
C LEU E 58 23.24 22.18 -10.58
N SER E 59 23.58 21.24 -9.70
CA SER E 59 24.31 20.06 -10.14
C SER E 59 23.42 19.00 -10.88
N VAL E 60 22.09 19.13 -10.81
CA VAL E 60 21.18 18.25 -11.59
C VAL E 60 21.10 18.64 -13.07
N SER E 61 21.34 19.90 -13.41
CA SER E 61 21.30 20.29 -14.83
C SER E 61 22.68 20.04 -15.36
N ASP E 62 22.76 19.87 -16.70
CA ASP E 62 24.04 19.84 -17.45
C ASP E 62 24.29 21.14 -18.19
N LYS E 63 23.24 21.78 -18.67
CA LYS E 63 23.42 23.15 -19.11
C LYS E 63 22.25 24.02 -18.70
N LYS E 64 22.56 25.31 -18.53
CA LYS E 64 21.60 26.39 -18.35
C LYS E 64 21.93 27.44 -19.37
N GLU E 65 20.90 28.02 -20.01
CA GLU E 65 21.07 28.85 -21.19
C GLU E 65 20.18 30.04 -21.06
N ASP E 66 20.79 31.19 -20.92
CA ASP E 66 20.10 32.49 -20.79
C ASP E 66 20.53 33.41 -21.96
N GLY E 67 19.91 33.17 -23.12
CA GLY E 67 20.01 34.03 -24.28
C GLY E 67 21.25 34.78 -24.76
N ARG E 68 22.27 34.03 -25.20
CA ARG E 68 23.67 34.46 -25.44
C ARG E 68 24.65 34.43 -24.27
N PHE E 69 24.16 34.01 -23.11
CA PHE E 69 24.92 33.41 -22.05
C PHE E 69 24.40 31.99 -21.94
N THR E 70 25.32 31.06 -21.69
CA THR E 70 24.92 29.70 -21.38
C THR E 70 26.04 29.02 -20.56
N THR E 71 25.65 28.39 -19.44
CA THR E 71 26.59 27.73 -18.54
C THR E 71 26.39 26.25 -18.69
N PHE E 72 27.51 25.51 -18.66
CA PHE E 72 27.58 24.06 -18.84
C PHE E 72 28.19 23.45 -17.62
N PHE E 73 27.68 22.30 -17.17
CA PHE E 73 28.18 21.64 -15.95
C PHE E 73 28.63 20.20 -16.22
N ASN E 74 29.74 19.79 -15.59
CA ASN E 74 30.31 18.45 -15.77
C ASN E 74 30.85 17.89 -14.47
N LYS E 75 30.19 16.83 -13.98
CA LYS E 75 30.51 16.19 -12.66
C LYS E 75 31.78 15.30 -12.64
N ARG E 76 31.85 14.35 -13.57
CA ARG E 76 32.96 13.37 -13.71
C ARG E 76 34.36 13.95 -13.45
N GLU E 77 34.65 15.06 -14.13
CA GLU E 77 35.93 15.80 -14.00
C GLU E 77 35.79 17.06 -13.16
N LYS E 78 34.59 17.28 -12.59
CA LYS E 78 34.41 18.25 -11.50
C LYS E 78 34.78 19.64 -12.02
N LYS E 79 34.11 20.00 -13.14
CA LYS E 79 34.41 21.20 -13.99
C LYS E 79 33.16 21.87 -14.60
N LEU E 80 33.24 23.17 -14.87
CA LEU E 80 32.11 23.87 -15.51
C LEU E 80 32.56 25.13 -16.23
N SER E 81 31.65 25.74 -17.00
CA SER E 81 32.03 26.76 -17.97
C SER E 81 30.87 27.64 -18.47
N LEU E 82 31.26 28.82 -18.97
CA LEU E 82 30.34 29.86 -19.45
C LEU E 82 30.68 30.24 -20.87
N HIS E 83 29.67 30.23 -21.74
CA HIS E 83 29.85 30.50 -23.16
C HIS E 83 29.02 31.73 -23.57
N ILE E 84 29.72 32.78 -23.99
CA ILE E 84 29.06 33.93 -24.62
C ILE E 84 29.17 33.76 -26.13
N ILE E 85 28.08 34.00 -26.84
CA ILE E 85 27.99 33.61 -28.24
C ILE E 85 28.35 34.76 -29.15
N ASP E 86 27.71 35.91 -28.97
CA ASP E 86 27.95 37.03 -29.86
C ASP E 86 29.11 37.88 -29.37
N SER E 87 29.30 37.97 -28.07
CA SER E 87 30.51 38.61 -27.50
C SER E 87 30.75 40.04 -28.00
N GLN E 88 29.86 40.96 -27.62
CA GLN E 88 29.96 42.38 -28.00
C GLN E 88 30.59 43.22 -26.85
N PRO E 89 30.96 44.49 -27.08
CA PRO E 89 31.74 45.20 -26.07
C PRO E 89 30.97 45.59 -24.80
N GLY E 90 29.64 45.64 -24.84
CA GLY E 90 28.83 45.76 -23.60
C GLY E 90 28.91 44.59 -22.60
N ASP E 91 29.77 43.62 -22.93
CA ASP E 91 30.09 42.47 -22.13
C ASP E 91 31.46 42.56 -21.47
N SER E 92 32.08 43.74 -21.44
CA SER E 92 33.45 43.80 -20.95
C SER E 92 33.49 44.07 -19.47
N ALA E 93 33.81 43.01 -18.76
CA ALA E 93 33.63 42.91 -17.35
C ALA E 93 34.62 41.89 -16.81
N THR E 94 34.57 41.73 -15.50
CA THR E 94 35.20 40.60 -14.85
C THR E 94 34.09 39.58 -14.61
N TYR E 95 34.40 38.31 -14.75
CA TYR E 95 33.39 37.28 -14.52
C TYR E 95 33.90 36.35 -13.44
N PHE E 96 33.02 36.09 -12.46
CA PHE E 96 33.28 35.18 -11.35
C PHE E 96 32.40 33.92 -11.36
N CYS E 97 33.05 32.80 -11.14
CA CYS E 97 32.42 31.51 -11.12
C CYS E 97 32.29 31.25 -9.67
N ALA E 98 31.13 30.77 -9.26
CA ALA E 98 30.84 30.65 -7.84
C ALA E 98 30.32 29.27 -7.49
N ALA E 99 30.53 28.84 -6.25
CA ALA E 99 30.27 27.45 -5.84
C ALA E 99 29.97 27.29 -4.34
N LEU E 100 28.97 26.48 -4.04
CA LEU E 100 28.55 26.28 -2.67
C LEU E 100 27.80 24.98 -2.58
N TYR E 101 27.75 24.42 -1.36
CA TYR E 101 26.92 23.25 -1.03
C TYR E 101 25.84 23.71 -0.14
N GLY E 102 24.71 23.04 -0.25
CA GLY E 102 23.61 23.24 0.67
C GLY E 102 23.26 24.71 0.76
N ASN E 103 23.13 25.17 2.00
CA ASN E 103 22.97 26.58 2.28
C ASN E 103 24.24 27.18 2.84
N GLU E 104 25.38 26.78 2.32
CA GLU E 104 26.65 27.29 2.82
C GLU E 104 27.02 28.61 2.13
N LYS E 105 28.12 29.21 2.64
CA LYS E 105 28.56 30.52 2.16
C LYS E 105 29.07 30.29 0.78
N ILE E 106 28.43 30.98 -0.18
CA ILE E 106 28.93 31.11 -1.56
C ILE E 106 30.44 31.30 -1.66
N THR E 107 31.10 30.45 -2.43
CA THR E 107 32.55 30.54 -2.63
C THR E 107 32.80 31.04 -4.00
N PHE E 108 33.59 32.11 -4.05
CA PHE E 108 33.83 32.91 -5.25
C PHE E 108 35.17 32.58 -5.83
N GLY E 109 35.29 32.52 -7.15
CA GLY E 109 36.63 32.31 -7.76
C GLY E 109 37.60 33.52 -7.65
N ALA E 110 38.72 33.46 -8.38
CA ALA E 110 39.64 34.62 -8.57
C ALA E 110 39.21 35.68 -9.63
N GLY E 111 38.38 35.28 -10.58
CA GLY E 111 37.94 36.18 -11.65
C GLY E 111 38.71 36.01 -12.96
N THR E 112 38.02 36.29 -14.06
CA THR E 112 38.63 36.40 -15.40
C THR E 112 38.24 37.77 -15.95
N LYS E 113 39.21 38.54 -16.44
CA LYS E 113 38.93 39.90 -16.93
C LYS E 113 38.72 39.93 -18.43
N LEU E 114 37.46 40.07 -18.83
CA LEU E 114 37.09 40.01 -20.24
C LEU E 114 37.04 41.37 -20.91
N THR E 115 37.85 41.53 -21.95
CA THR E 115 37.88 42.72 -22.79
C THR E 115 37.37 42.28 -24.17
N ILE E 116 36.20 42.76 -24.56
CA ILE E 116 35.67 42.60 -25.92
C ILE E 116 36.08 43.78 -26.76
N LYS E 117 37.22 43.63 -27.43
CA LYS E 117 37.73 44.67 -28.29
C LYS E 117 36.68 44.92 -29.39
N PRO E 118 36.32 46.21 -29.64
CA PRO E 118 35.32 46.45 -30.64
C PRO E 118 35.99 46.39 -31.99
N ASN E 119 35.18 46.44 -33.05
CA ASN E 119 35.60 46.01 -34.38
C ASN E 119 36.32 47.09 -35.24
N ILE E 120 36.06 48.37 -34.93
CA ILE E 120 36.68 49.59 -35.53
C ILE E 120 35.60 50.42 -36.22
N ALA F 1 18.56 48.05 -2.80
CA ALA F 1 19.62 49.05 -3.10
C ALA F 1 20.69 49.05 -1.99
N VAL F 2 21.93 48.72 -2.35
CA VAL F 2 23.07 48.82 -1.45
C VAL F 2 23.83 50.10 -1.79
N THR F 3 24.37 50.79 -0.78
CA THR F 3 25.17 52.03 -0.98
C THR F 3 26.32 52.16 0.04
N GLN F 4 27.55 52.28 -0.44
CA GLN F 4 28.72 52.44 0.45
C GLN F 4 29.16 53.88 0.43
N SER F 5 29.85 54.28 1.50
CA SER F 5 30.58 55.52 1.56
C SER F 5 31.69 55.35 2.59
N PRO F 6 32.82 56.03 2.44
CA PRO F 6 33.12 56.85 1.29
C PRO F 6 33.39 56.00 0.04
N ARG F 7 33.16 56.60 -1.13
CA ARG F 7 33.51 56.01 -2.44
C ARG F 7 35.02 55.86 -2.69
N SER F 8 35.81 56.75 -2.09
CA SER F 8 37.26 56.68 -2.16
C SER F 8 37.94 57.28 -0.93
N LYS F 9 39.01 56.63 -0.43
CA LYS F 9 39.75 57.12 0.75
C LYS F 9 41.25 56.88 0.65
N VAL F 10 42.01 57.91 1.02
CA VAL F 10 43.47 57.82 1.13
C VAL F 10 43.85 57.88 2.61
N ALA F 11 44.81 57.04 2.97
CA ALA F 11 45.20 56.95 4.36
C ALA F 11 46.69 56.72 4.53
N VAL F 12 47.22 57.30 5.61
CA VAL F 12 48.59 57.11 6.07
C VAL F 12 48.63 55.84 6.90
N THR F 13 49.70 55.05 6.78
CA THR F 13 49.80 53.82 7.58
C THR F 13 49.69 54.11 9.10
N GLY F 14 49.24 53.13 9.87
CA GLY F 14 48.93 53.35 11.28
C GLY F 14 47.72 54.26 11.54
N GLY F 15 46.96 54.61 10.50
CA GLY F 15 45.81 55.48 10.64
C GLY F 15 44.53 54.66 10.81
N LYS F 16 43.46 55.33 11.24
CA LYS F 16 42.18 54.70 11.48
C LYS F 16 41.24 55.00 10.33
N VAL F 17 40.82 53.94 9.65
CA VAL F 17 39.88 54.03 8.54
C VAL F 17 38.60 53.23 8.85
N THR F 18 37.47 53.89 8.67
CA THR F 18 36.16 53.32 8.90
C THR F 18 35.32 53.51 7.60
N LEU F 19 34.91 52.39 6.99
CA LEU F 19 34.07 52.37 5.79
C LEU F 19 32.72 51.82 6.18
N SER F 20 31.67 52.49 5.73
CA SER F 20 30.31 52.13 6.09
C SER F 20 29.50 51.77 4.85
N CYS F 21 28.40 51.07 5.10
CA CYS F 21 27.56 50.50 4.07
C CYS F 21 26.16 50.69 4.54
N HIS F 22 25.20 50.53 3.66
CA HIS F 22 23.81 50.68 4.06
C HIS F 22 22.80 50.09 3.08
N GLN F 23 21.90 49.22 3.59
CA GLN F 23 21.00 48.44 2.74
C GLN F 23 19.49 48.55 3.08
N THR F 24 18.69 48.91 2.07
CA THR F 24 17.24 49.01 2.19
C THR F 24 16.60 47.82 1.45
N ASN F 25 17.35 46.72 1.34
CA ASN F 25 16.82 45.44 0.84
C ASN F 25 16.16 44.65 1.98
N ASN F 26 16.38 45.14 3.19
CA ASN F 26 15.82 44.59 4.39
C ASN F 26 16.42 43.25 4.77
N HIS F 27 17.60 42.95 4.22
CA HIS F 27 18.26 41.67 4.46
C HIS F 27 18.90 41.61 5.82
N ASP F 28 19.28 40.40 6.24
CA ASP F 28 19.90 40.20 7.55
C ASP F 28 21.35 39.84 7.46
N TYR F 29 21.71 39.06 6.47
CA TYR F 29 23.12 38.82 6.21
C TYR F 29 23.75 40.05 5.51
N MET F 30 24.93 40.45 5.96
CA MET F 30 25.68 41.51 5.30
C MET F 30 27.18 41.15 5.29
N TYR F 31 27.86 41.41 4.18
CA TYR F 31 29.20 40.89 3.92
C TYR F 31 30.20 41.97 3.46
N TRP F 32 31.34 42.05 4.12
CA TRP F 32 32.44 42.85 3.65
C TRP F 32 33.39 41.97 2.86
N TYR F 33 33.44 42.16 1.53
CA TYR F 33 34.39 41.49 0.63
C TYR F 33 35.55 42.38 0.18
N ARG F 34 36.71 41.74 -0.07
CA ARG F 34 37.93 42.41 -0.57
C ARG F 34 38.40 41.88 -1.95
N GLN F 35 38.47 42.83 -2.88
CA GLN F 35 38.92 42.61 -4.25
C GLN F 35 40.32 43.16 -4.39
N ASP F 36 41.27 42.31 -4.76
CA ASP F 36 42.65 42.77 -5.03
C ASP F 36 43.01 42.80 -6.52
N THR F 37 43.42 43.97 -7.04
CA THR F 37 43.78 44.15 -8.46
C THR F 37 42.56 44.01 -9.41
N GLY F 38 41.33 44.22 -8.90
CA GLY F 38 40.10 43.84 -9.65
C GLY F 38 39.86 42.34 -9.77
N HIS F 39 40.51 41.54 -8.90
CA HIS F 39 40.75 40.09 -9.07
C HIS F 39 40.44 39.35 -7.77
N GLY F 40 39.41 38.53 -7.79
CA GLY F 40 38.98 37.77 -6.60
C GLY F 40 37.92 38.51 -5.78
N LEU F 41 37.12 37.75 -5.06
CA LEU F 41 36.29 38.27 -3.97
C LEU F 41 36.45 37.37 -2.76
N ARG F 42 37.07 37.94 -1.71
CA ARG F 42 37.51 37.21 -0.54
C ARG F 42 36.72 37.80 0.58
N LEU F 43 36.12 36.94 1.42
CA LEU F 43 35.35 37.38 2.59
C LEU F 43 36.24 37.76 3.79
N ILE F 44 35.97 38.94 4.35
CA ILE F 44 36.67 39.48 5.52
C ILE F 44 35.87 39.15 6.79
N HIS F 45 34.63 39.67 6.81
CA HIS F 45 33.65 39.51 7.90
C HIS F 45 32.25 39.43 7.33
N TYR F 46 31.32 38.98 8.14
CA TYR F 46 29.92 39.06 7.80
C TYR F 46 29.11 39.16 9.09
N SER F 47 27.80 39.19 8.95
CA SER F 47 26.91 39.38 10.07
C SER F 47 25.53 38.96 9.66
N TYR F 48 24.94 38.00 10.41
CA TYR F 48 23.55 37.51 10.14
C TYR F 48 22.44 38.23 10.91
N VAL F 49 22.81 38.91 12.00
CA VAL F 49 21.93 39.89 12.62
C VAL F 49 22.74 40.99 13.33
N ALA F 50 22.09 42.11 13.61
CA ALA F 50 22.62 43.09 14.57
C ALA F 50 22.57 42.44 15.93
N ASP F 51 23.51 42.63 16.87
CA ASP F 51 24.66 43.48 16.82
C ASP F 51 25.86 42.59 17.01
N SER F 52 25.94 41.52 16.23
CA SER F 52 27.11 40.60 16.28
C SER F 52 27.66 40.28 14.89
N THR F 53 28.91 39.85 14.83
CA THR F 53 29.53 39.57 13.55
C THR F 53 30.42 38.32 13.65
N GLU F 54 30.87 37.89 12.47
CA GLU F 54 31.58 36.63 12.35
C GLU F 54 32.72 36.82 11.40
N LYS F 55 33.76 36.04 11.65
CA LYS F 55 34.97 36.14 10.90
C LYS F 55 34.77 35.40 9.61
N GLY F 56 35.26 35.97 8.51
CA GLY F 56 35.27 35.30 7.22
C GLY F 56 36.61 34.60 7.03
N ASP F 57 37.03 34.51 5.77
CA ASP F 57 38.30 33.86 5.41
C ASP F 57 39.51 34.80 5.64
N ILE F 58 39.33 36.11 5.48
CA ILE F 58 40.38 37.14 5.64
C ILE F 58 40.09 38.05 6.85
N PRO F 59 39.98 37.49 8.06
CA PRO F 59 39.54 38.37 9.14
C PRO F 59 40.66 39.28 9.71
N ASP F 60 41.90 38.81 9.64
CA ASP F 60 43.07 39.47 10.26
C ASP F 60 43.25 40.89 9.83
N GLY F 61 43.22 41.81 10.80
CA GLY F 61 43.46 43.25 10.60
C GLY F 61 42.19 44.08 10.42
N TYR F 62 41.05 43.42 10.41
CA TYR F 62 39.79 44.08 10.13
C TYR F 62 38.94 43.82 11.33
N LYS F 63 38.25 44.83 11.79
CA LYS F 63 37.19 44.68 12.79
C LYS F 63 35.91 45.14 12.14
N ALA F 64 34.78 44.66 12.65
CA ALA F 64 33.49 44.87 12.00
C ALA F 64 32.42 45.30 12.99
N SER F 65 31.38 45.96 12.48
CA SER F 65 30.28 46.41 13.32
C SER F 65 28.96 46.48 12.60
N ARG F 66 27.96 45.90 13.24
CA ARG F 66 26.59 45.86 12.77
C ARG F 66 25.77 46.63 13.78
N PRO F 67 25.84 47.96 13.76
CA PRO F 67 24.92 48.70 14.67
C PRO F 67 23.45 48.36 14.40
N SER F 68 22.90 48.84 13.30
CA SER F 68 21.50 48.63 13.02
C SER F 68 21.33 47.42 12.09
N GLN F 69 20.09 47.04 11.74
CA GLN F 69 19.87 46.03 10.69
C GLN F 69 20.34 46.52 9.32
N GLU F 70 20.18 47.83 9.12
CA GLU F 70 20.48 48.50 7.85
C GLU F 70 21.93 48.93 7.71
N ASN F 71 22.68 49.01 8.83
CA ASN F 71 24.06 49.57 8.83
C ASN F 71 25.16 48.61 9.33
N PHE F 72 26.14 48.34 8.45
CA PHE F 72 27.26 47.40 8.71
C PHE F 72 28.56 48.12 8.31
N SER F 73 29.62 47.91 9.07
CA SER F 73 30.80 48.77 8.98
C SER F 73 32.10 48.05 9.24
N LEU F 74 33.15 48.43 8.49
CA LEU F 74 34.48 47.81 8.55
C LEU F 74 35.46 48.81 9.13
N ILE F 75 36.32 48.37 10.02
CA ILE F 75 37.16 49.28 10.75
C ILE F 75 38.58 48.77 10.65
N LEU F 76 39.50 49.63 10.21
CA LEU F 76 40.93 49.32 10.13
C LEU F 76 41.67 50.08 11.25
N GLU F 77 41.89 49.39 12.37
CA GLU F 77 42.36 50.06 13.59
C GLU F 77 43.59 50.86 13.29
N LEU F 78 44.61 50.17 12.77
CA LEU F 78 45.83 50.78 12.25
C LEU F 78 46.01 50.31 10.82
N ALA F 79 45.85 51.23 9.87
CA ALA F 79 46.00 50.90 8.45
C ALA F 79 47.44 50.45 8.06
N SER F 80 47.52 49.43 7.19
CA SER F 80 48.80 48.89 6.72
C SER F 80 48.86 48.88 5.19
N LEU F 81 50.05 48.67 4.66
CA LEU F 81 50.25 48.66 3.21
C LEU F 81 49.51 47.50 2.53
N SER F 82 49.38 46.35 3.19
CA SER F 82 48.55 45.25 2.67
C SER F 82 47.11 45.72 2.33
N GLN F 83 46.51 46.41 3.30
CA GLN F 83 45.07 46.71 3.29
C GLN F 83 44.59 47.62 2.15
N THR F 84 45.53 48.15 1.37
CA THR F 84 45.25 48.91 0.14
C THR F 84 44.55 48.03 -0.88
N ALA F 85 43.30 48.35 -1.18
CA ALA F 85 42.46 47.54 -2.09
C ALA F 85 41.12 48.21 -2.44
N VAL F 86 40.30 47.50 -3.21
CA VAL F 86 38.91 47.88 -3.46
C VAL F 86 38.06 47.05 -2.51
N TYR F 87 37.05 47.68 -1.89
CA TYR F 87 36.19 47.02 -0.89
C TYR F 87 34.71 46.96 -1.28
N PHE F 88 34.10 45.81 -1.02
CA PHE F 88 32.73 45.58 -1.44
C PHE F 88 31.80 45.16 -0.30
N CYS F 89 30.74 45.94 -0.14
CA CYS F 89 29.67 45.60 0.73
C CYS F 89 28.66 44.77 -0.05
N ALA F 90 27.99 43.87 0.67
CA ALA F 90 26.84 43.19 0.10
C ALA F 90 25.81 42.68 1.15
N SER F 91 24.53 42.74 0.80
CA SER F 91 23.46 42.12 1.61
C SER F 91 23.08 40.78 1.01
N SER F 92 22.34 39.95 1.74
CA SER F 92 21.63 38.81 1.14
C SER F 92 20.54 38.36 2.06
N ASP F 93 19.50 37.76 1.49
CA ASP F 93 18.42 37.15 2.28
C ASP F 93 19.01 35.92 3.03
N ALA F 94 18.45 35.63 4.21
CA ALA F 94 18.81 34.44 4.97
C ALA F 94 18.26 33.21 4.26
N GLY F 95 18.90 32.09 4.53
CA GLY F 95 18.63 30.86 3.79
C GLY F 95 19.61 30.63 2.69
N GLY F 96 19.52 29.44 2.11
CA GLY F 96 20.47 28.98 1.13
C GLY F 96 20.28 29.58 -0.24
N ARG F 97 21.39 29.68 -0.97
CA ARG F 97 21.32 29.97 -2.41
C ARG F 97 20.58 31.24 -2.77
N ASN F 98 20.68 32.24 -1.92
CA ASN F 98 20.09 33.52 -2.21
C ASN F 98 21.14 34.33 -2.88
N THR F 99 20.71 35.31 -3.65
CA THR F 99 21.62 36.13 -4.46
C THR F 99 22.15 37.27 -3.54
N LEU F 100 23.45 37.52 -3.54
CA LEU F 100 24.03 38.66 -2.78
C LEU F 100 23.84 39.89 -3.64
N TYR F 101 23.62 41.00 -2.98
CA TYR F 101 23.46 42.23 -3.69
C TYR F 101 24.58 43.10 -3.20
N PHE F 102 25.28 43.72 -4.15
CA PHE F 102 26.55 44.37 -3.90
C PHE F 102 26.44 45.89 -3.90
N GLY F 103 27.37 46.53 -3.19
CA GLY F 103 27.55 47.98 -3.32
C GLY F 103 28.49 48.35 -4.47
N ALA F 104 28.37 49.58 -4.96
CA ALA F 104 29.18 50.01 -6.09
C ALA F 104 30.69 49.97 -5.83
N GLY F 105 31.15 50.16 -4.61
CA GLY F 105 32.57 49.85 -4.25
C GLY F 105 33.26 50.97 -3.49
N THR F 106 34.42 50.68 -2.91
CA THR F 106 35.18 51.67 -2.09
C THR F 106 36.72 51.39 -2.28
N ARG F 107 37.45 52.36 -2.82
CA ARG F 107 38.85 52.17 -3.09
C ARG F 107 39.61 52.84 -2.04
N LEU F 108 40.66 52.16 -1.60
CA LEU F 108 41.46 52.58 -0.46
C LEU F 108 42.91 52.49 -0.82
N SER F 109 43.56 53.65 -0.80
CA SER F 109 44.99 53.76 -0.92
C SER F 109 45.52 54.01 0.48
N VAL F 110 46.43 53.12 0.89
CA VAL F 110 47.16 53.26 2.15
C VAL F 110 48.60 53.49 1.74
N LEU F 111 49.18 54.57 2.24
CA LEU F 111 50.47 55.02 1.76
C LEU F 111 51.41 55.16 2.95
N GLU F 112 52.71 54.95 2.71
CA GLU F 112 53.74 55.13 3.75
C GLU F 112 53.80 56.58 4.26
N ASP F 113 53.82 57.54 3.34
CA ASP F 113 53.81 58.96 3.69
C ASP F 113 52.94 59.74 2.72
N LEU F 114 52.49 60.91 3.16
CA LEU F 114 51.79 61.84 2.28
C LEU F 114 52.84 62.80 1.71
N ARG F 115 53.76 62.19 0.97
CA ARG F 115 54.89 62.88 0.37
C ARG F 115 54.75 62.97 -1.14
N ASN F 116 53.94 62.09 -1.74
CA ASN F 116 53.82 61.95 -3.19
C ASN F 116 52.39 62.23 -3.73
N VAL F 117 51.50 62.69 -2.84
CA VAL F 117 50.08 62.85 -3.19
C VAL F 117 49.97 64.13 -4.00
N THR F 118 49.81 63.98 -5.30
CA THR F 118 49.80 65.13 -6.20
C THR F 118 48.44 65.24 -6.85
N PRO F 119 47.85 66.44 -6.85
CA PRO F 119 46.61 66.61 -7.62
C PRO F 119 46.83 66.42 -9.10
N PRO F 120 45.73 66.46 -9.87
CA PRO F 120 45.87 66.50 -11.32
C PRO F 120 46.07 67.90 -11.90
N LYS F 121 46.15 67.91 -13.22
CA LYS F 121 46.11 69.07 -14.06
C LYS F 121 45.09 68.75 -15.19
N VAL F 122 44.44 69.74 -15.81
CA VAL F 122 43.22 69.47 -16.62
C VAL F 122 43.06 70.24 -17.95
N SER F 123 43.26 69.51 -19.04
CA SER F 123 43.21 70.05 -20.39
C SER F 123 41.85 69.81 -21.02
N LEU F 124 41.18 70.90 -21.35
CA LEU F 124 40.04 70.78 -22.23
C LEU F 124 40.52 71.17 -23.59
N PHE F 125 40.47 70.19 -24.50
CA PHE F 125 40.61 70.40 -25.92
C PHE F 125 39.24 70.66 -26.53
N GLU F 126 39.13 71.75 -27.29
CA GLU F 126 37.96 72.03 -28.12
C GLU F 126 38.07 71.12 -29.37
N PRO F 127 36.94 70.87 -30.05
CA PRO F 127 36.76 69.70 -30.93
C PRO F 127 37.80 69.46 -31.99
N SER F 128 37.62 68.36 -32.72
CA SER F 128 38.47 68.01 -33.87
C SER F 128 38.35 69.20 -34.84
N LYS F 129 37.13 69.61 -35.19
CA LYS F 129 36.90 70.72 -36.14
C LYS F 129 37.17 70.50 -37.64
N ALA F 130 37.75 69.36 -38.00
CA ALA F 130 37.56 68.58 -39.22
C ALA F 130 36.32 67.66 -39.11
N GLU F 131 35.91 67.29 -37.89
CA GLU F 131 34.69 66.47 -37.67
C GLU F 131 33.36 67.17 -37.98
N ILE F 132 33.29 68.49 -37.77
CA ILE F 132 32.15 69.33 -38.23
C ILE F 132 32.00 69.08 -39.73
N ALA F 133 33.08 69.34 -40.46
CA ALA F 133 33.18 69.13 -41.93
C ALA F 133 32.99 67.66 -42.36
N ASN F 134 33.57 66.72 -41.61
CA ASN F 134 33.42 65.28 -41.89
C ASN F 134 32.03 64.73 -41.60
N LYS F 135 31.67 64.62 -40.32
CA LYS F 135 30.37 64.07 -39.94
C LYS F 135 29.72 64.77 -38.74
N GLN F 136 29.96 66.06 -38.63
CA GLN F 136 29.00 67.00 -38.05
C GLN F 136 28.52 66.81 -36.60
N LYS F 137 29.44 66.48 -35.71
CA LYS F 137 29.26 66.72 -34.25
C LYS F 137 30.61 66.89 -33.54
N ALA F 138 30.60 67.66 -32.47
CA ALA F 138 31.82 68.07 -31.77
C ALA F 138 32.18 67.18 -30.56
N THR F 139 33.35 66.54 -30.63
CA THR F 139 33.82 65.55 -29.64
C THR F 139 34.88 66.20 -28.73
N LEU F 140 34.44 67.12 -27.85
CA LEU F 140 35.36 67.84 -26.91
C LEU F 140 36.00 66.91 -25.86
N VAL F 141 37.32 66.81 -25.91
CA VAL F 141 38.06 65.94 -25.02
C VAL F 141 38.48 66.70 -23.75
N CYS F 142 38.40 66.02 -22.60
CA CYS F 142 39.06 66.44 -21.35
C CYS F 142 40.17 65.45 -21.04
N LEU F 143 41.14 65.88 -20.23
CA LEU F 143 42.18 64.97 -19.82
C LEU F 143 42.81 65.44 -18.54
N ALA F 144 42.80 64.56 -17.54
CA ALA F 144 43.57 64.70 -16.30
C ALA F 144 44.77 63.73 -16.27
N ARG F 145 45.91 64.26 -15.83
CA ARG F 145 47.22 63.60 -15.92
C ARG F 145 48.05 64.08 -14.74
N GLY F 146 49.08 63.31 -14.37
CA GLY F 146 50.07 63.76 -13.38
C GLY F 146 49.52 63.87 -11.98
N PHE F 147 48.53 62.99 -11.72
CA PHE F 147 47.78 62.89 -10.45
C PHE F 147 48.06 61.53 -9.86
N PHE F 148 48.40 61.52 -8.57
CA PHE F 148 48.67 60.32 -7.82
C PHE F 148 48.12 60.51 -6.43
N PRO F 149 47.33 59.57 -5.93
CA PRO F 149 47.09 58.27 -6.56
C PRO F 149 45.69 58.29 -7.20
N ASP F 150 45.45 57.30 -8.07
CA ASP F 150 44.28 57.37 -8.97
C ASP F 150 42.91 57.34 -8.31
N HIS F 151 42.56 58.44 -7.66
CA HIS F 151 41.24 58.61 -7.06
C HIS F 151 40.60 59.86 -7.63
N VAL F 152 40.18 59.75 -8.88
CA VAL F 152 39.55 60.85 -9.65
C VAL F 152 38.15 60.47 -10.25
N GLU F 153 37.25 61.46 -10.34
CA GLU F 153 35.90 61.26 -10.86
C GLU F 153 35.52 62.39 -11.79
N LEU F 154 35.41 62.07 -13.07
CA LEU F 154 35.26 63.11 -14.10
C LEU F 154 33.81 63.47 -14.41
N SER F 155 33.36 64.63 -13.94
CA SER F 155 32.01 65.14 -14.26
C SER F 155 32.10 66.22 -15.36
N TRP F 156 31.09 66.25 -16.25
CA TRP F 156 31.01 67.17 -17.41
C TRP F 156 29.76 68.08 -17.30
N TRP F 157 29.70 69.01 -16.34
CA TRP F 157 28.49 69.86 -16.23
C TRP F 157 28.27 70.80 -17.47
N VAL F 158 27.03 71.25 -17.70
CA VAL F 158 26.62 72.12 -18.85
C VAL F 158 26.13 73.41 -18.07
N ASN F 159 25.20 74.18 -18.64
CA ASN F 159 24.69 75.41 -17.97
C ASN F 159 23.74 75.03 -16.81
N GLY F 160 23.22 73.80 -16.84
CA GLY F 160 22.31 73.35 -15.80
C GLY F 160 22.75 72.02 -15.19
N LYS F 161 22.23 70.93 -15.74
CA LYS F 161 22.56 69.60 -15.25
C LYS F 161 23.66 68.96 -16.10
N GLU F 162 23.97 67.70 -15.82
CA GLU F 162 25.00 66.97 -16.55
C GLU F 162 24.41 65.80 -17.32
N VAL F 163 24.45 65.88 -18.65
CA VAL F 163 23.92 64.82 -19.50
C VAL F 163 24.86 63.63 -19.56
N HIS F 164 24.40 62.50 -19.02
CA HIS F 164 25.21 61.29 -19.00
C HIS F 164 25.39 60.73 -20.41
N SER F 165 24.42 60.99 -21.28
CA SER F 165 24.47 60.51 -22.66
C SER F 165 25.54 61.25 -23.45
N GLY F 166 26.16 60.55 -24.40
CA GLY F 166 27.20 61.14 -25.23
C GLY F 166 28.49 61.34 -24.47
N VAL F 167 28.82 60.41 -23.57
CA VAL F 167 29.99 60.55 -22.71
C VAL F 167 30.72 59.22 -22.55
N CYS F 168 31.50 58.88 -23.58
CA CYS F 168 32.49 57.79 -23.47
C CYS F 168 33.57 58.28 -22.50
N THR F 169 33.39 57.94 -21.24
CA THR F 169 34.30 58.36 -20.18
C THR F 169 35.14 57.13 -19.80
N ASP F 170 36.46 57.29 -19.71
CA ASP F 170 37.37 56.12 -19.63
C ASP F 170 37.00 55.08 -18.53
N PRO F 171 37.63 53.88 -18.59
CA PRO F 171 37.41 52.88 -17.55
C PRO F 171 38.36 52.94 -16.32
N GLN F 172 39.48 53.65 -16.41
CA GLN F 172 40.52 53.56 -15.37
C GLN F 172 41.63 54.56 -15.64
N ALA F 173 42.66 54.49 -14.81
CA ALA F 173 43.87 55.25 -15.04
C ALA F 173 44.69 54.55 -16.11
N TYR F 174 45.61 55.31 -16.72
CA TYR F 174 46.77 54.74 -17.43
C TYR F 174 48.01 55.07 -16.59
N LYS F 175 48.81 54.06 -16.27
CA LYS F 175 50.06 54.27 -15.48
C LYS F 175 51.15 55.03 -16.30
N GLU F 176 50.89 56.31 -16.50
CA GLU F 176 51.76 57.20 -17.28
C GLU F 176 53.19 57.14 -16.73
N SER F 177 53.38 57.57 -15.49
CA SER F 177 54.63 57.36 -14.76
C SER F 177 54.33 56.46 -13.55
N ASN F 178 55.38 55.89 -12.97
CA ASN F 178 55.30 55.15 -11.71
C ASN F 178 54.33 55.88 -10.72
N TYR F 179 54.61 57.16 -10.47
CA TYR F 179 53.87 58.02 -9.51
C TYR F 179 52.95 59.07 -10.21
N SER F 180 52.46 58.76 -11.41
CA SER F 180 51.54 59.65 -12.13
C SER F 180 50.54 58.84 -12.96
N TYR F 181 49.27 59.23 -12.90
CA TYR F 181 48.23 58.58 -13.68
C TYR F 181 47.61 59.53 -14.67
N SER F 182 46.87 58.97 -15.60
CA SER F 182 46.21 59.78 -16.59
C SER F 182 44.78 59.31 -16.73
N LEU F 183 43.93 60.23 -17.14
CA LEU F 183 42.55 59.92 -17.36
C LEU F 183 41.90 60.93 -18.29
N SER F 184 41.36 60.45 -19.41
CA SER F 184 40.67 61.28 -20.38
C SER F 184 39.23 60.75 -20.55
N SER F 185 38.37 61.59 -21.14
CA SER F 185 36.96 61.26 -21.38
C SER F 185 36.45 62.17 -22.47
N ARG F 186 35.62 61.65 -23.36
CA ARG F 186 35.22 62.33 -24.61
C ARG F 186 33.76 62.16 -24.92
N LEU F 187 32.95 64.49 -23.88
CA LEU F 187 31.60 64.35 -24.41
C LEU F 187 31.58 64.59 -25.90
N ARG F 188 30.68 63.94 -26.61
CA ARG F 188 30.35 64.32 -27.98
C ARG F 188 28.99 64.97 -27.97
N VAL F 189 28.84 66.07 -28.70
CA VAL F 189 27.56 66.81 -28.80
C VAL F 189 27.36 67.57 -30.13
N SER F 190 26.14 68.08 -30.28
CA SER F 190 25.53 68.61 -31.53
C SER F 190 26.19 69.71 -32.41
N ALA F 191 25.71 69.76 -33.66
CA ALA F 191 26.14 70.79 -34.60
C ALA F 191 25.63 72.12 -34.07
N THR F 192 24.30 72.30 -34.02
CA THR F 192 23.65 73.53 -33.47
C THR F 192 24.21 73.92 -32.09
N PHE F 193 24.11 72.98 -31.15
CA PHE F 193 24.77 73.12 -29.86
C PHE F 193 26.20 73.06 -30.40
N TRP F 194 27.03 74.02 -29.96
CA TRP F 194 28.49 74.13 -30.21
C TRP F 194 29.03 74.82 -31.48
N HIS F 195 28.12 75.18 -32.41
CA HIS F 195 28.17 76.27 -33.41
C HIS F 195 27.74 77.59 -32.76
N ASN F 196 26.55 77.51 -32.15
CA ASN F 196 25.97 78.64 -31.49
C ASN F 196 26.84 79.00 -30.27
N PRO F 197 27.22 80.29 -30.14
CA PRO F 197 28.04 80.67 -28.97
C PRO F 197 27.35 80.50 -27.63
N ARG F 198 26.01 80.54 -27.60
CA ARG F 198 25.22 80.62 -26.34
C ARG F 198 25.06 79.27 -25.60
N ASN F 199 26.21 78.59 -25.43
CA ASN F 199 26.34 77.29 -24.75
C ASN F 199 27.57 77.34 -23.79
N HIS F 200 27.45 76.69 -22.62
CA HIS F 200 28.53 76.58 -21.61
C HIS F 200 29.06 75.15 -21.52
N PHE F 201 30.38 74.97 -21.68
CA PHE F 201 31.02 73.65 -21.56
C PHE F 201 32.16 73.67 -20.51
N ARG F 202 32.04 72.80 -19.49
CA ARG F 202 32.96 72.68 -18.33
C ARG F 202 33.37 71.22 -18.18
N CYS F 203 34.68 70.94 -18.21
CA CYS F 203 35.28 69.68 -17.67
C CYS F 203 35.55 69.86 -16.16
N GLN F 204 35.16 68.86 -15.35
CA GLN F 204 35.41 68.91 -13.90
C GLN F 204 35.96 67.57 -13.41
N VAL F 205 36.79 67.60 -12.38
CA VAL F 205 37.14 66.39 -11.60
C VAL F 205 37.09 66.63 -10.08
N GLN F 206 36.97 65.54 -9.34
CA GLN F 206 37.28 65.55 -7.92
C GLN F 206 38.39 64.56 -7.66
N PHE F 207 39.46 65.05 -7.00
CA PHE F 207 40.62 64.24 -6.63
C PHE F 207 40.50 63.98 -5.16
N HIS F 208 40.44 62.70 -4.82
CA HIS F 208 40.48 62.28 -3.45
C HIS F 208 41.94 62.13 -3.04
N GLY F 209 42.42 63.17 -2.34
CA GLY F 209 43.71 63.15 -1.66
C GLY F 209 43.42 63.23 -0.17
N LEU F 210 44.07 64.16 0.50
CA LEU F 210 43.95 64.31 1.96
C LEU F 210 42.64 64.99 2.28
N SER F 211 42.19 64.87 3.51
CA SER F 211 41.17 65.77 4.04
C SER F 211 41.90 66.83 4.86
N GLU F 212 41.13 67.77 5.42
CA GLU F 212 41.68 68.75 6.36
C GLU F 212 42.17 68.03 7.64
N GLU F 213 41.35 67.10 8.14
CA GLU F 213 41.73 66.17 9.22
C GLU F 213 43.03 65.39 8.89
N ASP F 214 42.97 64.42 7.96
CA ASP F 214 44.19 63.71 7.49
C ASP F 214 45.38 64.70 7.22
N LYS F 215 46.56 64.36 7.75
CA LYS F 215 47.77 65.18 7.58
C LYS F 215 49.05 64.42 7.91
N SER F 220 55.02 72.14 -0.23
CA SER F 220 53.94 71.53 -1.02
C SER F 220 52.62 72.28 -0.74
N PRO F 221 51.90 72.71 -1.79
CA PRO F 221 50.49 73.17 -1.67
C PRO F 221 49.44 72.06 -1.28
N LYS F 222 48.79 72.23 -0.10
CA LYS F 222 48.14 71.12 0.66
C LYS F 222 47.24 70.32 -0.30
N PRO F 223 47.64 69.07 -0.63
CA PRO F 223 46.95 68.27 -1.66
C PRO F 223 45.61 67.60 -1.24
N VAL F 224 44.70 68.36 -0.63
CA VAL F 224 43.49 67.81 0.02
C VAL F 224 42.38 67.41 -1.01
N THR F 225 41.14 67.18 -0.55
CA THR F 225 40.07 66.66 -1.41
C THR F 225 39.52 67.78 -2.30
N GLN F 226 40.06 67.89 -3.52
CA GLN F 226 39.86 69.08 -4.33
C GLN F 226 38.84 68.96 -5.45
N ASN F 227 38.55 70.10 -6.06
CA ASN F 227 38.06 70.13 -7.42
C ASN F 227 39.05 70.85 -8.32
N ILE F 228 39.10 70.45 -9.58
CA ILE F 228 39.82 71.17 -10.65
C ILE F 228 38.96 71.03 -11.91
N SER F 229 38.67 72.15 -12.57
CA SER F 229 37.82 72.14 -13.74
C SER F 229 38.58 72.70 -14.94
N ALA F 230 37.91 72.84 -16.07
CA ALA F 230 38.46 73.57 -17.22
C ALA F 230 37.32 73.97 -18.15
N GLU F 231 37.10 75.28 -18.36
CA GLU F 231 35.86 75.73 -19.06
C GLU F 231 36.00 76.25 -20.53
N ALA F 232 34.86 76.48 -21.20
CA ALA F 232 34.82 77.01 -22.60
C ALA F 232 33.40 77.39 -23.14
N TRP F 233 33.38 78.30 -24.13
CA TRP F 233 32.17 78.69 -24.90
C TRP F 233 32.25 78.10 -26.31
N GLY F 234 31.16 78.25 -27.06
CA GLY F 234 31.12 77.95 -28.50
C GLY F 234 31.95 78.91 -29.34
N ARG F 235 32.42 78.40 -30.48
CA ARG F 235 33.00 79.23 -31.55
C ARG F 235 31.91 79.44 -32.60
N ALA F 236 31.54 80.70 -32.83
CA ALA F 236 30.38 81.07 -33.65
C ALA F 236 30.38 80.42 -35.02
N GLN G 1 -37.80 -41.79 30.73
CA GLN G 1 -36.53 -41.43 30.03
C GLN G 1 -35.58 -42.64 29.93
N GLN G 2 -35.92 -43.57 29.03
CA GLN G 2 -35.03 -44.68 28.61
C GLN G 2 -33.81 -44.29 27.71
N LYS G 3 -32.79 -45.15 27.63
CA LYS G 3 -31.53 -44.84 26.91
C LYS G 3 -30.94 -46.02 26.10
N GLU G 4 -29.82 -45.77 25.42
CA GLU G 4 -28.96 -46.82 24.82
C GLU G 4 -27.42 -46.46 24.82
N LYS G 5 -26.55 -47.25 24.16
CA LYS G 5 -25.10 -46.94 24.00
C LYS G 5 -24.47 -47.61 22.74
N GLN G 10 -16.18 -42.49 12.15
CA GLN G 10 -15.75 -41.13 11.82
C GLN G 10 -16.58 -40.05 12.54
N VAL G 11 -17.90 -40.20 12.51
CA VAL G 11 -18.87 -39.37 13.26
C VAL G 11 -19.59 -40.25 14.27
N ARG G 12 -19.47 -39.95 15.57
CA ARG G 12 -20.11 -40.75 16.62
C ARG G 12 -21.25 -40.01 17.28
N GLN G 13 -22.37 -40.70 17.43
CA GLN G 13 -23.59 -40.12 17.95
C GLN G 13 -24.05 -40.96 19.15
N SER G 14 -24.18 -40.35 20.32
CA SER G 14 -24.81 -40.99 21.47
C SER G 14 -25.90 -40.06 21.96
N PRO G 15 -26.93 -40.55 22.66
CA PRO G 15 -27.24 -41.98 22.75
C PRO G 15 -27.72 -42.54 21.42
N GLN G 16 -28.04 -43.83 21.38
CA GLN G 16 -28.63 -44.48 20.19
C GLN G 16 -30.12 -44.20 20.17
N SER G 17 -30.69 -44.17 21.36
CA SER G 17 -32.12 -44.21 21.56
C SER G 17 -32.43 -43.34 22.75
N LEU G 18 -33.50 -42.54 22.67
CA LEU G 18 -33.89 -41.63 23.76
C LEU G 18 -35.41 -41.35 23.90
N THR G 19 -35.88 -41.51 25.14
CA THR G 19 -37.21 -41.07 25.56
C THR G 19 -37.09 -39.92 26.59
N VAL G 20 -37.87 -38.85 26.40
CA VAL G 20 -37.87 -37.72 27.31
C VAL G 20 -39.29 -37.22 27.42
N TRP G 21 -39.56 -36.48 28.48
CA TRP G 21 -40.91 -36.02 28.69
C TRP G 21 -41.19 -34.77 27.87
N GLU G 22 -42.46 -34.61 27.49
CA GLU G 22 -42.96 -33.35 26.97
C GLU G 22 -42.52 -32.23 27.91
N GLY G 23 -42.32 -31.05 27.34
CA GLY G 23 -41.83 -29.88 28.08
C GLY G 23 -40.34 -29.87 28.35
N GLY G 24 -39.66 -31.02 28.28
CA GLY G 24 -38.26 -31.14 28.69
C GLY G 24 -37.29 -30.40 27.78
N THR G 25 -36.02 -30.39 28.17
CA THR G 25 -34.93 -30.05 27.23
C THR G 25 -34.30 -31.39 26.83
N THR G 26 -33.80 -31.44 25.59
CA THR G 26 -33.21 -32.64 25.03
C THR G 26 -31.86 -32.31 24.48
N VAL G 27 -30.92 -33.23 24.72
CA VAL G 27 -29.52 -33.02 24.38
C VAL G 27 -28.98 -34.21 23.61
N LEU G 28 -28.73 -33.96 22.33
CA LEU G 28 -28.03 -34.90 21.48
C LEU G 28 -26.56 -34.48 21.43
N THR G 29 -25.68 -35.48 21.42
CA THR G 29 -24.25 -35.26 21.33
C THR G 29 -23.71 -35.95 20.09
N CYS G 30 -22.50 -35.54 19.78
CA CYS G 30 -21.82 -35.96 18.59
C CYS G 30 -20.34 -35.63 18.75
N SER G 31 -19.49 -36.55 18.33
CA SER G 31 -18.05 -36.34 18.31
C SER G 31 -17.46 -36.84 17.01
N TYR G 32 -16.48 -36.11 16.49
CA TYR G 32 -15.85 -36.42 15.18
C TYR G 32 -14.34 -36.56 15.33
N GLU G 33 -13.71 -37.25 14.39
CA GLU G 33 -12.29 -37.56 14.42
C GLU G 33 -11.46 -36.87 13.33
N ASP G 34 -12.10 -36.34 12.27
CA ASP G 34 -11.39 -35.49 11.25
C ASP G 34 -11.40 -34.03 11.66
N SER G 35 -10.39 -33.66 12.46
CA SER G 35 -10.12 -32.28 12.92
C SER G 35 -10.29 -31.17 11.88
N THR G 36 -10.05 -31.54 10.63
CA THR G 36 -10.12 -30.62 9.54
C THR G 36 -11.59 -30.31 9.11
N PHE G 37 -12.57 -31.12 9.51
CA PHE G 37 -13.97 -30.88 9.13
C PHE G 37 -14.41 -29.45 9.44
N ASN G 38 -15.30 -28.93 8.59
CA ASN G 38 -15.67 -27.53 8.58
C ASN G 38 -17.09 -27.33 8.98
N TYR G 39 -18.02 -27.99 8.26
CA TYR G 39 -19.46 -27.67 8.30
C TYR G 39 -20.32 -28.88 8.66
N PHE G 40 -21.28 -28.58 9.52
CA PHE G 40 -22.00 -29.57 10.26
C PHE G 40 -23.49 -29.21 10.19
N PRO G 41 -24.23 -29.93 9.36
CA PRO G 41 -25.67 -29.92 9.41
C PRO G 41 -26.29 -31.07 10.26
N TRP G 42 -27.57 -30.95 10.50
CA TRP G 42 -28.34 -31.89 11.29
C TRP G 42 -29.56 -32.23 10.48
N TYR G 43 -29.78 -33.49 10.19
CA TYR G 43 -30.99 -33.86 9.48
C TYR G 43 -31.99 -34.47 10.44
N GLN G 44 -33.26 -34.31 10.10
CA GLN G 44 -34.39 -34.73 10.92
C GLN G 44 -35.18 -35.78 10.16
N GLN G 45 -35.30 -36.98 10.71
CA GLN G 45 -36.12 -37.99 10.07
C GLN G 45 -37.38 -38.39 10.86
N PHE G 46 -38.51 -37.87 10.38
CA PHE G 46 -39.79 -38.29 10.86
C PHE G 46 -40.11 -39.61 10.20
N PRO G 47 -40.71 -40.57 10.95
CA PRO G 47 -41.03 -41.88 10.39
C PRO G 47 -42.07 -41.78 9.27
N GLY G 48 -41.97 -42.69 8.29
CA GLY G 48 -42.71 -42.61 7.02
C GLY G 48 -42.10 -41.72 5.96
N GLU G 49 -41.01 -41.03 6.31
CA GLU G 49 -40.38 -40.00 5.47
C GLU G 49 -38.88 -40.09 5.54
N GLY G 50 -38.23 -39.51 4.53
CA GLY G 50 -36.77 -39.50 4.43
C GLY G 50 -36.23 -38.34 5.21
N PRO G 51 -34.91 -38.29 5.39
CA PRO G 51 -34.38 -37.16 6.16
C PRO G 51 -34.57 -35.74 5.53
N ALA G 52 -34.53 -34.72 6.36
CA ALA G 52 -34.66 -33.33 5.92
C ALA G 52 -33.84 -32.40 6.82
N LEU G 53 -33.19 -31.44 6.19
CA LEU G 53 -32.22 -30.64 6.88
C LEU G 53 -32.95 -29.79 7.89
N LEU G 54 -32.39 -29.73 9.09
CA LEU G 54 -33.02 -29.10 10.26
C LEU G 54 -32.36 -27.76 10.53
N ILE G 55 -31.05 -27.84 10.77
CA ILE G 55 -30.21 -26.74 11.24
C ILE G 55 -28.75 -27.06 10.93
N SER G 56 -27.92 -26.08 10.56
CA SER G 56 -26.50 -26.36 10.18
C SER G 56 -25.53 -25.32 10.72
N ILE G 57 -24.24 -25.66 10.82
CA ILE G 57 -23.26 -24.81 11.52
C ILE G 57 -21.78 -24.99 11.07
N LEU G 58 -21.10 -23.85 10.81
CA LEU G 58 -19.69 -23.79 10.42
C LEU G 58 -18.75 -23.90 11.61
N SER G 59 -17.48 -24.18 11.33
CA SER G 59 -16.49 -24.29 12.41
C SER G 59 -16.08 -22.91 12.99
N VAL G 60 -16.38 -21.81 12.28
CA VAL G 60 -16.17 -20.45 12.82
C VAL G 60 -17.23 -20.02 13.88
N SER G 61 -18.44 -20.58 13.85
CA SER G 61 -19.43 -20.25 14.88
C SER G 61 -19.25 -21.22 16.02
N ASP G 62 -19.63 -20.77 17.21
CA ASP G 62 -19.68 -21.63 18.39
C ASP G 62 -21.10 -22.06 18.65
N LYS G 63 -22.08 -21.19 18.39
CA LYS G 63 -23.46 -21.64 18.39
C LYS G 63 -24.31 -21.07 17.26
N LYS G 64 -25.26 -21.90 16.83
CA LYS G 64 -26.31 -21.51 15.90
C LYS G 64 -27.61 -21.81 16.62
N GLU G 65 -28.62 -20.96 16.39
CA GLU G 65 -29.86 -21.00 17.12
C GLU G 65 -31.06 -20.72 16.20
N ASP G 66 -31.83 -21.74 15.93
CA ASP G 66 -32.97 -21.63 15.06
C ASP G 66 -34.23 -21.96 15.91
N GLY G 67 -34.62 -21.00 16.75
CA GLY G 67 -35.88 -21.01 17.50
C GLY G 67 -36.47 -22.21 18.19
N ARG G 68 -35.87 -22.63 19.31
CA ARG G 68 -36.13 -23.91 20.01
C ARG G 68 -35.38 -25.12 19.48
N PHE G 69 -34.61 -24.95 18.41
CA PHE G 69 -33.45 -25.73 18.05
C PHE G 69 -32.25 -24.81 18.14
N THR G 70 -31.14 -25.33 18.62
CA THR G 70 -29.94 -24.56 18.71
C THR G 70 -28.74 -25.51 18.80
N THR G 71 -27.79 -25.39 17.86
CA THR G 71 -26.59 -26.25 17.79
C THR G 71 -25.40 -25.48 18.35
N PHE G 72 -24.54 -26.22 19.06
CA PHE G 72 -23.32 -25.72 19.72
C PHE G 72 -22.08 -26.45 19.19
N PHE G 73 -20.99 -25.73 18.95
CA PHE G 73 -19.79 -26.34 18.37
C PHE G 73 -18.58 -26.14 19.28
N ASN G 74 -17.72 -27.16 19.40
CA ASN G 74 -16.52 -27.12 20.27
C ASN G 74 -15.23 -27.82 19.72
N LYS G 75 -14.26 -27.00 19.30
CA LYS G 75 -13.09 -27.45 18.54
C LYS G 75 -12.07 -28.25 19.37
N ARG G 76 -11.66 -27.65 20.50
CA ARG G 76 -10.64 -28.21 21.44
C ARG G 76 -10.79 -29.71 21.69
N GLU G 77 -12.02 -30.11 22.06
CA GLU G 77 -12.37 -31.51 22.30
C GLU G 77 -13.12 -32.12 21.10
N LYS G 78 -13.26 -31.36 20.00
CA LYS G 78 -13.64 -31.92 18.69
C LYS G 78 -15.04 -32.54 18.76
N LYS G 79 -15.98 -31.77 19.31
CA LYS G 79 -17.33 -32.25 19.74
C LYS G 79 -18.41 -31.22 19.43
N LEU G 80 -19.66 -31.66 19.28
CA LEU G 80 -20.78 -30.72 19.06
C LEU G 80 -22.13 -31.33 19.45
N SER G 81 -23.19 -30.50 19.47
CA SER G 81 -24.44 -30.90 20.10
C SER G 81 -25.67 -30.08 19.70
N LEU G 82 -26.84 -30.68 19.91
CA LEU G 82 -28.15 -30.09 19.58
C LEU G 82 -29.13 -30.06 20.78
N HIS G 83 -29.66 -28.87 21.08
CA HIS G 83 -30.49 -28.66 22.25
C HIS G 83 -31.86 -28.26 21.77
N ILE G 84 -32.87 -29.10 22.10
CA ILE G 84 -34.30 -28.74 21.94
C ILE G 84 -34.80 -28.26 23.30
N ILE G 85 -35.60 -27.18 23.30
CA ILE G 85 -35.91 -26.47 24.51
C ILE G 85 -37.24 -26.93 25.04
N ASP G 86 -38.27 -26.82 24.23
CA ASP G 86 -39.58 -27.14 24.71
C ASP G 86 -39.87 -28.62 24.57
N SER G 87 -39.32 -29.26 23.54
CA SER G 87 -39.40 -30.72 23.40
C SER G 87 -40.85 -31.27 23.44
N GLN G 88 -41.60 -30.99 22.38
CA GLN G 88 -42.97 -31.44 22.28
C GLN G 88 -43.03 -32.69 21.38
N PRO G 89 -44.18 -33.41 21.31
CA PRO G 89 -44.16 -34.70 20.60
C PRO G 89 -44.08 -34.59 19.08
N GLY G 90 -44.40 -33.43 18.49
CA GLY G 90 -44.13 -33.15 17.06
C GLY G 90 -42.65 -33.10 16.67
N ASP G 91 -41.77 -33.43 17.63
CA ASP G 91 -40.33 -33.54 17.48
C ASP G 91 -39.83 -34.97 17.55
N SER G 92 -40.72 -35.95 17.42
CA SER G 92 -40.32 -37.35 17.62
C SER G 92 -39.86 -37.98 16.31
N ALA G 93 -38.55 -38.03 16.20
CA ALA G 93 -37.87 -38.30 14.95
C ALA G 93 -36.53 -38.93 15.28
N THR G 94 -35.80 -39.30 14.23
CA THR G 94 -34.43 -39.70 14.36
C THR G 94 -33.64 -38.48 13.93
N TYR G 95 -32.58 -38.15 14.65
CA TYR G 95 -31.80 -36.97 14.35
C TYR G 95 -30.42 -37.41 14.01
N PHE G 96 -29.90 -36.86 12.92
CA PHE G 96 -28.56 -37.18 12.40
C PHE G 96 -27.59 -36.00 12.46
N CYS G 97 -26.40 -36.27 12.95
CA CYS G 97 -25.38 -35.27 13.07
C CYS G 97 -24.48 -35.52 11.92
N ALA G 98 -24.12 -34.46 11.20
CA ALA G 98 -23.44 -34.63 9.92
C ALA G 98 -22.21 -33.82 9.95
N ALA G 99 -21.22 -34.20 9.12
CA ALA G 99 -19.89 -33.60 9.11
C ALA G 99 -19.14 -33.76 7.80
N LEU G 100 -18.47 -32.70 7.36
CA LEU G 100 -17.72 -32.69 6.10
C LEU G 100 -16.69 -31.57 6.16
N TYR G 101 -15.65 -31.73 5.33
CA TYR G 101 -14.63 -30.70 5.06
C TYR G 101 -14.85 -30.24 3.65
N GLY G 102 -14.54 -28.97 3.44
CA GLY G 102 -14.50 -28.40 2.12
C GLY G 102 -15.79 -28.57 1.39
N ASN G 103 -15.67 -29.14 0.18
CA ASN G 103 -16.81 -29.60 -0.60
C ASN G 103 -16.84 -31.14 -0.70
N GLU G 104 -16.52 -31.82 0.40
CA GLU G 104 -16.49 -33.26 0.38
C GLU G 104 -17.82 -33.85 0.72
N LYS G 105 -17.91 -35.18 0.58
CA LYS G 105 -19.21 -35.85 0.69
C LYS G 105 -19.56 -35.79 2.13
N ILE G 106 -20.70 -35.16 2.40
CA ILE G 106 -21.29 -35.17 3.73
C ILE G 106 -21.18 -36.52 4.38
N THR G 107 -20.69 -36.53 5.62
CA THR G 107 -20.62 -37.74 6.41
C THR G 107 -21.76 -37.70 7.42
N PHE G 108 -22.45 -38.82 7.53
CA PHE G 108 -23.60 -38.96 8.39
C PHE G 108 -23.26 -39.80 9.62
N GLY G 109 -23.78 -39.40 10.79
CA GLY G 109 -23.71 -40.22 11.99
C GLY G 109 -24.60 -41.44 11.98
N ALA G 110 -24.62 -42.19 13.08
CA ALA G 110 -25.48 -43.38 13.23
C ALA G 110 -26.97 -43.08 13.55
N GLY G 111 -27.26 -41.89 14.07
CA GLY G 111 -28.64 -41.49 14.43
C GLY G 111 -28.84 -41.57 15.94
N THR G 112 -29.78 -40.78 16.44
CA THR G 112 -30.37 -40.98 17.78
C THR G 112 -31.87 -40.97 17.61
N LYS G 113 -32.57 -41.93 18.20
CA LYS G 113 -34.04 -42.02 18.02
C LYS G 113 -34.80 -41.35 19.16
N LEU G 114 -35.36 -40.17 18.87
CA LEU G 114 -35.97 -39.35 19.89
C LEU G 114 -37.43 -39.63 19.92
N THR G 115 -37.91 -40.00 21.12
CA THR G 115 -39.35 -40.15 21.43
C THR G 115 -39.70 -39.13 22.50
N ILE G 116 -40.53 -38.15 22.15
CA ILE G 116 -41.09 -37.19 23.10
C ILE G 116 -42.41 -37.75 23.56
N LYS G 117 -42.40 -38.42 24.69
CA LYS G 117 -43.62 -38.95 25.24
C LYS G 117 -44.53 -37.75 25.56
N PRO G 118 -45.83 -37.83 25.22
CA PRO G 118 -46.69 -36.71 25.54
C PRO G 118 -47.10 -36.80 27.01
N ASN G 119 -47.80 -35.79 27.49
CA ASN G 119 -47.94 -35.59 28.93
C ASN G 119 -49.12 -36.32 29.61
N ILE G 120 -50.15 -36.65 28.81
CA ILE G 120 -51.39 -37.40 29.18
C ILE G 120 -52.61 -36.48 29.06
N ALA H 1 -39.02 -32.16 -5.27
CA ALA H 1 -39.74 -33.39 -4.84
C ALA H 1 -39.03 -34.66 -5.33
N VAL H 2 -38.62 -35.49 -4.37
CA VAL H 2 -38.02 -36.81 -4.62
C VAL H 2 -39.14 -37.86 -4.38
N THR H 3 -39.14 -38.94 -5.18
CA THR H 3 -40.08 -40.02 -5.02
C THR H 3 -39.42 -41.35 -5.44
N GLN H 4 -39.43 -42.35 -4.56
CA GLN H 4 -38.91 -43.69 -4.88
C GLN H 4 -40.08 -44.64 -5.13
N SER H 5 -39.78 -45.73 -5.84
CA SER H 5 -40.67 -46.89 -5.93
C SER H 5 -39.78 -48.10 -6.20
N PRO H 6 -40.15 -49.31 -5.77
CA PRO H 6 -41.34 -49.57 -4.96
C PRO H 6 -41.11 -49.16 -3.52
N ARG H 7 -42.21 -48.78 -2.86
CA ARG H 7 -42.19 -48.43 -1.44
C ARG H 7 -41.75 -49.60 -0.59
N SER H 8 -42.11 -50.81 -1.00
CA SER H 8 -41.77 -52.00 -0.23
C SER H 8 -41.55 -53.22 -1.16
N LYS H 9 -40.47 -53.98 -0.91
CA LYS H 9 -40.16 -55.19 -1.69
C LYS H 9 -39.66 -56.36 -0.84
N VAL H 10 -40.18 -57.55 -1.15
CA VAL H 10 -39.72 -58.83 -0.60
C VAL H 10 -39.06 -59.65 -1.69
N ALA H 11 -37.92 -60.25 -1.35
CA ALA H 11 -37.13 -60.96 -2.32
C ALA H 11 -36.44 -62.16 -1.76
N VAL H 12 -36.35 -63.19 -2.59
CA VAL H 12 -35.70 -64.44 -2.27
C VAL H 12 -34.23 -64.18 -2.57
N THR H 13 -33.34 -64.82 -1.79
CA THR H 13 -31.90 -64.69 -2.06
C THR H 13 -31.51 -65.18 -3.48
N GLY H 14 -30.44 -64.62 -4.02
CA GLY H 14 -30.07 -64.86 -5.40
C GLY H 14 -31.02 -64.29 -6.42
N GLY H 15 -31.96 -63.45 -5.99
CA GLY H 15 -32.94 -62.84 -6.90
C GLY H 15 -32.41 -61.50 -7.40
N LYS H 16 -33.08 -60.96 -8.42
CA LYS H 16 -32.73 -59.64 -8.99
C LYS H 16 -33.74 -58.56 -8.55
N VAL H 17 -33.23 -57.57 -7.81
CA VAL H 17 -34.06 -56.48 -7.30
C VAL H 17 -33.56 -55.16 -7.85
N THR H 18 -34.48 -54.37 -8.40
CA THR H 18 -34.17 -53.09 -8.99
C THR H 18 -35.07 -52.01 -8.35
N LEU H 19 -34.48 -51.05 -7.64
CA LEU H 19 -35.21 -49.93 -7.01
C LEU H 19 -34.87 -48.64 -7.77
N SER H 20 -35.89 -47.83 -8.02
CA SER H 20 -35.76 -46.67 -8.82
C SER H 20 -36.28 -45.49 -8.05
N CYS H 21 -35.78 -44.33 -8.48
CA CYS H 21 -35.95 -43.04 -7.83
C CYS H 21 -36.29 -42.08 -8.92
N HIS H 22 -36.79 -40.91 -8.55
CA HIS H 22 -37.06 -39.89 -9.55
C HIS H 22 -37.24 -38.48 -9.00
N GLN H 23 -36.45 -37.51 -9.50
CA GLN H 23 -36.37 -36.17 -8.92
C GLN H 23 -36.70 -35.07 -9.92
N THR H 24 -37.60 -34.18 -9.52
CA THR H 24 -37.97 -33.01 -10.28
C THR H 24 -37.38 -31.76 -9.65
N ASN H 25 -36.37 -31.93 -8.80
CA ASN H 25 -35.60 -30.80 -8.24
C ASN H 25 -34.59 -30.25 -9.25
N ASN H 26 -34.42 -30.99 -10.36
CA ASN H 26 -33.54 -30.63 -11.46
C ASN H 26 -32.06 -30.70 -11.08
N HIS H 27 -31.76 -31.43 -10.02
CA HIS H 27 -30.40 -31.55 -9.55
C HIS H 27 -29.58 -32.50 -10.40
N ASP H 28 -28.25 -32.47 -10.22
CA ASP H 28 -27.35 -33.33 -10.97
C ASP H 28 -26.83 -34.44 -10.11
N TYR H 29 -26.48 -34.13 -8.87
CA TYR H 29 -26.05 -35.19 -7.95
C TYR H 29 -27.29 -35.97 -7.42
N MET H 30 -27.12 -37.30 -7.35
CA MET H 30 -28.12 -38.17 -6.82
C MET H 30 -27.40 -39.22 -6.05
N TYR H 31 -28.01 -39.71 -4.96
CA TYR H 31 -27.34 -40.60 -3.97
C TYR H 31 -28.22 -41.74 -3.46
N TRP H 32 -27.72 -42.97 -3.56
CA TRP H 32 -28.35 -44.12 -2.93
C TRP H 32 -27.71 -44.39 -1.57
N TYR H 33 -28.45 -44.07 -0.50
CA TYR H 33 -28.04 -44.34 0.88
C TYR H 33 -28.73 -45.56 1.52
N ARG H 34 -28.05 -46.20 2.46
CA ARG H 34 -28.57 -47.39 3.14
C ARG H 34 -28.61 -47.21 4.65
N GLN H 35 -29.82 -47.34 5.19
CA GLN H 35 -30.10 -47.21 6.61
C GLN H 35 -30.32 -48.60 7.17
N ASP H 36 -29.56 -48.98 8.21
CA ASP H 36 -29.73 -50.28 8.88
C ASP H 36 -30.31 -50.13 10.29
N THR H 37 -31.45 -50.76 10.53
CA THR H 37 -32.15 -50.69 11.85
C THR H 37 -32.72 -49.26 12.15
N GLY H 38 -33.04 -48.47 11.12
CA GLY H 38 -33.29 -47.03 11.34
C GLY H 38 -32.07 -46.19 11.82
N HIS H 39 -30.86 -46.70 11.57
CA HIS H 39 -29.61 -46.30 12.26
C HIS H 39 -28.43 -46.17 11.25
N GLY H 40 -27.95 -44.96 11.06
CA GLY H 40 -26.89 -44.67 10.08
C GLY H 40 -27.43 -44.26 8.71
N LEU H 41 -26.65 -43.47 7.98
CA LEU H 41 -26.82 -43.28 6.53
C LEU H 41 -25.46 -43.41 5.84
N ARG H 42 -25.35 -44.49 5.06
CA ARG H 42 -24.10 -44.97 4.52
C ARG H 42 -24.25 -44.93 3.02
N LEU H 43 -23.29 -44.30 2.33
CA LEU H 43 -23.41 -44.10 0.87
C LEU H 43 -22.99 -45.29 0.10
N ILE H 44 -23.86 -45.72 -0.82
CA ILE H 44 -23.63 -46.90 -1.65
C ILE H 44 -22.94 -46.42 -2.89
N HIS H 45 -23.70 -45.64 -3.68
CA HIS H 45 -23.31 -45.10 -4.98
C HIS H 45 -23.79 -43.65 -5.07
N TYR H 46 -23.31 -42.93 -6.05
CA TYR H 46 -23.87 -41.66 -6.41
C TYR H 46 -23.52 -41.35 -7.85
N SER H 47 -23.94 -40.19 -8.33
CA SER H 47 -23.87 -39.90 -9.74
C SER H 47 -23.99 -38.41 -9.96
N TYR H 48 -22.95 -37.78 -10.55
CA TYR H 48 -22.99 -36.30 -10.78
C TYR H 48 -23.53 -35.82 -12.14
N VAL H 49 -23.62 -36.76 -13.07
CA VAL H 49 -24.42 -36.54 -14.27
C VAL H 49 -24.83 -37.87 -14.86
N ALA H 50 -25.84 -37.86 -15.73
CA ALA H 50 -26.14 -39.02 -16.58
C ALA H 50 -24.97 -39.17 -17.54
N ASP H 51 -24.51 -40.36 -17.95
CA ASP H 51 -25.00 -41.68 -17.61
C ASP H 51 -23.87 -42.44 -16.93
N SER H 52 -23.24 -41.84 -15.95
CA SER H 52 -22.10 -42.48 -15.26
C SER H 52 -22.27 -42.35 -13.77
N THR H 53 -21.68 -43.27 -13.03
CA THR H 53 -21.88 -43.32 -11.60
C THR H 53 -20.56 -43.58 -10.93
N GLU H 54 -20.56 -43.47 -9.60
CA GLU H 54 -19.36 -43.55 -8.81
C GLU H 54 -19.65 -44.31 -7.55
N LYS H 55 -18.64 -45.01 -7.08
CA LYS H 55 -18.77 -45.84 -5.91
C LYS H 55 -18.75 -44.97 -4.66
N GLY H 56 -19.57 -45.32 -3.68
CA GLY H 56 -19.55 -44.66 -2.37
C GLY H 56 -18.68 -45.43 -1.40
N ASP H 57 -19.07 -45.42 -0.13
CA ASP H 57 -18.35 -46.14 0.95
C ASP H 57 -18.75 -47.64 1.04
N ILE H 58 -20.01 -47.94 0.65
CA ILE H 58 -20.60 -49.31 0.62
C ILE H 58 -20.95 -49.77 -0.79
N PRO H 59 -19.98 -49.80 -1.73
CA PRO H 59 -20.37 -50.11 -3.12
C PRO H 59 -20.67 -51.59 -3.41
N ASP H 60 -19.97 -52.50 -2.70
CA ASP H 60 -19.99 -53.98 -2.88
C ASP H 60 -21.39 -54.60 -2.91
N GLY H 61 -21.71 -55.24 -4.03
CA GLY H 61 -22.99 -55.94 -4.20
C GLY H 61 -24.10 -55.12 -4.84
N TYR H 62 -23.81 -53.86 -5.11
CA TYR H 62 -24.80 -52.93 -5.61
C TYR H 62 -24.25 -52.38 -6.87
N LYS H 63 -25.07 -52.38 -7.91
CA LYS H 63 -24.74 -51.72 -9.15
C LYS H 63 -25.74 -50.60 -9.29
N ALA H 64 -25.39 -49.58 -10.07
CA ALA H 64 -26.17 -48.34 -10.14
C ALA H 64 -26.35 -47.88 -11.56
N SER H 65 -27.44 -47.17 -11.83
CA SER H 65 -27.71 -46.65 -13.18
C SER H 65 -28.36 -45.31 -13.20
N ARG H 66 -27.80 -44.42 -14.02
CA ARG H 66 -28.29 -43.05 -14.23
C ARG H 66 -28.73 -42.96 -15.70
N PRO H 67 -29.91 -43.50 -16.02
CA PRO H 67 -30.38 -43.31 -17.39
C PRO H 67 -30.57 -41.84 -17.71
N SER H 68 -31.59 -41.19 -17.15
CA SER H 68 -31.86 -39.77 -17.41
C SER H 68 -31.22 -38.88 -16.33
N GLN H 69 -31.40 -37.55 -16.46
CA GLN H 69 -31.02 -36.63 -15.38
C GLN H 69 -31.95 -36.78 -14.16
N GLU H 70 -33.21 -37.08 -14.46
CA GLU H 70 -34.27 -37.25 -13.48
C GLU H 70 -34.34 -38.66 -12.84
N ASN H 71 -33.76 -39.68 -13.50
CA ASN H 71 -33.88 -41.08 -13.05
C ASN H 71 -32.57 -41.78 -12.67
N PHE H 72 -32.48 -42.24 -11.42
CA PHE H 72 -31.29 -42.94 -10.91
C PHE H 72 -31.80 -44.21 -10.22
N SER H 73 -31.02 -45.31 -10.34
CA SER H 73 -31.48 -46.66 -10.03
C SER H 73 -30.43 -47.66 -9.43
N LEU H 74 -30.87 -48.42 -8.44
CA LEU H 74 -30.02 -49.32 -7.69
C LEU H 74 -30.40 -50.75 -8.06
N ILE H 75 -29.41 -51.58 -8.37
CA ILE H 75 -29.65 -52.94 -8.87
C ILE H 75 -28.88 -53.93 -7.97
N LEU H 76 -29.59 -54.93 -7.46
CA LEU H 76 -29.01 -56.01 -6.66
C LEU H 76 -28.98 -57.28 -7.50
N GLU H 77 -27.86 -57.53 -8.17
CA GLU H 77 -27.79 -58.59 -9.18
C GLU H 77 -28.31 -59.91 -8.65
N LEU H 78 -27.73 -60.32 -7.52
CA LEU H 78 -28.19 -61.47 -6.74
C LEU H 78 -28.39 -61.00 -5.31
N ALA H 79 -29.66 -60.94 -4.88
CA ALA H 79 -29.96 -60.47 -3.54
C ALA H 79 -29.36 -61.40 -2.47
N SER H 80 -28.85 -60.83 -1.38
CA SER H 80 -28.28 -61.59 -0.25
C SER H 80 -28.91 -61.14 1.11
N LEU H 81 -28.71 -61.95 2.15
CA LEU H 81 -29.29 -61.66 3.46
C LEU H 81 -28.75 -60.40 4.08
N SER H 82 -27.51 -60.02 3.77
CA SER H 82 -26.98 -58.71 4.18
C SER H 82 -27.84 -57.56 3.61
N GLN H 83 -28.16 -57.64 2.33
CA GLN H 83 -28.80 -56.51 1.63
C GLN H 83 -30.22 -56.12 2.10
N THR H 84 -30.78 -56.89 3.05
CA THR H 84 -32.05 -56.56 3.75
C THR H 84 -31.90 -55.27 4.58
N ALA H 85 -32.65 -54.22 4.19
CA ALA H 85 -32.53 -52.90 4.81
C ALA H 85 -33.61 -51.93 4.33
N VAL H 86 -33.52 -50.70 4.85
CA VAL H 86 -34.26 -49.54 4.33
C VAL H 86 -33.32 -48.79 3.35
N TYR H 87 -33.85 -48.32 2.21
CA TYR H 87 -33.05 -47.59 1.21
C TYR H 87 -33.56 -46.19 0.88
N PHE H 88 -32.62 -45.26 0.79
CA PHE H 88 -32.94 -43.84 0.63
C PHE H 88 -32.31 -43.19 -0.61
N CYS H 89 -33.20 -42.63 -1.42
CA CYS H 89 -32.79 -41.87 -2.56
C CYS H 89 -32.65 -40.45 -2.16
N ALA H 90 -31.67 -39.75 -2.74
CA ALA H 90 -31.56 -38.31 -2.55
C ALA H 90 -30.95 -37.58 -3.76
N SER H 91 -31.43 -36.38 -4.04
CA SER H 91 -30.82 -35.44 -4.98
C SER H 91 -30.09 -34.31 -4.23
N SER H 92 -29.15 -33.62 -4.90
CA SER H 92 -28.60 -32.37 -4.36
C SER H 92 -28.12 -31.54 -5.50
N ASP H 93 -28.05 -30.22 -5.28
CA ASP H 93 -27.45 -29.30 -6.25
C ASP H 93 -25.95 -29.54 -6.23
N ALA H 94 -25.29 -29.27 -7.36
CA ALA H 94 -23.82 -29.36 -7.45
C ALA H 94 -23.18 -28.23 -6.68
N GLY H 95 -21.91 -28.40 -6.36
CA GLY H 95 -21.21 -27.51 -5.44
C GLY H 95 -21.23 -27.98 -4.00
N GLY H 96 -20.49 -27.25 -3.18
CA GLY H 96 -20.30 -27.58 -1.79
C GLY H 96 -21.51 -27.22 -0.94
N ARG H 97 -21.64 -27.95 0.17
CA ARG H 97 -22.54 -27.56 1.27
C ARG H 97 -23.99 -27.27 0.84
N ASN H 98 -24.46 -28.01 -0.15
CA ASN H 98 -25.86 -27.94 -0.54
C ASN H 98 -26.62 -28.99 0.26
N THR H 99 -27.89 -28.72 0.43
CA THR H 99 -28.75 -29.57 1.22
C THR H 99 -29.22 -30.77 0.30
N LEU H 100 -29.10 -32.00 0.79
CA LEU H 100 -29.62 -33.17 0.07
C LEU H 100 -31.07 -33.18 0.32
N TYR H 101 -31.82 -33.65 -0.68
CA TYR H 101 -33.27 -33.81 -0.57
C TYR H 101 -33.58 -35.28 -0.70
N PHE H 102 -34.34 -35.83 0.25
CA PHE H 102 -34.46 -37.25 0.35
C PHE H 102 -35.83 -37.75 -0.06
N GLY H 103 -35.86 -38.98 -0.57
CA GLY H 103 -37.11 -39.68 -0.83
C GLY H 103 -37.65 -40.30 0.46
N ALA H 104 -38.95 -40.53 0.48
CA ALA H 104 -39.61 -41.08 1.66
C ALA H 104 -39.04 -42.43 2.15
N GLY H 105 -38.63 -43.33 1.24
CA GLY H 105 -37.89 -44.57 1.60
C GLY H 105 -38.35 -45.84 0.90
N THR H 106 -37.55 -46.92 0.99
CA THR H 106 -37.83 -48.20 0.32
C THR H 106 -37.34 -49.33 1.21
N ARG H 107 -38.26 -50.18 1.69
CA ARG H 107 -37.93 -51.27 2.61
C ARG H 107 -37.86 -52.59 1.89
N LEU H 108 -36.75 -53.29 2.14
CA LEU H 108 -36.42 -54.49 1.44
C LEU H 108 -36.15 -55.56 2.47
N SER H 109 -36.98 -56.61 2.39
CA SER H 109 -36.74 -57.89 3.05
C SER H 109 -36.19 -58.90 2.05
N VAL H 110 -35.03 -59.44 2.36
CA VAL H 110 -34.46 -60.51 1.57
C VAL H 110 -34.46 -61.70 2.49
N LEU H 111 -35.03 -62.81 2.01
CA LEU H 111 -35.32 -63.96 2.85
C LEU H 111 -34.66 -65.17 2.27
N GLU H 112 -34.32 -66.14 3.12
CA GLU H 112 -33.80 -67.43 2.63
C GLU H 112 -34.79 -68.26 1.79
N ASP H 113 -36.03 -68.34 2.27
CA ASP H 113 -37.10 -69.00 1.51
C ASP H 113 -38.42 -68.25 1.67
N LEU H 114 -39.34 -68.45 0.73
CA LEU H 114 -40.72 -67.96 0.85
C LEU H 114 -41.56 -69.06 1.50
N ARG H 115 -41.12 -69.41 2.71
CA ARG H 115 -41.69 -70.47 3.49
C ARG H 115 -42.45 -69.89 4.68
N ASN H 116 -42.13 -68.65 5.06
CA ASN H 116 -42.67 -68.04 6.27
C ASN H 116 -43.44 -66.76 5.99
N VAL H 117 -43.73 -66.46 4.72
CA VAL H 117 -44.38 -65.21 4.36
C VAL H 117 -45.86 -65.39 4.61
N THR H 118 -46.36 -64.79 5.68
CA THR H 118 -47.76 -64.94 6.08
C THR H 118 -48.46 -63.60 5.99
N PRO H 119 -49.62 -63.56 5.36
CA PRO H 119 -50.40 -62.33 5.44
C PRO H 119 -50.84 -62.02 6.87
N PRO H 120 -51.46 -60.85 7.06
CA PRO H 120 -52.05 -60.57 8.35
C PRO H 120 -53.39 -61.31 8.47
N LYS H 121 -53.80 -61.56 9.70
CA LYS H 121 -55.15 -62.05 10.00
C LYS H 121 -55.75 -61.04 10.99
N VAL H 122 -56.72 -60.28 10.50
CA VAL H 122 -57.08 -59.02 11.13
C VAL H 122 -58.37 -59.10 11.94
N SER H 123 -58.26 -58.74 13.21
CA SER H 123 -59.33 -58.94 14.20
C SER H 123 -59.80 -57.58 14.69
N LEU H 124 -61.08 -57.28 14.51
CA LEU H 124 -61.63 -55.99 14.94
C LEU H 124 -62.59 -56.22 16.11
N PHE H 125 -62.35 -55.53 17.21
CA PHE H 125 -63.18 -55.67 18.40
C PHE H 125 -64.15 -54.51 18.52
N GLU H 126 -65.32 -54.83 19.06
CA GLU H 126 -66.37 -53.85 19.36
C GLU H 126 -65.97 -53.09 20.65
N PRO H 127 -66.31 -51.78 20.76
CA PRO H 127 -66.06 -51.00 21.99
C PRO H 127 -66.55 -51.72 23.25
N SER H 128 -65.73 -51.72 24.31
CA SER H 128 -66.14 -52.33 25.57
C SER H 128 -67.41 -51.61 26.05
N LYS H 129 -68.47 -52.37 26.34
CA LYS H 129 -69.65 -51.77 26.98
C LYS H 129 -69.30 -51.15 28.36
N ALA H 130 -68.46 -51.84 29.14
CA ALA H 130 -67.91 -51.33 30.42
C ALA H 130 -67.27 -49.92 30.37
N GLU H 131 -66.65 -49.58 29.23
CA GLU H 131 -66.10 -48.22 28.94
C GLU H 131 -67.18 -47.24 28.41
N ILE H 132 -68.23 -47.77 27.79
CA ILE H 132 -69.30 -46.97 27.17
C ILE H 132 -70.29 -46.44 28.20
N ALA H 133 -70.45 -47.21 29.28
CA ALA H 133 -71.36 -46.84 30.39
C ALA H 133 -70.80 -45.71 31.28
N ASN H 134 -69.67 -45.96 31.93
CA ASN H 134 -69.10 -44.95 32.84
C ASN H 134 -68.53 -43.74 32.11
N LYS H 135 -67.50 -43.97 31.29
CA LYS H 135 -66.75 -42.88 30.61
C LYS H 135 -67.45 -42.29 29.38
N GLN H 136 -68.58 -42.90 28.97
CA GLN H 136 -69.39 -42.41 27.90
C GLN H 136 -68.48 -42.31 26.70
N LYS H 137 -67.67 -43.35 26.50
CA LYS H 137 -66.72 -43.43 25.40
C LYS H 137 -66.66 -44.81 24.76
N ALA H 138 -66.50 -44.81 23.43
CA ALA H 138 -66.25 -46.00 22.62
C ALA H 138 -64.76 -46.02 22.21
N THR H 139 -64.08 -47.17 22.38
CA THR H 139 -62.72 -47.39 21.87
C THR H 139 -62.63 -48.78 21.18
N LEU H 140 -62.41 -48.74 19.85
CA LEU H 140 -62.42 -49.87 18.88
C LEU H 140 -60.98 -50.25 18.54
N VAL H 141 -60.57 -51.48 18.83
CA VAL H 141 -59.16 -51.88 18.76
C VAL H 141 -58.98 -52.85 17.60
N CYS H 142 -58.43 -52.32 16.50
CA CYS H 142 -58.10 -53.10 15.32
C CYS H 142 -56.68 -53.66 15.44
N LEU H 143 -56.51 -54.89 14.95
CA LEU H 143 -55.45 -55.75 15.42
C LEU H 143 -55.12 -56.82 14.39
N ALA H 144 -53.83 -56.93 14.06
CA ALA H 144 -53.37 -57.54 12.82
C ALA H 144 -52.27 -58.54 13.13
N ARG H 145 -52.56 -59.81 12.89
CA ARG H 145 -51.82 -60.89 13.50
C ARG H 145 -51.23 -61.84 12.47
N GLY H 146 -50.07 -62.35 12.89
CA GLY H 146 -49.53 -63.58 12.39
C GLY H 146 -48.72 -63.38 11.17
N PHE H 147 -48.28 -62.14 10.94
CA PHE H 147 -47.72 -61.78 9.65
C PHE H 147 -46.17 -61.73 9.60
N PHE H 148 -45.63 -61.83 8.37
CA PHE H 148 -44.18 -61.84 8.11
C PHE H 148 -43.86 -61.65 6.62
N PRO H 149 -42.85 -60.82 6.25
CA PRO H 149 -42.15 -59.85 7.12
C PRO H 149 -43.00 -58.61 7.43
N ASP H 150 -42.47 -57.62 8.14
CA ASP H 150 -43.33 -56.57 8.68
C ASP H 150 -43.61 -55.35 7.79
N HIS H 151 -44.04 -55.58 6.56
CA HIS H 151 -44.41 -54.49 5.64
C HIS H 151 -45.92 -54.21 5.71
N VAL H 152 -46.33 -53.30 6.60
CA VAL H 152 -47.75 -52.99 6.84
C VAL H 152 -48.07 -51.56 7.27
N GLU H 153 -48.80 -50.79 6.43
CA GLU H 153 -49.57 -49.61 6.94
C GLU H 153 -51.01 -50.07 7.30
N LEU H 154 -51.72 -49.29 8.11
CA LEU H 154 -53.09 -49.63 8.53
C LEU H 154 -53.93 -48.38 8.63
N SER H 155 -55.13 -48.40 8.07
CA SER H 155 -55.97 -47.21 7.95
C SER H 155 -57.43 -47.48 8.27
N TRP H 156 -58.07 -46.52 8.94
CA TRP H 156 -59.47 -46.66 9.31
C TRP H 156 -60.37 -45.82 8.41
N TRP H 157 -61.52 -46.38 8.03
CA TRP H 157 -62.45 -45.69 7.16
C TRP H 157 -63.82 -45.55 7.83
N VAL H 158 -64.01 -44.43 8.53
CA VAL H 158 -65.27 -44.17 9.23
C VAL H 158 -66.47 -44.50 8.35
N ASN H 159 -66.67 -43.68 7.31
CA ASN H 159 -67.79 -43.88 6.39
C ASN H 159 -67.32 -44.05 4.96
N GLY H 160 -66.01 -44.20 4.78
CA GLY H 160 -65.43 -44.37 3.46
C GLY H 160 -64.26 -43.45 3.21
N LYS H 161 -63.81 -42.77 4.26
CA LYS H 161 -62.69 -41.85 4.16
C LYS H 161 -61.65 -42.12 5.24
N GLU H 162 -60.40 -42.27 4.84
CA GLU H 162 -59.30 -42.53 5.78
C GLU H 162 -59.24 -41.41 6.80
N VAL H 163 -59.68 -41.72 8.02
CA VAL H 163 -59.54 -40.81 9.15
C VAL H 163 -58.15 -41.05 9.83
N HIS H 164 -57.45 -39.96 10.12
CA HIS H 164 -56.12 -39.96 10.82
C HIS H 164 -56.30 -39.40 12.25
N SER H 165 -57.22 -38.44 12.42
CA SER H 165 -57.75 -37.98 13.72
C SER H 165 -58.52 -39.08 14.43
N GLY H 166 -58.37 -39.13 15.75
CA GLY H 166 -58.99 -40.16 16.60
C GLY H 166 -58.12 -41.38 16.85
N VAL H 167 -57.12 -41.61 16.01
CA VAL H 167 -56.45 -42.92 15.89
C VAL H 167 -55.35 -43.05 16.96
N CYS H 168 -54.80 -44.25 17.13
CA CYS H 168 -53.57 -44.47 17.91
C CYS H 168 -52.85 -45.76 17.44
N THR H 169 -52.36 -45.75 16.18
CA THR H 169 -51.48 -46.83 15.67
C THR H 169 -50.14 -46.75 16.38
N ASP H 170 -49.61 -47.90 16.78
CA ASP H 170 -48.36 -47.98 17.55
C ASP H 170 -47.19 -47.48 16.68
N PRO H 171 -45.99 -47.37 17.25
CA PRO H 171 -44.91 -46.79 16.43
C PRO H 171 -44.46 -47.71 15.28
N GLN H 172 -44.19 -48.97 15.57
CA GLN H 172 -43.83 -49.98 14.55
C GLN H 172 -44.13 -51.36 15.16
N ALA H 173 -44.22 -52.39 14.32
CA ALA H 173 -44.46 -53.76 14.77
C ALA H 173 -43.71 -54.26 16.05
N TYR H 174 -44.52 -54.50 17.10
CA TYR H 174 -44.26 -55.42 18.22
C TYR H 174 -43.81 -56.77 17.61
N LYS H 175 -42.83 -57.42 18.23
CA LYS H 175 -42.41 -58.76 17.79
C LYS H 175 -43.07 -59.77 18.72
N GLU H 176 -43.85 -60.71 18.18
CA GLU H 176 -44.59 -61.65 19.05
C GLU H 176 -43.79 -62.96 19.32
N SER H 177 -43.03 -63.43 18.32
CA SER H 177 -42.12 -64.59 18.44
C SER H 177 -40.97 -64.35 17.44
N ASN H 178 -40.04 -65.30 17.27
CA ASN H 178 -38.92 -65.12 16.28
C ASN H 178 -39.44 -64.68 14.90
N TYR H 179 -40.55 -65.31 14.50
CA TYR H 179 -41.12 -65.18 13.17
C TYR H 179 -42.45 -64.45 13.06
N SER H 180 -43.07 -64.13 14.18
CA SER H 180 -44.34 -63.40 14.14
C SER H 180 -44.08 -61.92 14.25
N TYR H 181 -45.17 -61.17 14.13
CA TYR H 181 -45.18 -59.75 14.28
C TYR H 181 -46.64 -59.36 14.60
N SER H 182 -46.85 -58.50 15.59
CA SER H 182 -48.18 -57.91 15.88
C SER H 182 -48.26 -56.39 15.58
N LEU H 183 -49.45 -55.90 15.17
CA LEU H 183 -49.72 -54.45 15.10
C LEU H 183 -51.14 -54.11 15.49
N SER H 184 -51.27 -53.45 16.66
CA SER H 184 -52.54 -52.95 17.17
C SER H 184 -52.54 -51.42 17.11
N SER H 185 -53.66 -50.86 16.64
CA SER H 185 -53.97 -49.44 16.68
C SER H 185 -55.39 -49.31 17.26
N ARG H 186 -55.68 -48.28 18.07
CA ARG H 186 -57.06 -48.08 18.64
C ARG H 186 -57.72 -46.77 18.19
N LEU H 187 -59.02 -46.83 17.87
CA LEU H 187 -59.81 -45.66 17.42
C LEU H 187 -60.92 -45.34 18.41
N ARG H 188 -60.97 -44.10 18.89
CA ARG H 188 -61.95 -43.66 19.91
C ARG H 188 -62.81 -42.52 19.38
N VAL H 189 -64.08 -42.80 19.07
CA VAL H 189 -65.07 -41.73 19.00
C VAL H 189 -66.00 -42.01 20.17
N SER H 190 -66.72 -40.98 20.60
CA SER H 190 -67.64 -41.02 21.77
C SER H 190 -68.78 -42.06 21.70
N ALA H 191 -69.53 -42.19 22.80
CA ALA H 191 -70.71 -43.08 22.83
C ALA H 191 -71.92 -42.59 21.94
N THR H 192 -72.13 -41.27 21.86
CA THR H 192 -73.19 -40.71 21.00
C THR H 192 -72.98 -41.00 19.49
N PHE H 193 -71.72 -41.17 19.05
CA PHE H 193 -71.38 -41.56 17.66
C PHE H 193 -71.48 -43.08 17.39
N TRP H 194 -71.04 -43.93 18.33
CA TRP H 194 -71.14 -45.44 18.20
C TRP H 194 -72.58 -45.93 18.04
N HIS H 195 -73.52 -45.28 18.74
CA HIS H 195 -74.90 -45.75 18.82
C HIS H 195 -75.73 -45.34 17.61
N ASN H 196 -75.46 -46.01 16.47
CA ASN H 196 -76.08 -45.69 15.18
C ASN H 196 -76.03 -46.88 14.23
N PRO H 197 -77.21 -47.40 13.78
CA PRO H 197 -77.16 -48.52 12.84
C PRO H 197 -76.42 -48.19 11.54
N ARG H 198 -76.43 -46.91 11.12
CA ARG H 198 -75.83 -46.43 9.85
C ARG H 198 -74.31 -46.02 9.92
N ASN H 199 -73.79 -45.69 11.12
CA ASN H 199 -72.36 -45.41 11.28
C ASN H 199 -71.49 -46.66 11.14
N HIS H 200 -70.90 -46.80 9.94
CA HIS H 200 -69.94 -47.84 9.62
C HIS H 200 -68.45 -47.48 9.94
N PHE H 201 -67.66 -48.50 10.26
CA PHE H 201 -66.25 -48.37 10.57
C PHE H 201 -65.53 -49.41 9.77
N ARG H 202 -64.26 -49.22 9.58
CA ARG H 202 -63.48 -50.23 8.94
C ARG H 202 -62.12 -50.25 9.56
N CYS H 203 -61.34 -51.15 9.02
CA CYS H 203 -59.97 -51.21 9.31
C CYS H 203 -59.32 -51.96 8.13
N GLN H 204 -58.31 -51.34 7.51
CA GLN H 204 -57.68 -51.85 6.29
C GLN H 204 -56.19 -51.99 6.49
N VAL H 205 -55.72 -53.22 6.75
CA VAL H 205 -54.27 -53.50 6.85
C VAL H 205 -53.68 -53.77 5.47
N GLN H 206 -52.78 -52.88 5.03
CA GLN H 206 -52.00 -53.09 3.81
C GLN H 206 -50.76 -53.90 4.16
N PHE H 207 -50.53 -54.98 3.44
CA PHE H 207 -49.41 -55.86 3.67
C PHE H 207 -48.74 -55.91 2.35
N HIS H 208 -47.42 -55.72 2.35
CA HIS H 208 -46.64 -55.92 1.14
C HIS H 208 -46.05 -57.33 1.20
N GLY H 209 -46.25 -58.07 0.11
CA GLY H 209 -45.98 -59.51 0.00
C GLY H 209 -45.17 -59.81 -1.24
N LEU H 210 -45.77 -60.52 -2.20
CA LEU H 210 -45.06 -61.04 -3.39
C LEU H 210 -45.73 -60.58 -4.68
N SER H 211 -44.92 -60.16 -5.67
CA SER H 211 -45.46 -59.74 -6.99
C SER H 211 -45.56 -60.96 -7.92
N GLU H 212 -46.34 -60.84 -9.01
CA GLU H 212 -46.52 -61.92 -10.02
C GLU H 212 -45.19 -62.63 -10.31
N GLU H 213 -44.13 -61.84 -10.38
CA GLU H 213 -42.79 -62.30 -10.73
C GLU H 213 -42.01 -63.02 -9.60
N ASP H 214 -42.39 -62.78 -8.35
CA ASP H 214 -42.04 -63.70 -7.23
C ASP H 214 -43.03 -64.87 -7.40
N LYS H 215 -42.53 -66.09 -7.57
CA LYS H 215 -43.44 -67.23 -7.74
C LYS H 215 -43.39 -68.23 -6.61
N TRP H 216 -44.50 -68.95 -6.54
CA TRP H 216 -44.97 -69.71 -5.39
C TRP H 216 -45.25 -71.16 -5.83
N PRO H 217 -45.04 -72.16 -4.94
CA PRO H 217 -45.23 -73.60 -5.25
C PRO H 217 -46.59 -74.04 -5.85
N GLU H 218 -46.82 -75.36 -5.91
CA GLU H 218 -48.10 -75.95 -6.33
C GLU H 218 -49.02 -76.32 -5.13
N GLY H 219 -48.65 -75.88 -3.92
CA GLY H 219 -49.36 -76.21 -2.69
C GLY H 219 -50.75 -75.61 -2.64
N SER H 220 -50.83 -74.28 -2.51
CA SER H 220 -52.07 -73.59 -2.13
C SER H 220 -51.87 -72.04 -2.35
N PRO H 221 -52.72 -71.14 -1.75
CA PRO H 221 -52.79 -69.75 -2.27
C PRO H 221 -51.62 -68.85 -1.91
N LYS H 222 -51.55 -67.68 -2.53
CA LYS H 222 -50.38 -66.83 -2.38
C LYS H 222 -50.50 -65.72 -1.32
N PRO H 223 -49.43 -65.52 -0.50
CA PRO H 223 -49.26 -64.52 0.59
C PRO H 223 -48.87 -63.11 0.10
N VAL H 224 -49.65 -62.65 -0.85
CA VAL H 224 -49.29 -61.52 -1.69
C VAL H 224 -49.49 -60.17 -1.01
N THR H 225 -49.13 -59.15 -1.78
CA THR H 225 -49.49 -57.78 -1.51
C THR H 225 -51.03 -57.57 -1.77
N GLN H 226 -51.80 -57.29 -0.70
CA GLN H 226 -53.30 -57.28 -0.77
C GLN H 226 -53.97 -56.44 0.34
N ASN H 227 -55.25 -56.13 0.19
CA ASN H 227 -56.05 -55.45 1.24
C ASN H 227 -56.81 -56.43 2.09
N ILE H 228 -56.78 -56.22 3.42
CA ILE H 228 -57.32 -57.16 4.39
C ILE H 228 -58.05 -56.41 5.51
N SER H 229 -59.35 -56.67 5.67
CA SER H 229 -60.22 -55.74 6.42
C SER H 229 -61.04 -56.32 7.61
N ALA H 230 -61.74 -55.42 8.26
CA ALA H 230 -62.58 -55.75 9.39
C ALA H 230 -63.56 -54.57 9.61
N GLU H 231 -64.86 -54.81 9.41
CA GLU H 231 -65.88 -53.74 9.22
C GLU H 231 -67.14 -53.91 10.06
N ALA H 232 -67.29 -53.04 11.04
CA ALA H 232 -68.44 -52.99 11.91
C ALA H 232 -69.46 -51.93 11.46
N TRP H 233 -70.69 -52.04 11.98
CA TRP H 233 -71.66 -50.94 11.96
C TRP H 233 -71.96 -50.70 13.42
N GLY H 234 -72.41 -49.50 13.78
CA GLY H 234 -72.88 -49.27 15.14
C GLY H 234 -74.20 -50.02 15.38
N ARG H 235 -74.77 -49.80 16.57
CA ARG H 235 -76.08 -50.34 16.90
C ARG H 235 -76.74 -49.58 18.04
N ALA H 236 -78.05 -49.35 17.92
CA ALA H 236 -78.93 -49.05 19.06
C ALA H 236 -80.40 -49.38 18.71
N ASP H 237 -80.92 -50.50 19.26
CA ASP H 237 -82.19 -51.10 18.83
C ASP H 237 -83.03 -51.59 20.04
N LYS I 1 19.97 13.49 4.80
CA LYS I 1 20.74 14.69 5.30
C LYS I 1 19.78 15.89 5.35
N ALA I 2 19.93 16.77 6.31
CA ALA I 2 18.86 17.72 6.58
C ALA I 2 18.44 18.67 5.44
N VAL I 3 17.14 18.96 5.38
CA VAL I 3 16.63 20.00 4.48
C VAL I 3 17.30 21.35 4.77
N TYR I 4 17.84 21.97 3.72
CA TYR I 4 18.25 23.38 3.74
C TYR I 4 17.18 24.19 3.01
N ASN I 5 16.85 25.35 3.53
CA ASN I 5 15.73 26.19 3.02
C ASN I 5 16.40 27.31 2.35
N PHE I 6 15.60 27.94 1.46
CA PHE I 6 16.08 28.99 0.57
C PHE I 6 15.52 30.33 1.00
N ALA I 7 14.43 30.77 0.37
CA ALA I 7 13.97 32.13 0.60
C ALA I 7 13.08 32.13 1.81
N THR I 8 13.35 33.10 2.68
CA THR I 8 12.54 33.42 3.87
C THR I 8 11.08 33.60 3.43
N MET I 9 10.14 33.57 4.38
CA MET I 9 8.70 33.61 4.03
C MET I 9 8.21 34.99 3.54
N LYS J 1 -5.00 -22.84 0.05
CA LYS J 1 -5.68 -24.09 -0.42
C LYS J 1 -6.93 -23.65 -1.20
N ALA J 2 -7.26 -24.37 -2.26
CA ALA J 2 -8.22 -23.88 -3.26
C ALA J 2 -9.62 -23.50 -2.79
N VAL J 3 -10.12 -22.43 -3.38
CA VAL J 3 -11.54 -22.06 -3.18
C VAL J 3 -12.47 -23.20 -3.56
N TYR J 4 -13.36 -23.55 -2.62
CA TYR J 4 -14.52 -24.40 -2.91
C TYR J 4 -15.73 -23.48 -3.07
N ASN J 5 -16.59 -23.82 -4.00
CA ASN J 5 -17.77 -23.02 -4.29
C ASN J 5 -18.93 -23.70 -3.64
N PHE J 6 -20.05 -22.98 -3.55
CA PHE J 6 -21.23 -23.55 -2.98
C PHE J 6 -22.30 -23.61 -4.01
N ALA J 7 -23.22 -22.67 -4.06
CA ALA J 7 -24.40 -22.86 -4.87
C ALA J 7 -24.05 -22.51 -6.32
N THR J 8 -24.44 -23.40 -7.26
CA THR J 8 -24.40 -23.16 -8.72
C THR J 8 -25.05 -21.82 -9.09
N MET J 9 -24.80 -21.32 -10.28
CA MET J 9 -25.30 -20.00 -10.64
C MET J 9 -26.82 -19.94 -10.87
#